data_4CNT
#
_entry.id   4CNT
#
_cell.length_a   86.370
_cell.length_b   157.650
_cell.length_c   86.380
_cell.angle_alpha   90.00
_cell.angle_beta   113.03
_cell.angle_gamma   90.00
#
_symmetry.space_group_name_H-M   'P 1 21 1'
#
loop_
_entity.id
_entity.type
_entity.pdbx_description
1 polymer 'DIHYDROPYRIMIDINASE-LIKE 3'
2 non-polymer 1,2-ETHANEDIOL
3 non-polymer 'SODIUM ION'
4 water water
#
_entity_poly.entity_id   1
_entity_poly.type   'polypeptide(L)'
_entity_poly.pdbx_seq_one_letter_code
;MSYQGKKNIPRITSDRLLIKGGRIVNDDQSFYADIYMEDGLIKQIGDNLIVPGGVKTIEANGKMVIPGGIDVHTHYQMPY
KGMTTVDDFFQGTKAALAGGTTMIIDHVVPEPESSLTEAYEKWREWADGKSCCDYALHVDITHWNDSVKQEVQNLIKDKG
VNSFMVYMAYKDLYQVSNTELYEIFTCLGELGAIAQVHAENGDIIAQEQTRMLEMGITGPEGHVLSRPEELEAEAVFRAI
TIASQTNCPLYVTKVMSKSAADLISQARKKGNVVFGEPITASLGIDGTHYWSKNWAKAAAFVTSPPLSPDPTTPDYINSL
LASGDLQLSGSAHCTFSTAQKAIGKDNFTAIPEGTNGVEERMSVIWDKAVATGKMDENQFVAVTSTNAAKIFNLYPRKGR
ISVGSDSDLVIWDPDAVKIVSAKNHQSAAEYNIFEGMELRGAPLVVICQGKIMLEDGNLHVTQGAGRFIPCSPFSDYVYK
RIKARRKMADLHAVPRGMYDGPVFDLTTTPKGGTPAGSARGSPTRPNPPVRNLHQSGFSLSGTQVDEGVRSASKRIVAPP
GGRSNITSLS
;
_entity_poly.pdbx_strand_id   A,B,C,D
#
loop_
_chem_comp.id
_chem_comp.type
_chem_comp.name
_chem_comp.formula
EDO non-polymer 1,2-ETHANEDIOL 'C2 H6 O2'
NA non-polymer 'SODIUM ION' 'Na 1'
#
# COMPACT_ATOMS: atom_id res chain seq x y z
N ILE A 12 27.05 -43.74 10.37
CA ILE A 12 26.01 -42.91 11.05
C ILE A 12 25.74 -43.32 12.50
N THR A 13 26.62 -44.15 13.06
CA THR A 13 26.39 -44.80 14.34
C THR A 13 26.33 -43.82 15.52
N SER A 14 25.36 -44.06 16.38
CA SER A 14 25.29 -43.35 17.65
C SER A 14 24.72 -44.36 18.63
N ASP A 15 24.78 -44.02 19.90
CA ASP A 15 24.09 -44.81 20.89
C ASP A 15 22.59 -44.60 20.66
N ARG A 16 21.81 -45.56 21.10
CA ARG A 16 20.36 -45.40 21.09
C ARG A 16 20.08 -44.38 22.21
N LEU A 17 19.03 -43.58 22.07
CA LEU A 17 18.76 -42.55 23.10
C LEU A 17 17.26 -42.39 23.28
N LEU A 18 16.84 -42.13 24.51
CA LEU A 18 15.42 -42.02 24.78
C LEU A 18 15.12 -40.77 25.57
N ILE A 19 14.16 -40.00 25.07
CA ILE A 19 13.75 -38.76 25.70
C ILE A 19 12.30 -38.92 26.09
N LYS A 20 12.04 -38.86 27.40
CA LYS A 20 10.72 -39.08 27.92
C LYS A 20 10.02 -37.84 28.40
N GLY A 21 8.70 -37.85 28.26
CA GLY A 21 7.82 -36.83 28.83
C GLY A 21 7.92 -35.49 28.14
N GLY A 22 8.50 -35.50 26.96
CA GLY A 22 8.71 -34.30 26.20
C GLY A 22 7.44 -33.84 25.53
N ARG A 23 7.39 -32.54 25.26
CA ARG A 23 6.33 -31.99 24.46
C ARG A 23 6.89 -31.60 23.13
N ILE A 24 6.37 -32.22 22.10
CA ILE A 24 7.01 -32.15 20.82
C ILE A 24 6.41 -31.04 20.00
N VAL A 25 7.25 -30.16 19.48
CA VAL A 25 6.77 -29.04 18.75
C VAL A 25 7.33 -29.04 17.33
N ASN A 26 6.43 -29.14 16.37
CA ASN A 26 6.78 -29.16 15.00
C ASN A 26 6.08 -27.98 14.46
N ASP A 27 6.30 -27.71 13.18
CA ASP A 27 5.71 -26.54 12.58
C ASP A 27 4.19 -26.68 12.38
N ASP A 28 3.71 -27.91 12.28
CA ASP A 28 2.32 -28.14 12.00
C ASP A 28 1.47 -28.47 13.23
N GLN A 29 2.08 -28.95 14.31
CA GLN A 29 1.33 -29.17 15.59
C GLN A 29 2.25 -29.46 16.77
N SER A 30 1.70 -29.38 17.98
CA SER A 30 2.41 -29.81 19.19
C SER A 30 1.72 -31.03 19.81
N PHE A 31 2.46 -31.90 20.49
CA PHE A 31 1.86 -33.07 21.14
C PHE A 31 2.82 -33.77 22.09
N TYR A 32 2.25 -34.48 23.08
CA TYR A 32 3.07 -35.22 24.03
C TYR A 32 3.37 -36.63 23.60
N ALA A 33 4.64 -37.01 23.72
CA ALA A 33 5.08 -38.35 23.35
C ALA A 33 6.53 -38.51 23.74
N ASP A 34 6.98 -39.75 23.80
CA ASP A 34 8.37 -40.05 24.06
C ASP A 34 9.06 -40.23 22.70
N ILE A 35 10.36 -40.01 22.62
CA ILE A 35 11.13 -40.19 21.38
C ILE A 35 12.29 -41.13 21.59
N TYR A 36 12.41 -42.14 20.72
CA TYR A 36 13.54 -43.05 20.82
C TYR A 36 14.44 -42.90 19.59
N MET A 37 15.76 -42.94 19.78
CA MET A 37 16.74 -42.72 18.69
C MET A 37 17.86 -43.75 18.66
N GLU A 38 18.36 -44.00 17.46
CA GLU A 38 19.43 -44.97 17.29
C GLU A 38 20.12 -44.69 15.99
N ASP A 39 21.43 -44.59 16.01
CA ASP A 39 22.20 -44.49 14.75
C ASP A 39 21.84 -43.33 13.84
N GLY A 40 21.56 -42.21 14.49
CA GLY A 40 21.36 -40.95 13.85
C GLY A 40 19.96 -40.68 13.37
N LEU A 41 19.05 -41.61 13.59
CA LEU A 41 17.69 -41.49 13.11
C LEU A 41 16.73 -41.61 14.24
N ILE A 42 15.61 -40.94 14.12
CA ILE A 42 14.53 -41.11 15.03
C ILE A 42 13.87 -42.41 14.64
N LYS A 43 13.73 -43.29 15.61
CA LYS A 43 13.15 -44.60 15.39
C LYS A 43 11.70 -44.75 15.81
N GLN A 44 11.28 -44.09 16.89
CA GLN A 44 9.94 -44.27 17.40
C GLN A 44 9.41 -43.03 18.08
N ILE A 45 8.11 -42.78 17.95
CA ILE A 45 7.48 -41.71 18.69
C ILE A 45 6.15 -42.18 19.21
N GLY A 46 5.92 -41.99 20.49
CA GLY A 46 4.63 -42.29 21.11
C GLY A 46 4.80 -42.60 22.59
N ASP A 47 3.82 -43.30 23.14
CA ASP A 47 3.89 -43.72 24.56
C ASP A 47 4.26 -45.19 24.70
N ASN A 48 4.86 -45.50 25.85
CA ASN A 48 5.13 -46.90 26.26
C ASN A 48 5.97 -47.58 25.20
N LEU A 49 7.07 -46.93 24.83
CA LEU A 49 7.91 -47.40 23.75
C LEU A 49 8.81 -48.56 24.21
N ILE A 50 9.23 -49.48 23.34
CA ILE A 50 10.05 -50.63 23.74
C ILE A 50 11.51 -50.44 23.32
N VAL A 51 12.45 -50.77 24.21
CA VAL A 51 13.83 -50.33 24.06
C VAL A 51 14.89 -51.34 24.52
N PRO A 52 16.15 -51.27 23.98
CA PRO A 52 17.20 -52.10 24.59
C PRO A 52 17.53 -51.68 26.00
N GLY A 53 18.09 -52.59 26.78
CA GLY A 53 18.49 -52.28 28.17
C GLY A 53 19.70 -51.35 28.28
N GLY A 54 19.80 -50.67 29.40
CA GLY A 54 20.89 -49.73 29.63
C GLY A 54 20.96 -48.60 28.60
N VAL A 55 19.83 -48.25 27.98
CA VAL A 55 19.78 -47.12 27.08
C VAL A 55 19.69 -45.85 27.90
N LYS A 56 20.41 -44.85 27.44
CA LYS A 56 20.50 -43.58 28.15
C LYS A 56 19.16 -42.90 28.11
N THR A 57 18.70 -42.32 29.22
CA THR A 57 17.38 -41.69 29.21
C THR A 57 17.40 -40.25 29.70
N ILE A 58 16.71 -39.38 28.97
CA ILE A 58 16.55 -38.02 29.43
C ILE A 58 15.12 -37.72 29.79
N GLU A 59 14.95 -37.06 30.93
CA GLU A 59 13.63 -36.76 31.42
C GLU A 59 13.32 -35.35 31.04
N ALA A 60 12.35 -35.19 30.15
CA ALA A 60 12.01 -33.87 29.64
C ALA A 60 11.05 -33.12 30.56
N ASN A 61 10.18 -33.83 31.27
CA ASN A 61 9.22 -33.18 32.17
C ASN A 61 8.33 -32.14 31.53
N GLY A 62 7.90 -32.39 30.30
CA GLY A 62 6.94 -31.54 29.64
C GLY A 62 7.55 -30.30 29.04
N LYS A 63 8.88 -30.20 29.06
CA LYS A 63 9.58 -29.14 28.35
C LYS A 63 9.50 -29.44 26.88
N MET A 64 9.66 -28.40 26.06
CA MET A 64 9.56 -28.52 24.60
C MET A 64 10.71 -29.28 23.98
N VAL A 65 10.42 -30.05 22.93
CA VAL A 65 11.40 -30.69 22.12
C VAL A 65 11.11 -30.25 20.69
N ILE A 66 12.11 -29.66 20.04
CA ILE A 66 11.92 -29.08 18.70
C ILE A 66 12.97 -29.61 17.72
N PRO A 67 12.74 -29.42 16.41
CA PRO A 67 13.80 -29.75 15.49
C PRO A 67 14.89 -28.75 15.68
N GLY A 68 16.11 -29.17 15.43
CA GLY A 68 17.25 -28.34 15.67
C GLY A 68 17.24 -27.28 14.58
N GLY A 69 17.86 -26.16 14.90
CA GLY A 69 17.87 -25.03 14.01
C GLY A 69 18.69 -25.36 12.80
N ILE A 70 18.35 -24.74 11.69
CA ILE A 70 19.17 -24.79 10.47
C ILE A 70 19.48 -23.35 10.12
N ASP A 71 20.73 -22.96 10.30
CA ASP A 71 21.16 -21.65 9.99
C ASP A 71 21.67 -21.63 8.54
N VAL A 72 20.89 -20.99 7.68
CA VAL A 72 21.08 -21.09 6.27
C VAL A 72 22.13 -20.18 5.78
N HIS A 73 22.81 -19.47 6.66
CA HIS A 73 23.80 -18.50 6.18
C HIS A 73 24.97 -18.39 7.14
N THR A 74 26.12 -18.91 6.77
CA THR A 74 27.30 -18.67 7.57
C THR A 74 28.49 -18.30 6.70
N HIS A 75 29.53 -17.69 7.31
CA HIS A 75 30.87 -17.57 6.69
C HIS A 75 31.98 -18.00 7.69
N TYR A 76 32.11 -19.28 7.94
CA TYR A 76 33.15 -19.77 8.81
C TYR A 76 34.49 -19.80 8.08
N GLN A 77 35.51 -19.33 8.78
CA GLN A 77 36.88 -19.28 8.28
C GLN A 77 36.92 -18.86 6.80
N MET A 78 36.29 -17.74 6.51
CA MET A 78 36.16 -17.22 5.17
C MET A 78 37.39 -16.41 4.83
N PRO A 79 38.04 -16.70 3.71
CA PRO A 79 39.19 -15.92 3.28
C PRO A 79 38.89 -14.45 3.12
N TYR A 80 39.79 -13.63 3.63
CA TYR A 80 39.75 -12.20 3.35
C TYR A 80 41.17 -11.67 3.44
N LYS A 81 41.72 -11.21 2.32
CA LYS A 81 43.05 -10.62 2.29
C LYS A 81 44.14 -11.47 2.98
N GLY A 82 44.14 -12.76 2.69
CA GLY A 82 45.19 -13.65 3.17
C GLY A 82 45.06 -13.97 4.65
N MET A 83 43.93 -13.57 5.24
CA MET A 83 43.62 -13.82 6.62
C MET A 83 42.28 -14.53 6.60
N THR A 84 41.77 -14.90 7.76
CA THR A 84 40.49 -15.62 7.82
C THR A 84 39.61 -15.07 8.90
N THR A 85 38.30 -15.24 8.77
CA THR A 85 37.41 -14.85 9.83
C THR A 85 37.81 -15.69 11.04
N VAL A 86 37.58 -15.19 12.24
CA VAL A 86 38.16 -15.84 13.43
C VAL A 86 37.47 -17.11 13.95
N ASP A 87 36.23 -17.32 13.56
CA ASP A 87 35.49 -18.50 13.93
C ASP A 87 35.54 -19.44 12.75
N ASP A 88 36.26 -20.56 12.90
CA ASP A 88 36.44 -21.50 11.84
C ASP A 88 35.30 -22.52 11.89
N PHE A 89 35.35 -23.51 11.03
CA PHE A 89 34.28 -24.47 10.99
C PHE A 89 34.12 -25.22 12.27
N PHE A 90 35.15 -25.27 13.08
CA PHE A 90 34.99 -26.04 14.27
C PHE A 90 34.37 -25.19 15.34
N GLN A 91 35.02 -24.08 15.59
CA GLN A 91 34.59 -23.24 16.68
C GLN A 91 33.29 -22.51 16.37
N GLY A 92 33.04 -22.27 15.09
CA GLY A 92 31.81 -21.65 14.65
C GLY A 92 30.61 -22.55 14.82
N THR A 93 30.79 -23.84 14.57
CA THR A 93 29.72 -24.78 14.76
C THR A 93 29.54 -25.16 16.20
N LYS A 94 30.53 -24.89 17.02
CA LYS A 94 30.32 -25.04 18.44
C LYS A 94 29.36 -23.96 18.89
N ALA A 95 29.54 -22.79 18.28
CA ALA A 95 28.71 -21.65 18.58
C ALA A 95 27.27 -21.86 18.06
N ALA A 96 27.12 -22.54 16.94
CA ALA A 96 25.81 -22.97 16.46
C ALA A 96 25.10 -23.86 17.47
N LEU A 97 25.75 -24.99 17.80
CA LEU A 97 25.16 -25.98 18.72
C LEU A 97 24.86 -25.38 20.10
N ALA A 98 25.74 -24.52 20.59
CA ALA A 98 25.48 -23.82 21.85
C ALA A 98 24.14 -23.07 21.88
N GLY A 99 23.70 -22.54 20.75
CA GLY A 99 22.45 -21.80 20.72
C GLY A 99 21.29 -22.58 20.17
N GLY A 100 21.45 -23.87 19.91
CA GLY A 100 20.35 -24.70 19.44
C GLY A 100 20.31 -25.00 17.96
N THR A 101 21.36 -24.61 17.23
CA THR A 101 21.37 -24.85 15.83
C THR A 101 22.17 -26.11 15.56
N THR A 102 21.59 -27.05 14.83
CA THR A 102 22.25 -28.33 14.53
C THR A 102 22.62 -28.50 13.07
N MET A 103 22.40 -27.48 12.23
CA MET A 103 22.95 -27.52 10.88
C MET A 103 23.26 -26.15 10.33
N ILE A 104 24.28 -26.05 9.49
CA ILE A 104 24.63 -24.75 8.91
C ILE A 104 24.73 -24.87 7.41
N ILE A 105 24.50 -23.78 6.69
CA ILE A 105 24.80 -23.76 5.25
C ILE A 105 25.73 -22.61 4.92
N ASP A 106 26.97 -22.91 4.52
CA ASP A 106 28.02 -21.92 4.31
C ASP A 106 28.20 -21.47 2.83
N HIS A 107 28.87 -20.34 2.64
CA HIS A 107 29.06 -19.82 1.32
C HIS A 107 30.48 -20.03 0.80
N VAL A 108 30.55 -20.83 -0.25
CA VAL A 108 31.82 -20.99 -0.97
C VAL A 108 32.04 -19.72 -1.74
N VAL A 109 33.24 -19.15 -1.61
CA VAL A 109 33.51 -17.88 -2.28
C VAL A 109 34.74 -18.01 -3.16
N PRO A 110 34.53 -18.24 -4.47
CA PRO A 110 35.69 -18.32 -5.34
C PRO A 110 36.26 -16.96 -5.64
N GLU A 111 37.56 -16.91 -5.80
CA GLU A 111 38.20 -15.71 -6.18
C GLU A 111 37.82 -15.43 -7.62
N PRO A 112 37.58 -14.18 -7.98
CA PRO A 112 37.15 -13.99 -9.36
C PRO A 112 38.23 -14.52 -10.28
N GLU A 113 37.78 -15.33 -11.23
CA GLU A 113 38.64 -16.00 -12.24
C GLU A 113 39.19 -17.31 -11.70
N SER A 114 38.90 -17.58 -10.44
CA SER A 114 39.22 -18.86 -9.86
C SER A 114 38.11 -19.84 -10.22
N SER A 115 38.36 -21.12 -10.02
CA SER A 115 37.40 -22.10 -10.40
C SER A 115 36.41 -22.25 -9.31
N LEU A 116 35.15 -22.43 -9.70
CA LEU A 116 34.08 -22.70 -8.72
C LEU A 116 34.27 -24.05 -8.06
N THR A 117 34.57 -25.05 -8.89
CA THR A 117 34.69 -26.40 -8.39
C THR A 117 35.87 -26.53 -7.47
N GLU A 118 36.98 -25.90 -7.84
CA GLU A 118 38.16 -25.90 -6.98
C GLU A 118 37.91 -25.30 -5.62
N ALA A 119 37.15 -24.21 -5.61
CA ALA A 119 36.77 -23.57 -4.35
C ALA A 119 35.86 -24.48 -3.51
N TYR A 120 34.95 -25.17 -4.17
CA TYR A 120 34.06 -26.09 -3.51
C TYR A 120 34.84 -27.25 -2.87
N GLU A 121 35.83 -27.80 -3.60
CA GLU A 121 36.67 -28.90 -3.07
C GLU A 121 37.38 -28.45 -1.82
N LYS A 122 37.85 -27.24 -1.92
CA LYS A 122 38.60 -26.64 -0.84
C LYS A 122 37.74 -26.37 0.39
N TRP A 123 36.53 -25.93 0.17
CA TRP A 123 35.57 -25.70 1.27
C TRP A 123 35.14 -27.02 1.91
N ARG A 124 34.97 -28.05 1.09
CA ARG A 124 34.59 -29.34 1.60
C ARG A 124 35.65 -29.88 2.50
N GLU A 125 36.90 -29.70 2.09
CA GLU A 125 38.00 -30.20 2.90
C GLU A 125 37.99 -29.51 4.25
N TRP A 126 37.79 -28.19 4.26
CA TRP A 126 37.80 -27.43 5.53
C TRP A 126 36.68 -27.88 6.43
N ALA A 127 35.50 -28.09 5.85
CA ALA A 127 34.29 -28.40 6.62
C ALA A 127 34.22 -29.83 7.04
N ASP A 128 34.57 -30.74 6.14
CA ASP A 128 34.56 -32.17 6.45
C ASP A 128 35.46 -32.40 7.63
N GLY A 129 36.61 -31.72 7.62
CA GLY A 129 37.64 -31.88 8.62
C GLY A 129 37.37 -31.27 9.99
N LYS A 130 36.60 -30.18 10.07
CA LYS A 130 36.40 -29.47 11.35
C LYS A 130 34.95 -29.41 11.95
N SER A 131 33.92 -29.45 11.10
CA SER A 131 32.55 -29.19 11.51
C SER A 131 32.00 -30.19 12.52
N CYS A 132 31.47 -29.67 13.61
CA CYS A 132 30.80 -30.45 14.59
C CYS A 132 29.50 -31.09 14.19
N CYS A 133 28.82 -30.54 13.17
CA CYS A 133 27.42 -30.88 12.82
C CYS A 133 27.23 -30.89 11.34
N ASP A 134 26.07 -31.38 10.90
CA ASP A 134 25.86 -31.53 9.47
C ASP A 134 25.81 -30.17 8.83
N TYR A 135 26.10 -30.14 7.55
CA TYR A 135 26.19 -28.89 6.85
C TYR A 135 25.95 -29.09 5.38
N ALA A 136 25.73 -27.97 4.69
CA ALA A 136 25.67 -27.94 3.23
C ALA A 136 26.21 -26.58 2.82
N LEU A 137 26.27 -26.36 1.50
CA LEU A 137 27.04 -25.26 0.94
C LEU A 137 26.31 -24.55 -0.17
N HIS A 138 26.33 -23.21 -0.11
CA HIS A 138 25.90 -22.37 -1.22
C HIS A 138 27.14 -22.11 -2.00
N VAL A 139 27.03 -21.87 -3.32
CA VAL A 139 28.22 -21.51 -4.06
C VAL A 139 28.06 -20.15 -4.64
N ASP A 140 28.97 -19.24 -4.33
CA ASP A 140 28.84 -17.83 -4.82
C ASP A 140 29.40 -17.66 -6.22
N ILE A 141 28.62 -17.07 -7.10
CA ILE A 141 29.06 -16.87 -8.43
C ILE A 141 29.61 -15.48 -8.47
N THR A 142 30.92 -15.37 -8.37
CA THR A 142 31.55 -14.08 -8.28
C THR A 142 31.99 -13.51 -9.60
N HIS A 143 31.75 -14.24 -10.68
CA HIS A 143 32.10 -13.80 -12.02
C HIS A 143 31.43 -14.76 -12.96
N TRP A 144 31.26 -14.39 -14.23
CA TRP A 144 30.42 -15.18 -15.11
C TRP A 144 30.98 -15.29 -16.48
N ASN A 145 30.91 -16.48 -17.05
CA ASN A 145 31.37 -16.69 -18.42
C ASN A 145 30.98 -18.12 -18.81
N ASP A 146 31.47 -18.57 -19.94
CA ASP A 146 30.99 -19.83 -20.48
C ASP A 146 31.39 -21.07 -19.72
N SER A 147 32.55 -21.01 -19.07
CA SER A 147 33.10 -22.07 -18.20
C SER A 147 32.41 -22.18 -16.82
N VAL A 148 32.08 -21.01 -16.27
CA VAL A 148 31.46 -20.96 -14.96
C VAL A 148 30.11 -21.64 -15.10
N LYS A 149 29.46 -21.38 -16.23
CA LYS A 149 28.19 -21.97 -16.47
C LYS A 149 28.30 -23.47 -16.45
N GLN A 150 29.42 -23.98 -16.90
CA GLN A 150 29.57 -25.41 -16.96
C GLN A 150 29.83 -25.98 -15.55
N GLU A 151 30.60 -25.25 -14.76
CA GLU A 151 30.83 -25.72 -13.41
C GLU A 151 29.54 -25.77 -12.64
N VAL A 152 28.67 -24.78 -12.85
CA VAL A 152 27.44 -24.68 -12.09
C VAL A 152 26.65 -25.95 -12.33
N GLN A 153 26.61 -26.32 -13.59
CA GLN A 153 25.83 -27.48 -13.97
C GLN A 153 26.39 -28.78 -13.33
N ASN A 154 27.70 -28.85 -13.32
CA ASN A 154 28.38 -29.98 -12.72
C ASN A 154 28.18 -30.05 -11.20
N LEU A 155 28.21 -28.90 -10.54
CA LEU A 155 28.03 -28.88 -9.11
C LEU A 155 26.63 -29.38 -8.72
N ILE A 156 25.62 -28.98 -9.50
CA ILE A 156 24.27 -29.44 -9.25
C ILE A 156 24.11 -30.93 -9.57
N LYS A 157 24.72 -31.37 -10.65
CA LYS A 157 24.61 -32.76 -11.05
C LYS A 157 25.39 -33.71 -10.20
N ASP A 158 26.60 -33.36 -9.83
CA ASP A 158 27.45 -34.35 -9.18
C ASP A 158 27.85 -33.99 -7.79
N LYS A 159 27.62 -32.74 -7.36
CA LYS A 159 28.28 -32.23 -6.13
C LYS A 159 27.40 -31.89 -4.95
N GLY A 160 26.10 -32.14 -5.08
CA GLY A 160 25.15 -31.85 -4.01
C GLY A 160 24.97 -30.38 -3.67
N VAL A 161 25.21 -29.51 -4.63
CA VAL A 161 24.83 -28.12 -4.52
C VAL A 161 23.53 -27.81 -5.27
N ASN A 162 22.63 -27.04 -4.64
CA ASN A 162 21.44 -26.54 -5.32
C ASN A 162 21.15 -25.05 -5.10
N SER A 163 22.12 -24.31 -4.58
CA SER A 163 21.93 -22.90 -4.25
C SER A 163 23.15 -22.06 -4.61
N PHE A 164 22.97 -20.98 -5.39
CA PHE A 164 24.09 -20.14 -5.82
C PHE A 164 23.75 -18.67 -5.59
N MET A 165 24.75 -17.84 -5.26
CA MET A 165 24.48 -16.47 -4.88
C MET A 165 25.18 -15.51 -5.82
N VAL A 166 24.42 -14.55 -6.36
CA VAL A 166 25.07 -13.50 -7.13
C VAL A 166 25.13 -12.21 -6.36
N TYR A 167 25.99 -11.32 -6.81
CA TYR A 167 26.25 -10.10 -6.11
C TYR A 167 25.82 -8.97 -6.98
N MET A 168 24.99 -8.09 -6.46
CA MET A 168 24.65 -6.91 -7.20
C MET A 168 25.43 -5.74 -6.69
N ALA A 169 26.28 -6.00 -5.69
CA ALA A 169 27.09 -4.96 -5.02
C ALA A 169 28.53 -5.27 -5.23
N TYR A 170 29.46 -4.50 -4.65
CA TYR A 170 30.95 -4.72 -4.85
C TYR A 170 31.46 -4.47 -6.25
N LYS A 171 31.10 -3.30 -6.75
CA LYS A 171 31.40 -2.93 -8.09
C LYS A 171 32.86 -3.18 -8.34
N ASP A 172 33.17 -3.81 -9.48
CA ASP A 172 34.55 -4.06 -9.88
C ASP A 172 35.20 -5.12 -8.98
N LEU A 173 34.40 -5.84 -8.22
CA LEU A 173 34.91 -6.97 -7.48
C LEU A 173 34.10 -8.22 -7.77
N TYR A 174 32.82 -8.20 -7.44
CA TYR A 174 31.94 -9.33 -7.80
C TYR A 174 30.75 -8.90 -8.60
N GLN A 175 30.57 -7.59 -8.77
CA GLN A 175 29.29 -7.08 -9.26
C GLN A 175 28.95 -7.57 -10.66
N VAL A 176 27.66 -7.77 -10.92
CA VAL A 176 27.22 -8.28 -12.21
C VAL A 176 26.23 -7.36 -12.89
N SER A 177 26.27 -7.31 -14.22
CA SER A 177 25.37 -6.47 -15.02
C SER A 177 23.99 -7.11 -15.07
N ASN A 178 23.05 -6.33 -15.58
CA ASN A 178 21.65 -6.81 -15.74
C ASN A 178 21.56 -7.91 -16.75
N THR A 179 22.36 -7.81 -17.80
CA THR A 179 22.39 -8.91 -18.80
C THR A 179 22.87 -10.23 -18.11
N GLU A 180 23.94 -10.12 -17.32
CA GLU A 180 24.48 -11.27 -16.60
C GLU A 180 23.47 -11.87 -15.62
N LEU A 181 22.84 -11.02 -14.82
CA LEU A 181 21.73 -11.46 -13.99
C LEU A 181 20.71 -12.30 -14.74
N TYR A 182 20.33 -11.85 -15.93
CA TYR A 182 19.25 -12.45 -16.70
C TYR A 182 19.62 -13.80 -17.18
N GLU A 183 20.88 -13.90 -17.53
CA GLU A 183 21.45 -15.11 -18.06
C GLU A 183 21.64 -16.13 -16.96
N ILE A 184 22.03 -15.64 -15.81
CA ILE A 184 22.26 -16.52 -14.68
C ILE A 184 20.98 -17.05 -14.11
N PHE A 185 19.98 -16.17 -13.97
CA PHE A 185 18.70 -16.65 -13.48
C PHE A 185 18.11 -17.65 -14.47
N THR A 186 18.28 -17.40 -15.77
CA THR A 186 17.71 -18.28 -16.78
C THR A 186 18.32 -19.65 -16.65
N CYS A 187 19.61 -19.69 -16.43
CA CYS A 187 20.36 -20.94 -16.25
C CYS A 187 19.95 -21.68 -14.95
N LEU A 188 20.04 -21.01 -13.81
CA LEU A 188 19.75 -21.62 -12.52
C LEU A 188 18.30 -22.09 -12.47
N GLY A 189 17.41 -21.40 -13.18
CA GLY A 189 15.99 -21.81 -13.23
C GLY A 189 15.82 -23.05 -14.04
N GLU A 190 16.57 -23.14 -15.12
CA GLU A 190 16.51 -24.29 -16.02
C GLU A 190 17.10 -25.50 -15.31
N LEU A 191 18.10 -25.27 -14.50
CA LEU A 191 18.74 -26.34 -13.79
C LEU A 191 18.09 -26.75 -12.48
N GLY A 192 17.12 -25.98 -11.96
CA GLY A 192 16.43 -26.35 -10.73
C GLY A 192 17.08 -25.88 -9.44
N ALA A 193 17.91 -24.85 -9.55
CA ALA A 193 18.62 -24.27 -8.43
C ALA A 193 17.86 -23.12 -7.80
N ILE A 194 18.31 -22.71 -6.62
CA ILE A 194 17.82 -21.48 -6.01
C ILE A 194 18.79 -20.34 -6.37
N ALA A 195 18.27 -19.25 -6.89
CA ALA A 195 19.07 -18.08 -7.13
C ALA A 195 19.00 -17.16 -5.93
N GLN A 196 20.13 -17.02 -5.23
CA GLN A 196 20.27 -16.08 -4.12
C GLN A 196 20.92 -14.80 -4.59
N VAL A 197 20.69 -13.72 -3.85
CA VAL A 197 21.23 -12.44 -4.21
C VAL A 197 21.75 -11.75 -2.99
N HIS A 198 22.90 -11.08 -3.13
CA HIS A 198 23.28 -9.96 -2.27
C HIS A 198 22.74 -8.77 -2.99
N ALA A 199 21.67 -8.18 -2.47
CA ALA A 199 20.93 -7.18 -3.22
C ALA A 199 21.17 -5.79 -2.70
N GLU A 200 22.14 -5.11 -3.30
CA GLU A 200 22.49 -3.77 -2.95
C GLU A 200 23.08 -3.18 -4.15
N ASN A 201 22.90 -1.90 -4.37
CA ASN A 201 23.35 -1.34 -5.63
C ASN A 201 24.75 -0.88 -5.51
N GLY A 202 25.69 -1.67 -6.00
CA GLY A 202 27.12 -1.34 -5.86
C GLY A 202 27.54 -0.07 -6.55
N ASP A 203 26.88 0.24 -7.66
CA ASP A 203 27.27 1.43 -8.41
C ASP A 203 27.08 2.69 -7.59
N ILE A 204 25.92 2.82 -6.94
CA ILE A 204 25.58 4.06 -6.16
C ILE A 204 26.36 4.11 -4.86
N ILE A 205 26.62 2.94 -4.26
CA ILE A 205 27.38 2.86 -3.01
C ILE A 205 28.79 3.34 -3.24
N ALA A 206 29.40 2.94 -4.34
CA ALA A 206 30.73 3.48 -4.70
C ALA A 206 30.75 5.00 -4.70
N GLN A 207 29.76 5.66 -5.29
CA GLN A 207 29.75 7.14 -5.28
C GLN A 207 29.55 7.71 -3.89
N GLU A 208 28.58 7.14 -3.15
CA GLU A 208 28.21 7.66 -1.83
C GLU A 208 29.35 7.43 -0.83
N GLN A 209 30.15 6.40 -1.04
CA GLN A 209 31.36 6.20 -0.19
C GLN A 209 32.36 7.31 -0.37
N THR A 210 32.62 7.61 -1.62
CA THR A 210 33.52 8.64 -1.95
C THR A 210 33.05 9.96 -1.45
N ARG A 211 31.76 10.24 -1.58
CA ARG A 211 31.22 11.47 -1.04
C ARG A 211 31.37 11.57 0.50
N MET A 212 31.18 10.48 1.22
CA MET A 212 31.34 10.47 2.66
C MET A 212 32.78 10.68 3.08
N LEU A 213 33.69 10.07 2.35
CA LEU A 213 35.13 10.28 2.61
C LEU A 213 35.56 11.73 2.27
N GLU A 214 35.06 12.27 1.18
CA GLU A 214 35.32 13.70 0.83
C GLU A 214 34.76 14.62 1.88
N MET A 215 33.79 14.12 2.64
CA MET A 215 33.19 14.85 3.75
C MET A 215 33.87 14.51 5.08
N GLY A 216 34.93 13.71 5.02
CA GLY A 216 35.71 13.36 6.19
C GLY A 216 34.95 12.57 7.21
N ILE A 217 34.06 11.70 6.76
CA ILE A 217 33.35 10.78 7.66
C ILE A 217 33.97 9.41 7.45
N THR A 218 35.09 9.17 8.14
CA THR A 218 35.82 7.92 7.92
C THR A 218 35.50 6.83 8.92
N GLY A 219 34.82 7.19 9.96
CA GLY A 219 34.42 6.21 10.93
C GLY A 219 33.34 5.28 10.43
N PRO A 220 32.94 4.32 11.27
CA PRO A 220 31.93 3.34 10.88
C PRO A 220 30.58 3.96 10.52
N GLU A 221 30.21 5.11 11.07
CA GLU A 221 28.94 5.76 10.69
C GLU A 221 28.84 6.02 9.19
N GLY A 222 29.99 6.18 8.54
CA GLY A 222 29.99 6.37 7.11
C GLY A 222 29.66 5.10 6.34
N HIS A 223 29.84 3.98 6.96
CA HIS A 223 29.46 2.76 6.30
C HIS A 223 27.96 2.71 6.12
N VAL A 224 27.23 2.88 7.21
CA VAL A 224 25.75 2.86 7.15
C VAL A 224 25.19 4.05 6.32
N LEU A 225 25.83 5.19 6.39
CA LEU A 225 25.35 6.38 5.66
C LEU A 225 25.67 6.30 4.20
N SER A 226 26.60 5.43 3.82
CA SER A 226 26.88 5.30 2.40
C SER A 226 26.05 4.20 1.77
N ARG A 227 25.22 3.51 2.54
CA ARG A 227 24.39 2.51 1.99
C ARG A 227 23.04 2.60 2.57
N PRO A 228 22.30 3.68 2.25
CA PRO A 228 21.00 3.85 2.95
C PRO A 228 20.07 2.84 2.38
N GLU A 229 18.96 2.58 3.04
CA GLU A 229 18.17 1.40 2.68
C GLU A 229 17.46 1.56 1.35
N GLU A 230 17.40 2.79 0.82
CA GLU A 230 16.92 3.05 -0.57
C GLU A 230 17.62 2.17 -1.59
N LEU A 231 18.91 1.92 -1.36
CA LEU A 231 19.76 1.21 -2.30
C LEU A 231 19.71 -0.26 -2.15
N GLU A 232 19.28 -0.73 -0.98
CA GLU A 232 18.99 -2.14 -0.80
C GLU A 232 17.68 -2.39 -1.55
N ALA A 233 16.67 -1.60 -1.22
CA ALA A 233 15.35 -1.66 -1.89
C ALA A 233 15.43 -1.70 -3.42
N GLU A 234 16.20 -0.82 -4.01
CA GLU A 234 16.31 -0.80 -5.46
C GLU A 234 16.81 -2.09 -5.99
N ALA A 235 17.89 -2.57 -5.40
CA ALA A 235 18.53 -3.81 -5.86
C ALA A 235 17.57 -4.96 -5.78
N VAL A 236 16.82 -5.03 -4.69
CA VAL A 236 15.83 -6.07 -4.52
C VAL A 236 14.75 -5.95 -5.62
N PHE A 237 14.21 -4.76 -5.80
CA PHE A 237 13.18 -4.56 -6.88
C PHE A 237 13.69 -5.04 -8.26
N ARG A 238 14.89 -4.65 -8.59
CA ARG A 238 15.49 -5.13 -9.84
C ARG A 238 15.65 -6.65 -9.88
N ALA A 239 16.10 -7.25 -8.77
CA ALA A 239 16.33 -8.71 -8.76
C ALA A 239 15.02 -9.46 -8.90
N ILE A 240 14.02 -8.99 -8.18
CA ILE A 240 12.67 -9.57 -8.26
C ILE A 240 12.12 -9.47 -9.67
N THR A 241 12.36 -8.35 -10.30
CA THR A 241 11.87 -8.14 -11.66
C THR A 241 12.49 -9.11 -12.59
N ILE A 242 13.80 -9.21 -12.53
CA ILE A 242 14.51 -10.11 -13.47
C ILE A 242 14.13 -11.56 -13.21
N ALA A 243 14.07 -11.94 -11.93
CA ALA A 243 13.74 -13.32 -11.56
C ALA A 243 12.38 -13.69 -12.08
N SER A 244 11.48 -12.72 -12.07
CA SER A 244 10.13 -12.92 -12.61
C SER A 244 10.12 -13.05 -14.14
N GLN A 245 10.86 -12.21 -14.86
CA GLN A 245 10.94 -12.39 -16.35
C GLN A 245 11.52 -13.72 -16.75
N THR A 246 12.41 -14.26 -15.92
CA THR A 246 13.16 -15.48 -16.29
C THR A 246 12.60 -16.70 -15.58
N ASN A 247 11.45 -16.54 -14.93
CA ASN A 247 10.81 -17.61 -14.21
C ASN A 247 11.80 -18.41 -13.35
N CYS A 248 12.60 -17.68 -12.57
CA CYS A 248 13.56 -18.25 -11.65
C CYS A 248 13.17 -17.92 -10.20
N PRO A 249 13.23 -18.89 -9.31
CA PRO A 249 13.00 -18.53 -7.90
C PRO A 249 14.14 -17.68 -7.44
N LEU A 250 13.80 -16.68 -6.62
CA LEU A 250 14.73 -15.72 -6.04
C LEU A 250 14.71 -15.83 -4.52
N TYR A 251 15.88 -15.65 -3.91
CA TYR A 251 16.08 -15.75 -2.45
C TYR A 251 16.95 -14.56 -2.03
N VAL A 252 16.35 -13.65 -1.25
CA VAL A 252 17.01 -12.40 -0.88
C VAL A 252 17.70 -12.56 0.46
N THR A 253 19.01 -12.47 0.46
CA THR A 253 19.76 -12.80 1.64
C THR A 253 19.86 -11.55 2.48
N LYS A 254 20.07 -11.76 3.79
CA LYS A 254 20.37 -10.71 4.67
C LYS A 254 19.42 -9.55 4.46
N VAL A 255 18.16 -9.77 4.78
CA VAL A 255 17.20 -8.70 4.72
C VAL A 255 17.39 -7.82 5.93
N MET A 256 17.81 -6.57 5.78
CA MET A 256 18.08 -5.67 6.94
C MET A 256 17.07 -4.53 7.11
N SER A 257 16.43 -4.11 6.01
CA SER A 257 15.54 -2.96 6.10
C SER A 257 14.08 -3.32 5.98
N LYS A 258 13.24 -2.44 6.52
CA LYS A 258 11.78 -2.54 6.31
C LYS A 258 11.40 -2.40 4.85
N SER A 259 11.98 -1.42 4.11
CA SER A 259 11.62 -1.24 2.70
C SER A 259 11.97 -2.48 1.85
N ALA A 260 13.08 -3.16 2.15
CA ALA A 260 13.41 -4.41 1.43
C ALA A 260 12.43 -5.49 1.72
N ALA A 261 12.05 -5.63 2.97
CA ALA A 261 11.02 -6.62 3.36
C ALA A 261 9.64 -6.30 2.85
N ASP A 262 9.27 -5.03 2.73
CA ASP A 262 7.98 -4.73 2.08
C ASP A 262 7.97 -5.19 0.64
N LEU A 263 9.06 -5.02 -0.06
CA LEU A 263 9.04 -5.36 -1.48
C LEU A 263 8.83 -6.85 -1.62
N ILE A 264 9.36 -7.65 -0.70
CA ILE A 264 9.27 -9.09 -0.80
C ILE A 264 7.86 -9.54 -0.50
N SER A 265 7.29 -8.94 0.52
CA SER A 265 5.94 -9.17 0.91
C SER A 265 5.03 -8.83 -0.24
N GLN A 266 5.30 -7.70 -0.84
CA GLN A 266 4.53 -7.23 -1.96
C GLN A 266 4.65 -8.20 -3.12
N ALA A 267 5.84 -8.75 -3.36
CA ALA A 267 6.07 -9.60 -4.54
C ALA A 267 5.42 -10.92 -4.36
N ARG A 268 5.48 -11.46 -3.14
CA ARG A 268 4.85 -12.73 -2.86
C ARG A 268 3.37 -12.68 -3.05
N LYS A 269 2.76 -11.55 -2.78
CA LYS A 269 1.32 -11.48 -2.79
C LYS A 269 0.87 -11.60 -4.21
N LYS A 270 1.64 -10.97 -5.07
CA LYS A 270 1.40 -10.91 -6.52
C LYS A 270 1.66 -12.21 -7.17
N GLY A 271 2.18 -13.17 -6.42
CA GLY A 271 2.45 -14.50 -6.94
C GLY A 271 3.91 -14.82 -7.21
N ASN A 272 4.82 -13.86 -7.10
CA ASN A 272 6.19 -14.13 -7.46
C ASN A 272 6.79 -15.16 -6.48
N VAL A 273 7.64 -16.07 -6.99
CA VAL A 273 8.35 -16.98 -6.13
C VAL A 273 9.61 -16.33 -5.59
N VAL A 274 9.50 -15.74 -4.38
CA VAL A 274 10.56 -14.99 -3.75
C VAL A 274 10.66 -15.35 -2.28
N PHE A 275 11.86 -15.52 -1.78
CA PHE A 275 12.01 -15.78 -0.35
C PHE A 275 12.85 -14.70 0.22
N GLY A 276 12.66 -14.41 1.50
CA GLY A 276 13.45 -13.43 2.20
C GLY A 276 14.05 -13.94 3.52
N GLU A 277 15.36 -13.64 3.69
CA GLU A 277 16.19 -14.20 4.79
C GLU A 277 16.66 -13.11 5.73
N PRO A 278 15.85 -12.74 6.74
CA PRO A 278 16.42 -11.89 7.73
C PRO A 278 17.51 -12.65 8.50
N ILE A 279 18.35 -11.91 9.21
CA ILE A 279 19.42 -12.49 10.01
C ILE A 279 19.35 -12.03 11.46
N THR A 280 20.04 -12.72 12.36
CA THR A 280 19.94 -12.40 13.78
C THR A 280 20.06 -10.90 14.05
N ALA A 281 21.06 -10.28 13.43
CA ALA A 281 21.34 -8.90 13.60
C ALA A 281 20.15 -8.03 13.33
N SER A 282 19.50 -8.19 12.17
CA SER A 282 18.34 -7.34 11.83
C SER A 282 17.13 -7.67 12.70
N LEU A 283 17.08 -8.89 13.21
CA LEU A 283 15.93 -9.31 14.01
C LEU A 283 16.05 -8.89 15.44
N GLY A 284 17.29 -8.64 15.90
CA GLY A 284 17.55 -8.46 17.34
C GLY A 284 17.99 -7.09 17.77
N ILE A 285 18.66 -6.38 16.87
CA ILE A 285 19.19 -5.06 17.20
C ILE A 285 19.00 -4.03 16.06
N ASP A 286 19.36 -2.78 16.34
CA ASP A 286 19.38 -1.77 15.28
C ASP A 286 20.71 -1.06 15.16
N GLY A 287 20.76 -0.09 14.25
CA GLY A 287 22.02 0.43 13.77
C GLY A 287 22.48 1.69 14.44
N THR A 288 21.87 2.07 15.56
CA THR A 288 22.28 3.30 16.21
C THR A 288 23.73 3.19 16.73
N HIS A 289 24.28 1.99 16.80
CA HIS A 289 25.61 1.82 17.37
C HIS A 289 26.79 2.08 16.43
N TYR A 290 26.55 2.33 15.16
CA TYR A 290 27.59 2.90 14.31
C TYR A 290 28.00 4.26 14.79
N TRP A 291 27.14 4.91 15.58
CA TRP A 291 27.41 6.25 16.11
C TRP A 291 28.12 6.27 17.48
N SER A 292 28.39 5.09 18.03
CA SER A 292 29.09 4.96 19.28
C SER A 292 30.48 5.58 19.16
N LYS A 293 30.88 6.25 20.22
CA LYS A 293 32.19 6.91 20.30
C LYS A 293 33.31 5.92 20.50
N ASN A 294 32.93 4.72 20.95
CA ASN A 294 33.87 3.63 21.03
C ASN A 294 34.06 3.13 19.62
N TRP A 295 35.21 3.38 19.00
CA TRP A 295 35.39 3.01 17.60
C TRP A 295 35.26 1.54 17.33
N ALA A 296 35.82 0.71 18.20
CA ALA A 296 35.82 -0.75 17.94
C ALA A 296 34.42 -1.35 18.06
N LYS A 297 33.59 -0.83 18.96
CA LYS A 297 32.19 -1.27 19.11
C LYS A 297 31.42 -0.93 17.84
N ALA A 298 31.58 0.29 17.37
CA ALA A 298 30.94 0.67 16.10
C ALA A 298 31.34 -0.23 14.95
N ALA A 299 32.62 -0.55 14.86
CA ALA A 299 33.10 -1.39 13.76
C ALA A 299 32.60 -2.82 13.88
N ALA A 300 32.22 -3.21 15.09
CA ALA A 300 31.75 -4.60 15.30
C ALA A 300 30.46 -4.83 14.52
N PHE A 301 29.71 -3.75 14.27
CA PHE A 301 28.42 -3.77 13.61
C PHE A 301 28.57 -3.64 12.09
N VAL A 302 29.78 -3.43 11.60
CA VAL A 302 29.96 -3.19 10.18
C VAL A 302 29.72 -4.50 9.43
N THR A 303 28.64 -4.52 8.67
CA THR A 303 28.23 -5.70 7.89
C THR A 303 27.42 -5.14 6.75
N SER A 304 27.26 -5.88 5.68
CA SER A 304 26.56 -5.34 4.52
C SER A 304 25.47 -6.26 3.97
N PRO A 305 24.20 -5.77 3.84
CA PRO A 305 23.84 -4.41 4.11
C PRO A 305 23.89 -4.12 5.59
N PRO A 306 23.88 -2.82 5.96
CA PRO A 306 24.12 -2.51 7.37
C PRO A 306 22.84 -2.63 8.15
N LEU A 307 22.96 -2.68 9.48
CA LEU A 307 21.81 -2.52 10.35
C LEU A 307 21.20 -1.15 10.05
N SER A 308 19.86 -1.06 10.04
CA SER A 308 19.19 0.20 9.80
C SER A 308 19.31 1.06 11.02
N PRO A 309 19.60 2.36 10.87
CA PRO A 309 19.44 3.35 11.99
C PRO A 309 18.00 3.66 12.49
N ASP A 310 16.98 3.16 11.77
CA ASP A 310 15.58 3.41 12.13
C ASP A 310 15.33 2.35 13.15
N PRO A 311 15.16 2.76 14.42
CA PRO A 311 15.01 1.81 15.52
C PRO A 311 13.72 1.01 15.53
N THR A 312 12.71 1.42 14.77
CA THR A 312 11.44 0.62 14.58
C THR A 312 11.64 -0.63 13.70
N THR A 313 12.84 -0.75 13.09
CA THR A 313 13.15 -1.88 12.19
C THR A 313 13.16 -3.28 12.78
N PRO A 314 13.79 -3.50 13.98
CA PRO A 314 13.81 -4.93 14.40
C PRO A 314 12.42 -5.46 14.64
N ASP A 315 11.55 -4.61 15.15
CA ASP A 315 10.22 -5.04 15.47
C ASP A 315 9.44 -5.36 14.21
N TYR A 316 9.58 -4.56 13.17
CA TYR A 316 8.87 -4.79 11.91
C TYR A 316 9.40 -6.00 11.18
N ILE A 317 10.69 -6.24 11.23
CA ILE A 317 11.21 -7.47 10.63
C ILE A 317 10.71 -8.71 11.32
N ASN A 318 10.58 -8.72 12.65
CA ASN A 318 10.03 -9.90 13.36
C ASN A 318 8.56 -10.07 13.01
N SER A 319 7.92 -8.94 12.80
CA SER A 319 6.48 -8.95 12.41
C SER A 319 6.25 -9.59 11.08
N LEU A 320 7.13 -9.36 10.14
CA LEU A 320 6.98 -9.97 8.80
C LEU A 320 7.53 -11.35 8.67
N LEU A 321 8.48 -11.71 9.56
CA LEU A 321 8.83 -13.13 9.75
C LEU A 321 7.68 -13.90 10.37
N ALA A 322 6.97 -13.29 11.32
CA ALA A 322 5.80 -13.90 11.93
C ALA A 322 4.74 -14.15 10.90
N SER A 323 4.48 -13.17 10.03
CA SER A 323 3.36 -13.27 9.08
C SER A 323 3.68 -14.14 7.87
N GLY A 324 4.90 -14.64 7.77
CA GLY A 324 5.26 -15.52 6.66
C GLY A 324 5.73 -14.76 5.42
N ASP A 325 5.83 -13.44 5.52
CA ASP A 325 6.26 -12.56 4.43
C ASP A 325 7.76 -12.61 4.29
N LEU A 326 8.39 -12.94 5.39
CA LEU A 326 9.75 -13.53 5.39
C LEU A 326 9.59 -14.91 5.92
N GLN A 327 10.32 -15.86 5.35
CA GLN A 327 10.06 -17.26 5.60
C GLN A 327 11.03 -17.91 6.53
N LEU A 328 12.27 -17.40 6.63
CA LEU A 328 13.34 -18.15 7.33
C LEU A 328 14.45 -17.23 7.84
N SER A 329 15.21 -17.73 8.82
CA SER A 329 16.28 -16.94 9.38
C SER A 329 17.62 -17.62 9.30
N GLY A 330 18.67 -16.81 9.19
CA GLY A 330 20.07 -17.27 9.26
C GLY A 330 20.81 -16.25 10.05
N SER A 331 22.13 -16.33 10.10
CA SER A 331 22.91 -15.38 10.92
C SER A 331 23.93 -14.58 10.13
N ALA A 332 24.34 -15.09 9.01
CA ALA A 332 25.44 -14.46 8.26
C ALA A 332 26.63 -14.21 9.15
N HIS A 333 26.92 -15.18 10.02
CA HIS A 333 28.01 -15.12 10.95
C HIS A 333 29.32 -14.92 10.21
N CYS A 334 30.04 -13.88 10.55
CA CYS A 334 31.29 -13.56 9.91
C CYS A 334 32.06 -12.72 10.86
N THR A 335 33.08 -13.26 11.49
CA THR A 335 33.63 -12.59 12.62
C THR A 335 35.04 -12.23 12.38
N PHE A 336 35.41 -11.02 12.75
CA PHE A 336 36.79 -10.61 12.62
C PHE A 336 37.27 -10.05 13.95
N SER A 337 38.58 -10.09 14.22
CA SER A 337 39.09 -9.70 15.54
C SER A 337 39.10 -8.20 15.55
N THR A 338 39.15 -7.63 16.76
CA THR A 338 39.27 -6.18 16.90
C THR A 338 40.40 -5.70 16.02
N ALA A 339 41.51 -6.44 16.06
CA ALA A 339 42.72 -6.11 15.28
C ALA A 339 42.45 -6.06 13.77
N GLN A 340 41.76 -7.06 13.24
CA GLN A 340 41.42 -7.10 11.82
C GLN A 340 40.44 -6.00 11.42
N LYS A 341 39.46 -5.72 12.29
CA LYS A 341 38.54 -4.60 12.06
C LYS A 341 39.31 -3.29 12.02
N ALA A 342 40.33 -3.16 12.89
CA ALA A 342 41.11 -1.92 12.98
C ALA A 342 41.78 -1.50 11.67
N ILE A 343 41.90 -2.43 10.73
CA ILE A 343 42.50 -2.16 9.44
C ILE A 343 41.86 -0.99 8.75
N GLY A 344 40.61 -0.71 9.09
CA GLY A 344 39.89 0.40 8.52
C GLY A 344 39.70 1.60 9.44
N LYS A 345 40.59 1.76 10.40
CA LYS A 345 40.41 2.82 11.42
C LYS A 345 40.54 4.20 10.85
N ASP A 346 41.06 4.30 9.64
CA ASP A 346 41.22 5.59 8.98
C ASP A 346 40.29 5.76 7.82
N ASN A 347 39.72 4.64 7.38
CA ASN A 347 38.81 4.63 6.26
C ASN A 347 37.86 3.44 6.47
N PHE A 348 36.57 3.71 6.67
CA PHE A 348 35.54 2.65 6.82
C PHE A 348 35.50 1.66 5.66
N THR A 349 35.79 2.07 4.44
CA THR A 349 35.73 1.13 3.30
C THR A 349 36.78 0.05 3.41
N ALA A 350 37.74 0.19 4.31
CA ALA A 350 38.72 -0.88 4.53
C ALA A 350 38.34 -1.76 5.75
N ILE A 351 37.26 -1.43 6.46
CA ILE A 351 36.81 -2.27 7.59
C ILE A 351 36.21 -3.56 7.05
N PRO A 352 36.73 -4.71 7.46
CA PRO A 352 36.15 -5.95 6.94
C PRO A 352 34.70 -6.15 7.42
N GLU A 353 33.86 -6.65 6.52
CA GLU A 353 32.42 -6.69 6.80
C GLU A 353 31.96 -8.00 7.42
N GLY A 354 31.24 -7.91 8.57
CA GLY A 354 30.63 -9.10 9.21
C GLY A 354 30.41 -9.00 10.71
N THR A 355 29.44 -9.73 11.24
CA THR A 355 29.11 -9.69 12.69
C THR A 355 28.82 -11.08 13.28
N ASN A 356 28.50 -11.14 14.55
CA ASN A 356 28.13 -12.44 15.11
C ASN A 356 26.68 -12.74 14.90
N GLY A 357 26.25 -13.89 15.29
CA GLY A 357 24.82 -14.12 15.26
C GLY A 357 24.41 -15.57 15.23
N VAL A 358 25.34 -16.49 14.98
CA VAL A 358 24.94 -17.86 14.87
C VAL A 358 24.39 -18.41 16.23
N GLU A 359 25.02 -17.99 17.32
CA GLU A 359 24.74 -18.55 18.65
C GLU A 359 23.40 -18.03 19.22
N GLU A 360 23.02 -16.84 18.82
CA GLU A 360 21.92 -16.11 19.41
C GLU A 360 20.65 -16.14 18.59
N ARG A 361 20.70 -16.71 17.40
CA ARG A 361 19.61 -16.62 16.45
C ARG A 361 18.25 -17.08 16.99
N MET A 362 18.26 -18.24 17.63
CA MET A 362 17.00 -18.82 18.12
C MET A 362 16.50 -18.12 19.34
N SER A 363 17.40 -17.68 20.18
CA SER A 363 17.01 -16.95 21.37
C SER A 363 16.43 -15.60 21.00
N VAL A 364 17.03 -14.95 20.02
CA VAL A 364 16.56 -13.62 19.62
C VAL A 364 15.14 -13.69 19.11
N ILE A 365 14.90 -14.59 18.18
CA ILE A 365 13.58 -14.75 17.58
C ILE A 365 12.57 -15.14 18.64
N TRP A 366 12.93 -16.01 19.57
CA TRP A 366 11.98 -16.36 20.63
C TRP A 366 11.63 -15.14 21.46
N ASP A 367 12.67 -14.47 21.93
CA ASP A 367 12.49 -13.27 22.73
C ASP A 367 11.67 -12.22 22.02
N LYS A 368 11.95 -12.00 20.74
CA LYS A 368 11.37 -10.87 20.02
C LYS A 368 10.08 -11.16 19.34
N ALA A 369 9.91 -12.38 18.86
CA ALA A 369 8.71 -12.69 18.11
C ALA A 369 7.74 -13.61 18.85
N VAL A 370 8.20 -14.44 19.79
CA VAL A 370 7.30 -15.41 20.38
C VAL A 370 6.82 -14.89 21.68
N ALA A 371 7.77 -14.43 22.49
CA ALA A 371 7.47 -13.94 23.83
C ALA A 371 6.76 -12.63 23.76
N THR A 372 6.74 -12.01 22.60
CA THR A 372 6.00 -10.79 22.37
C THR A 372 4.66 -11.06 21.73
N GLY A 373 4.31 -12.33 21.53
CA GLY A 373 3.01 -12.69 20.96
C GLY A 373 2.82 -12.47 19.46
N LYS A 374 3.93 -12.36 18.74
CA LYS A 374 3.78 -12.19 17.32
C LYS A 374 3.55 -13.53 16.64
N MET A 375 4.35 -14.52 16.98
CA MET A 375 4.24 -15.84 16.35
C MET A 375 4.14 -16.86 17.46
N ASP A 376 3.61 -18.03 17.17
CA ASP A 376 3.59 -19.06 18.20
C ASP A 376 4.78 -19.98 18.01
N GLU A 377 4.87 -20.97 18.89
CA GLU A 377 5.99 -21.91 18.89
C GLU A 377 6.11 -22.72 17.61
N ASN A 378 5.00 -22.93 16.94
CA ASN A 378 5.00 -23.72 15.72
C ASN A 378 5.60 -22.94 14.52
N GLN A 379 5.19 -21.70 14.37
CA GLN A 379 5.78 -20.82 13.39
C GLN A 379 7.27 -20.50 13.75
N PHE A 380 7.62 -20.54 15.03
CA PHE A 380 8.99 -20.43 15.47
C PHE A 380 9.83 -21.55 14.88
N VAL A 381 9.29 -22.75 14.88
CA VAL A 381 10.06 -23.89 14.40
C VAL A 381 10.22 -23.68 12.93
N ALA A 382 9.16 -23.18 12.28
CA ALA A 382 9.18 -23.00 10.82
C ALA A 382 10.30 -22.06 10.40
N VAL A 383 10.45 -20.97 11.11
CA VAL A 383 11.38 -19.94 10.65
C VAL A 383 12.79 -20.21 11.16
N THR A 384 12.92 -21.18 12.02
CA THR A 384 14.20 -21.57 12.53
C THR A 384 14.67 -22.81 11.87
N SER A 385 13.78 -23.72 11.43
CA SER A 385 14.29 -24.90 10.73
C SER A 385 13.44 -25.40 9.57
N THR A 386 12.14 -25.47 9.77
CA THR A 386 11.33 -26.23 8.82
C THR A 386 11.25 -25.59 7.49
N ASN A 387 11.23 -24.29 7.41
CA ASN A 387 11.16 -23.66 6.10
C ASN A 387 12.51 -23.75 5.36
N ALA A 388 13.61 -23.66 6.09
CA ALA A 388 14.88 -23.84 5.50
C ALA A 388 14.98 -25.19 4.82
N ALA A 389 14.50 -26.20 5.54
CA ALA A 389 14.58 -27.57 5.00
C ALA A 389 13.81 -27.70 3.68
N LYS A 390 12.66 -27.08 3.60
CA LYS A 390 11.82 -27.21 2.40
C LYS A 390 12.43 -26.49 1.25
N ILE A 391 12.92 -25.29 1.50
CA ILE A 391 13.53 -24.50 0.42
C ILE A 391 14.74 -25.24 -0.21
N PHE A 392 15.57 -25.81 0.67
CA PHE A 392 16.85 -26.33 0.27
C PHE A 392 16.81 -27.79 0.06
N ASN A 393 15.59 -28.33 0.12
CA ASN A 393 15.32 -29.74 -0.24
C ASN A 393 15.92 -30.72 0.77
N LEU A 394 15.74 -30.39 2.05
CA LEU A 394 16.18 -31.24 3.14
C LEU A 394 15.03 -31.76 3.97
N TYR A 395 13.81 -31.67 3.45
CA TYR A 395 12.65 -32.00 4.25
C TYR A 395 12.13 -33.36 3.83
N PRO A 396 11.71 -34.20 4.78
CA PRO A 396 11.64 -33.99 6.21
C PRO A 396 12.81 -34.57 6.96
N ARG A 397 13.90 -34.86 6.28
CA ARG A 397 15.06 -35.36 6.97
C ARG A 397 15.45 -34.40 8.05
N LYS A 398 15.42 -33.10 7.72
CA LYS A 398 15.71 -32.05 8.72
C LYS A 398 14.49 -31.19 8.93
N GLY A 399 14.43 -30.52 10.07
CA GLY A 399 13.34 -29.58 10.39
C GLY A 399 12.07 -30.29 10.76
N ARG A 400 12.21 -31.54 11.23
CA ARG A 400 11.04 -32.28 11.67
C ARG A 400 11.39 -33.47 12.51
N ILE A 401 10.66 -33.56 13.62
CA ILE A 401 10.69 -34.69 14.54
C ILE A 401 9.61 -35.69 14.11
N SER A 402 10.01 -36.66 13.29
CA SER A 402 9.17 -37.80 12.93
C SER A 402 10.08 -38.99 12.60
N VAL A 403 9.49 -40.20 12.69
CA VAL A 403 10.22 -41.44 12.51
C VAL A 403 10.87 -41.43 11.16
N GLY A 404 12.17 -41.68 11.10
CA GLY A 404 12.87 -41.70 9.82
C GLY A 404 13.70 -40.45 9.59
N SER A 405 13.31 -39.34 10.23
CA SER A 405 14.07 -38.10 10.14
C SER A 405 15.33 -38.20 10.95
N ASP A 406 16.33 -37.40 10.60
CA ASP A 406 17.58 -37.37 11.33
C ASP A 406 17.37 -36.92 12.74
N SER A 407 18.16 -37.45 13.65
CA SER A 407 17.88 -37.16 15.06
C SER A 407 18.64 -35.93 15.54
N ASP A 408 18.39 -34.80 14.93
CA ASP A 408 18.93 -33.56 15.43
C ASP A 408 17.78 -32.85 16.04
N LEU A 409 17.86 -32.53 17.33
CA LEU A 409 16.76 -31.84 17.96
C LEU A 409 17.17 -31.27 19.32
N VAL A 410 16.27 -30.50 19.94
CA VAL A 410 16.61 -29.61 21.05
C VAL A 410 15.52 -29.59 22.10
N ILE A 411 15.91 -29.70 23.36
CA ILE A 411 14.98 -29.44 24.43
C ILE A 411 15.12 -27.99 24.79
N TRP A 412 14.00 -27.28 24.68
CA TRP A 412 14.00 -25.82 24.69
C TRP A 412 13.25 -25.32 25.90
N ASP A 413 13.79 -24.32 26.61
CA ASP A 413 13.18 -23.73 27.81
C ASP A 413 12.61 -22.34 27.56
N PRO A 414 11.29 -22.25 27.41
CA PRO A 414 10.69 -20.94 27.14
C PRO A 414 10.79 -19.97 28.27
N ASP A 415 11.09 -20.46 29.47
CA ASP A 415 11.11 -19.59 30.65
C ASP A 415 12.51 -19.17 31.04
N ALA A 416 13.51 -19.64 30.31
CA ALA A 416 14.89 -19.28 30.59
C ALA A 416 15.12 -17.84 30.21
N VAL A 417 16.12 -17.25 30.84
CA VAL A 417 16.47 -15.87 30.57
C VAL A 417 17.96 -15.80 30.63
N LYS A 418 18.58 -15.26 29.60
CA LYS A 418 20.03 -15.15 29.56
C LYS A 418 20.43 -13.76 29.15
N ILE A 419 21.59 -13.33 29.62
CA ILE A 419 22.20 -12.08 29.19
C ILE A 419 23.25 -12.52 28.21
N VAL A 420 23.39 -11.80 27.11
CA VAL A 420 24.40 -12.18 26.12
C VAL A 420 25.66 -11.35 26.37
N SER A 421 26.85 -11.97 26.29
CA SER A 421 28.07 -11.19 26.40
C SER A 421 29.11 -11.88 25.68
N ALA A 422 30.13 -11.12 25.31
CA ALA A 422 31.31 -11.69 24.66
C ALA A 422 32.14 -12.51 25.64
N LYS A 423 32.01 -12.15 26.89
CA LYS A 423 32.68 -12.81 27.99
C LYS A 423 32.29 -14.25 28.02
N ASN A 424 31.05 -14.52 27.61
CA ASN A 424 30.46 -15.85 27.66
C ASN A 424 30.44 -16.64 26.36
N HIS A 425 30.51 -15.98 25.21
CA HIS A 425 30.12 -16.63 23.95
C HIS A 425 31.20 -17.49 23.37
N GLN A 426 30.79 -18.43 22.52
CA GLN A 426 31.69 -19.38 21.91
C GLN A 426 32.62 -18.70 20.95
N SER A 427 32.17 -17.60 20.37
CA SER A 427 32.94 -16.91 19.33
C SER A 427 34.30 -16.40 19.81
N ALA A 428 35.27 -16.44 18.90
CA ALA A 428 36.62 -15.98 19.16
C ALA A 428 36.70 -14.49 19.23
N ALA A 429 35.68 -13.82 18.70
CA ALA A 429 35.70 -12.35 18.66
C ALA A 429 35.61 -11.75 20.04
N GLU A 430 36.17 -10.55 20.20
CA GLU A 430 36.12 -9.86 21.50
C GLU A 430 34.79 -9.11 21.72
N TYR A 431 34.00 -8.94 20.67
CA TYR A 431 32.78 -8.15 20.74
C TYR A 431 31.58 -8.98 20.34
N ASN A 432 30.45 -8.62 20.91
CA ASN A 432 29.19 -9.25 20.58
C ASN A 432 28.24 -8.09 20.36
N ILE A 433 27.64 -7.99 19.17
CA ILE A 433 26.72 -6.90 18.90
C ILE A 433 25.44 -6.92 19.78
N PHE A 434 25.13 -8.04 20.41
CA PHE A 434 23.94 -8.12 21.33
C PHE A 434 24.34 -7.98 22.81
N GLU A 435 25.49 -7.34 23.04
CA GLU A 435 26.13 -7.31 24.37
C GLU A 435 25.17 -6.73 25.36
N GLY A 436 25.04 -7.38 26.51
CA GLY A 436 24.20 -6.88 27.56
C GLY A 436 22.72 -7.09 27.37
N MET A 437 22.31 -7.68 26.25
CA MET A 437 20.90 -7.92 26.06
C MET A 437 20.37 -9.11 26.85
N GLU A 438 19.15 -8.97 27.34
CA GLU A 438 18.50 -10.04 28.09
C GLU A 438 17.49 -10.80 27.25
N LEU A 439 17.69 -12.07 26.99
CA LEU A 439 16.82 -12.80 26.04
C LEU A 439 16.04 -13.92 26.66
N ARG A 440 14.75 -13.95 26.42
CA ARG A 440 13.90 -15.03 26.93
C ARG A 440 13.91 -16.21 26.00
N GLY A 441 14.15 -17.39 26.51
CA GLY A 441 14.11 -18.58 25.68
C GLY A 441 15.50 -19.01 25.36
N ALA A 442 15.83 -20.25 25.67
CA ALA A 442 17.16 -20.76 25.37
C ALA A 442 17.08 -22.25 25.34
N PRO A 443 18.06 -22.91 24.69
CA PRO A 443 18.09 -24.37 24.73
C PRO A 443 18.65 -24.92 26.07
N LEU A 444 18.18 -26.10 26.52
CA LEU A 444 18.79 -26.82 27.66
C LEU A 444 19.70 -27.93 27.18
N VAL A 445 19.21 -28.68 26.21
CA VAL A 445 19.89 -29.87 25.73
C VAL A 445 19.83 -29.85 24.20
N VAL A 446 20.93 -30.23 23.57
CA VAL A 446 20.98 -30.29 22.14
C VAL A 446 21.48 -31.68 21.75
N ILE A 447 20.73 -32.32 20.86
CA ILE A 447 21.14 -33.58 20.30
C ILE A 447 21.36 -33.36 18.83
N CYS A 448 22.46 -33.87 18.34
CA CYS A 448 22.79 -33.70 16.97
C CYS A 448 23.32 -35.04 16.56
N GLN A 449 22.83 -35.56 15.43
CA GLN A 449 23.34 -36.81 14.93
C GLN A 449 23.00 -37.93 15.90
N GLY A 450 22.01 -37.69 16.74
CA GLY A 450 21.70 -38.63 17.76
C GLY A 450 22.51 -38.55 19.06
N LYS A 451 23.47 -37.64 19.12
CA LYS A 451 24.41 -37.56 20.23
C LYS A 451 24.17 -36.30 21.05
N ILE A 452 24.31 -36.37 22.37
CA ILE A 452 24.10 -35.22 23.20
C ILE A 452 25.29 -34.34 23.09
N MET A 453 25.10 -33.17 22.52
CA MET A 453 26.21 -32.26 22.31
C MET A 453 26.15 -31.04 23.24
N LEU A 454 25.02 -30.81 23.92
CA LEU A 454 25.02 -29.78 24.96
C LEU A 454 24.14 -30.19 26.10
N GLU A 455 24.67 -30.15 27.30
CA GLU A 455 23.88 -30.42 28.46
C GLU A 455 24.54 -29.75 29.66
N ASP A 456 23.72 -29.17 30.52
CA ASP A 456 24.18 -28.52 31.74
C ASP A 456 25.20 -27.50 31.42
N GLY A 457 25.08 -26.87 30.26
CA GLY A 457 26.00 -25.80 29.90
C GLY A 457 27.36 -26.29 29.46
N ASN A 458 27.47 -27.57 29.16
CA ASN A 458 28.71 -28.11 28.66
C ASN A 458 28.50 -28.61 27.26
N LEU A 459 29.42 -28.25 26.38
CA LEU A 459 29.40 -28.84 25.04
C LEU A 459 30.19 -30.14 25.00
N HIS A 460 29.71 -31.11 24.22
CA HIS A 460 30.41 -32.36 24.00
C HIS A 460 30.44 -32.58 22.49
N VAL A 461 31.45 -32.03 21.85
CA VAL A 461 31.56 -32.10 20.39
C VAL A 461 32.77 -32.90 19.92
N THR A 462 32.78 -33.21 18.64
CA THR A 462 33.85 -33.90 18.00
C THR A 462 34.10 -33.19 16.70
N GLN A 463 35.32 -32.80 16.50
CA GLN A 463 35.72 -32.14 15.29
C GLN A 463 35.67 -33.05 14.04
N GLY A 464 34.93 -32.62 13.02
CA GLY A 464 34.86 -33.34 11.74
C GLY A 464 33.75 -34.35 11.64
N ALA A 465 33.04 -34.52 12.75
CA ALA A 465 31.86 -35.40 12.81
C ALA A 465 30.77 -34.99 11.82
N GLY A 466 30.64 -33.71 11.55
CA GLY A 466 29.66 -33.25 10.61
C GLY A 466 29.79 -33.94 9.25
N ARG A 467 28.65 -34.24 8.64
CA ARG A 467 28.59 -34.69 7.27
C ARG A 467 28.05 -33.60 6.37
N PHE A 468 28.58 -33.55 5.18
CA PHE A 468 27.99 -32.82 4.09
C PHE A 468 26.67 -33.44 3.64
N ILE A 469 25.63 -32.63 3.58
CA ILE A 469 24.33 -33.14 3.12
C ILE A 469 24.12 -32.69 1.68
N PRO A 470 24.09 -33.62 0.71
CA PRO A 470 23.87 -33.16 -0.64
C PRO A 470 22.46 -32.69 -0.79
N CYS A 471 22.28 -31.61 -1.52
CA CYS A 471 20.96 -30.98 -1.71
C CYS A 471 20.58 -31.11 -3.18
N SER A 472 19.57 -31.92 -3.47
CA SER A 472 19.10 -32.05 -4.85
C SER A 472 18.39 -30.79 -5.31
N PRO A 473 18.38 -30.52 -6.62
CA PRO A 473 17.59 -29.44 -7.16
C PRO A 473 16.09 -29.74 -7.27
N PHE A 474 15.34 -28.77 -7.78
CA PHE A 474 13.89 -28.88 -8.01
C PHE A 474 13.08 -29.21 -6.77
N SER A 475 13.26 -28.48 -5.67
CA SER A 475 12.53 -28.90 -4.48
C SER A 475 11.10 -28.58 -4.79
N ASP A 476 10.21 -29.48 -4.45
CA ASP A 476 8.82 -29.23 -4.74
C ASP A 476 8.34 -27.91 -4.17
N TYR A 477 8.78 -27.58 -2.94
CA TYR A 477 8.34 -26.33 -2.28
C TYR A 477 8.58 -25.07 -3.14
N VAL A 478 9.73 -25.03 -3.78
CA VAL A 478 10.10 -23.95 -4.67
C VAL A 478 9.62 -24.05 -6.11
N TYR A 479 9.68 -25.23 -6.72
CA TYR A 479 9.60 -25.39 -8.18
C TYR A 479 8.28 -25.82 -8.80
N LYS A 480 7.32 -26.26 -8.03
CA LYS A 480 6.10 -26.75 -8.62
C LYS A 480 5.36 -25.67 -9.35
N ARG A 481 5.39 -24.46 -8.83
CA ARG A 481 4.71 -23.35 -9.48
C ARG A 481 5.47 -22.83 -10.68
N ILE A 482 6.79 -22.93 -10.59
CA ILE A 482 7.66 -22.60 -11.72
C ILE A 482 7.38 -23.55 -12.88
N LYS A 483 7.28 -24.84 -12.59
CA LYS A 483 7.08 -25.83 -13.66
C LYS A 483 5.77 -25.59 -14.32
N ALA A 484 4.76 -25.29 -13.53
CA ALA A 484 3.42 -25.06 -14.08
C ALA A 484 3.40 -23.85 -15.01
N ARG A 485 4.17 -22.83 -14.67
CA ARG A 485 4.17 -21.60 -15.41
C ARG A 485 4.78 -21.68 -16.75
N ARG A 486 5.80 -22.50 -16.91
CA ARG A 486 6.41 -22.71 -18.20
C ARG A 486 5.43 -23.32 -19.19
N LYS A 487 4.67 -24.25 -18.61
CA LYS A 487 3.72 -25.02 -19.32
C LYS A 487 2.69 -24.08 -19.94
N MET A 488 2.14 -23.22 -19.10
CA MET A 488 1.21 -22.21 -19.58
C MET A 488 1.93 -21.18 -20.40
N ALA A 489 3.23 -21.11 -20.18
CA ALA A 489 4.15 -20.15 -20.75
C ALA A 489 4.24 -20.31 -22.23
N ASP A 490 3.57 -21.31 -22.75
CA ASP A 490 3.16 -21.21 -24.16
C ASP A 490 2.59 -19.83 -24.62
N LEU A 491 2.99 -19.34 -25.81
CA LEU A 491 2.80 -17.95 -26.27
C LEU A 491 1.92 -17.81 -27.49
N HIS A 492 0.91 -16.96 -27.38
CA HIS A 492 -0.06 -16.71 -28.45
C HIS A 492 0.59 -15.89 -29.54
N ALA A 493 0.08 -15.98 -30.75
CA ALA A 493 0.46 -15.07 -31.79
C ALA A 493 -0.81 -14.75 -32.53
N VAL A 494 -0.84 -13.60 -33.18
CA VAL A 494 -1.96 -13.26 -34.02
C VAL A 494 -1.71 -13.77 -35.43
N PRO A 495 -2.70 -14.49 -36.00
CA PRO A 495 -2.51 -14.82 -37.38
C PRO A 495 -3.07 -13.77 -38.34
N ARG A 496 -2.23 -13.29 -39.26
CA ARG A 496 -2.60 -12.30 -40.27
C ARG A 496 -2.35 -12.79 -41.71
N ILE B 12 6.54 41.49 -31.61
CA ILE B 12 5.42 40.83 -30.91
C ILE B 12 4.04 41.33 -31.37
N THR B 13 3.98 42.06 -32.49
CA THR B 13 2.78 42.85 -32.88
C THR B 13 1.53 42.06 -33.28
N SER B 14 0.39 42.50 -32.72
CA SER B 14 -0.90 41.93 -33.03
C SER B 14 -1.93 43.03 -32.90
N ASP B 15 -3.10 42.75 -33.45
CA ASP B 15 -4.21 43.67 -33.30
C ASP B 15 -4.70 43.71 -31.87
N ARG B 16 -5.47 44.74 -31.58
CA ARG B 16 -6.21 44.78 -30.35
C ARG B 16 -7.27 43.71 -30.45
N LEU B 17 -7.62 43.07 -29.34
CA LEU B 17 -8.68 42.07 -29.36
C LEU B 17 -9.44 42.09 -28.03
N LEU B 18 -10.77 42.00 -28.11
CA LEU B 18 -11.60 42.02 -26.92
C LEU B 18 -12.56 40.83 -26.93
N ILE B 19 -12.56 40.12 -25.81
CA ILE B 19 -13.44 38.96 -25.67
C ILE B 19 -14.38 39.26 -24.52
N LYS B 20 -15.68 39.31 -24.84
CA LYS B 20 -16.70 39.69 -23.88
C LYS B 20 -17.58 38.57 -23.40
N GLY B 21 -17.99 38.68 -22.15
CA GLY B 21 -18.97 37.77 -21.53
C GLY B 21 -18.43 36.38 -21.27
N GLY B 22 -17.09 36.26 -21.29
CA GLY B 22 -16.43 35.00 -21.09
C GLY B 22 -16.39 34.59 -19.63
N ARG B 23 -16.31 33.31 -19.40
CA ARG B 23 -16.10 32.79 -18.07
C ARG B 23 -14.70 32.26 -18.02
N ILE B 24 -13.92 32.84 -17.14
CA ILE B 24 -12.49 32.64 -17.18
C ILE B 24 -12.11 31.56 -16.23
N VAL B 25 -11.37 30.59 -16.73
CA VAL B 25 -11.02 29.44 -15.93
C VAL B 25 -9.52 29.29 -15.85
N ASN B 26 -9.00 29.43 -14.66
CA ASN B 26 -7.62 29.33 -14.40
C ASN B 26 -7.55 28.17 -13.47
N ASP B 27 -6.34 27.79 -13.09
CA ASP B 27 -6.18 26.64 -12.24
C ASP B 27 -6.62 26.91 -10.80
N ASP B 28 -6.57 28.16 -10.38
CA ASP B 28 -6.86 28.52 -9.02
C ASP B 28 -8.30 29.00 -8.76
N GLN B 29 -8.99 29.51 -9.78
CA GLN B 29 -10.42 29.87 -9.66
C GLN B 29 -11.08 30.17 -11.02
N SER B 30 -12.40 30.22 -11.02
CA SER B 30 -13.19 30.62 -12.20
C SER B 30 -13.91 31.94 -11.90
N PHE B 31 -14.13 32.78 -12.92
CA PHE B 31 -14.82 34.05 -12.72
C PHE B 31 -15.19 34.72 -14.01
N TYR B 32 -16.26 35.52 -13.95
CA TYR B 32 -16.73 36.23 -15.14
C TYR B 32 -16.05 37.58 -15.29
N ALA B 33 -15.58 37.85 -16.50
CA ALA B 33 -14.93 39.11 -16.79
C ALA B 33 -14.63 39.17 -18.28
N ASP B 34 -14.37 40.36 -18.76
CA ASP B 34 -14.01 40.58 -20.15
C ASP B 34 -12.51 40.65 -20.23
N ILE B 35 -11.94 40.29 -21.38
CA ILE B 35 -10.48 40.31 -21.55
C ILE B 35 -10.09 41.16 -22.74
N TYR B 36 -9.14 42.07 -22.53
CA TYR B 36 -8.68 42.92 -23.60
C TYR B 36 -7.21 42.66 -23.84
N MET B 37 -6.83 42.55 -25.13
CA MET B 37 -5.47 42.11 -25.53
C MET B 37 -4.86 43.04 -26.53
N GLU B 38 -3.54 43.12 -26.56
CA GLU B 38 -2.88 43.98 -27.51
C GLU B 38 -1.45 43.58 -27.57
N ASP B 39 -0.90 43.46 -28.77
CA ASP B 39 0.53 43.23 -28.92
C ASP B 39 1.03 42.03 -28.15
N GLY B 40 0.22 40.97 -28.17
CA GLY B 40 0.64 39.68 -27.69
C GLY B 40 0.48 39.51 -26.21
N LEU B 41 -0.04 40.51 -25.52
CA LEU B 41 -0.16 40.48 -24.08
C LEU B 41 -1.57 40.77 -23.69
N ILE B 42 -2.00 40.18 -22.56
CA ILE B 42 -3.28 40.50 -21.99
C ILE B 42 -3.11 41.79 -21.26
N LYS B 43 -3.99 42.74 -21.57
CA LYS B 43 -3.87 44.09 -21.05
C LYS B 43 -4.82 44.38 -19.91
N GLN B 44 -6.01 43.81 -19.94
CA GLN B 44 -6.99 44.17 -18.96
C GLN B 44 -7.92 43.01 -18.71
N ILE B 45 -8.36 42.87 -17.48
CA ILE B 45 -9.40 41.93 -17.18
C ILE B 45 -10.42 42.57 -16.22
N GLY B 46 -11.71 42.47 -16.54
CA GLY B 46 -12.77 42.90 -15.63
C GLY B 46 -14.01 43.26 -16.40
N ASP B 47 -14.89 44.02 -15.76
CA ASP B 47 -16.14 44.46 -16.43
C ASP B 47 -16.09 45.91 -16.94
N ASN B 48 -16.83 46.17 -18.03
CA ASN B 48 -17.03 47.52 -18.57
C ASN B 48 -15.70 48.13 -18.89
N LEU B 49 -14.90 47.41 -19.65
CA LEU B 49 -13.53 47.82 -19.88
C LEU B 49 -13.50 49.01 -20.83
N ILE B 50 -12.60 49.93 -20.53
CA ILE B 50 -12.50 51.15 -21.28
C ILE B 50 -11.53 50.84 -22.37
N VAL B 51 -11.98 50.95 -23.62
CA VAL B 51 -11.16 50.53 -24.74
C VAL B 51 -11.38 51.32 -26.01
N PRO B 52 -10.38 51.30 -26.92
CA PRO B 52 -10.68 51.92 -28.21
C PRO B 52 -11.89 51.34 -28.96
N GLY B 53 -12.52 52.19 -29.77
CA GLY B 53 -13.68 51.80 -30.53
C GLY B 53 -13.25 51.06 -31.77
N GLY B 54 -14.18 50.28 -32.35
CA GLY B 54 -13.90 49.50 -33.56
C GLY B 54 -12.80 48.46 -33.40
N VAL B 55 -12.60 47.98 -32.17
CA VAL B 55 -11.69 46.87 -31.88
C VAL B 55 -12.44 45.59 -32.18
N LYS B 56 -11.74 44.60 -32.71
CA LYS B 56 -12.40 43.35 -33.05
C LYS B 56 -12.97 42.76 -31.76
N THR B 57 -14.22 42.31 -31.78
CA THR B 57 -14.82 41.80 -30.55
C THR B 57 -15.40 40.42 -30.70
N ILE B 58 -15.10 39.55 -29.74
CA ILE B 58 -15.70 38.23 -29.75
C ILE B 58 -16.67 38.11 -28.59
N GLU B 59 -17.84 37.55 -28.88
CA GLU B 59 -18.86 37.41 -27.89
C GLU B 59 -18.79 35.99 -27.36
N ALA B 60 -18.43 35.85 -26.09
CA ALA B 60 -18.22 34.54 -25.51
C ALA B 60 -19.50 33.93 -24.95
N ASN B 61 -20.42 34.77 -24.48
CA ASN B 61 -21.73 34.28 -24.00
C ASN B 61 -21.62 33.26 -22.92
N GLY B 62 -20.66 33.46 -22.04
CA GLY B 62 -20.56 32.63 -20.86
C GLY B 62 -19.90 31.30 -21.11
N LYS B 63 -19.37 31.08 -22.31
CA LYS B 63 -18.53 29.94 -22.61
C LYS B 63 -17.18 30.16 -21.93
N MET B 64 -16.47 29.05 -21.66
CA MET B 64 -15.22 29.09 -20.93
C MET B 64 -14.10 29.71 -21.75
N VAL B 65 -13.21 30.41 -21.07
CA VAL B 65 -11.98 30.90 -21.66
C VAL B 65 -10.85 30.39 -20.78
N ILE B 66 -9.91 29.66 -21.38
CA ILE B 66 -8.83 29.01 -20.63
C ILE B 66 -7.46 29.37 -21.18
N PRO B 67 -6.39 29.12 -20.41
CA PRO B 67 -5.09 29.31 -20.99
C PRO B 67 -4.92 28.25 -22.02
N GLY B 68 -4.11 28.53 -23.02
CA GLY B 68 -3.93 27.60 -24.11
C GLY B 68 -3.08 26.47 -23.60
N GLY B 69 -3.23 25.31 -24.21
CA GLY B 69 -2.54 24.12 -23.79
C GLY B 69 -1.06 24.29 -24.02
N ILE B 70 -0.26 23.61 -23.20
CA ILE B 70 1.17 23.52 -23.39
C ILE B 70 1.46 22.06 -23.44
N ASP B 71 1.81 21.58 -24.62
CA ASP B 71 2.16 20.20 -24.80
C ASP B 71 3.66 20.07 -24.61
N VAL B 72 4.02 19.44 -23.50
CA VAL B 72 5.38 19.39 -23.08
C VAL B 72 6.19 18.33 -23.76
N HIS B 73 5.60 17.58 -24.69
CA HIS B 73 6.34 16.50 -25.33
C HIS B 73 5.98 16.35 -26.80
N THR B 74 6.86 16.76 -27.71
CA THR B 74 6.61 16.47 -29.10
C THR B 74 7.85 16.00 -29.79
N HIS B 75 7.66 15.35 -30.95
CA HIS B 75 8.75 15.00 -31.86
C HIS B 75 8.37 15.34 -33.32
N TYR B 76 8.39 16.63 -33.64
CA TYR B 76 8.12 17.08 -34.96
C TYR B 76 9.32 16.92 -35.83
N GLN B 77 9.07 16.38 -37.00
CA GLN B 77 10.08 16.17 -38.02
C GLN B 77 11.36 15.67 -37.39
N MET B 78 11.22 14.58 -36.64
CA MET B 78 12.33 14.00 -35.90
C MET B 78 13.09 13.02 -36.79
N PRO B 79 14.44 13.10 -36.79
CA PRO B 79 15.23 12.13 -37.52
C PRO B 79 15.08 10.76 -36.98
N TYR B 80 14.86 9.79 -37.84
CA TYR B 80 15.12 8.40 -37.46
C TYR B 80 15.61 7.68 -38.68
N LYS B 81 16.87 7.27 -38.65
CA LYS B 81 17.40 6.34 -39.65
C LYS B 81 17.05 6.79 -41.05
N GLY B 82 17.40 8.03 -41.40
CA GLY B 82 17.28 8.47 -42.79
C GLY B 82 15.84 8.78 -43.17
N MET B 83 14.97 8.85 -42.17
CA MET B 83 13.60 9.27 -42.38
C MET B 83 13.30 10.37 -41.42
N THR B 84 12.20 11.08 -41.66
CA THR B 84 11.71 12.07 -40.72
C THR B 84 10.29 11.69 -40.40
N THR B 85 9.83 12.03 -39.20
CA THR B 85 8.44 11.82 -38.88
C THR B 85 7.59 12.67 -39.79
N VAL B 86 6.38 12.27 -40.09
CA VAL B 86 5.62 12.93 -41.18
C VAL B 86 5.00 14.31 -40.88
N ASP B 87 4.88 14.65 -39.61
CA ASP B 87 4.37 15.94 -39.20
C ASP B 87 5.53 16.79 -38.76
N ASP B 88 5.80 17.86 -39.52
CA ASP B 88 6.97 18.71 -39.29
C ASP B 88 6.55 19.83 -38.36
N PHE B 89 7.47 20.74 -38.10
CA PHE B 89 7.16 21.83 -37.17
C PHE B 89 6.02 22.70 -37.63
N PHE B 90 5.68 22.64 -38.90
CA PHE B 90 4.59 23.50 -39.33
C PHE B 90 3.25 22.78 -39.22
N GLN B 91 3.19 21.61 -39.83
CA GLN B 91 1.97 20.91 -39.88
C GLN B 91 1.65 20.28 -38.54
N GLY B 92 2.68 20.01 -37.74
CA GLY B 92 2.48 19.50 -36.41
C GLY B 92 1.90 20.51 -35.43
N THR B 93 2.33 21.77 -35.53
CA THR B 93 1.78 22.82 -34.69
C THR B 93 0.42 23.29 -35.14
N LYS B 94 0.07 23.00 -36.39
CA LYS B 94 -1.29 23.29 -36.84
C LYS B 94 -2.18 22.34 -36.10
N ALA B 95 -1.67 21.12 -35.95
CA ALA B 95 -2.41 20.07 -35.26
C ALA B 95 -2.53 20.37 -33.78
N ALA B 96 -1.50 21.01 -33.21
CA ALA B 96 -1.57 21.52 -31.85
C ALA B 96 -2.70 22.54 -31.70
N LEU B 97 -2.63 23.61 -32.49
CA LEU B 97 -3.60 24.69 -32.39
C LEU B 97 -5.02 24.22 -32.66
N ALA B 98 -5.19 23.34 -33.63
CA ALA B 98 -6.50 22.77 -33.90
C ALA B 98 -7.19 22.18 -32.66
N GLY B 99 -6.41 21.64 -31.73
CA GLY B 99 -6.98 20.96 -30.57
C GLY B 99 -6.91 21.78 -29.32
N GLY B 100 -6.46 23.02 -29.44
CA GLY B 100 -6.41 23.94 -28.28
C GLY B 100 -5.05 24.16 -27.64
N THR B 101 -4.02 23.61 -28.24
CA THR B 101 -2.66 23.77 -27.69
C THR B 101 -1.90 24.89 -28.37
N THR B 102 -1.41 25.84 -27.60
CA THR B 102 -0.77 27.04 -28.13
C THR B 102 0.70 27.08 -27.89
N MET B 103 1.25 26.05 -27.26
CA MET B 103 2.71 25.95 -27.16
C MET B 103 3.17 24.52 -27.15
N ILE B 104 4.34 24.27 -27.71
CA ILE B 104 4.90 22.89 -27.69
C ILE B 104 6.35 22.88 -27.17
N ILE B 105 6.78 21.78 -26.57
CA ILE B 105 8.20 21.65 -26.15
C ILE B 105 8.78 20.35 -26.75
N ASP B 106 9.70 20.50 -27.69
CA ASP B 106 10.20 19.39 -28.51
C ASP B 106 11.54 18.84 -28.00
N HIS B 107 11.87 17.64 -28.43
CA HIS B 107 13.08 16.98 -27.99
C HIS B 107 14.17 17.01 -29.05
N VAL B 108 15.24 17.74 -28.75
CA VAL B 108 16.42 17.76 -29.60
C VAL B 108 17.10 16.41 -29.37
N VAL B 109 17.43 15.71 -30.46
CA VAL B 109 18.02 14.38 -30.37
C VAL B 109 19.34 14.32 -31.13
N PRO B 110 20.44 14.48 -30.44
CA PRO B 110 21.74 14.41 -31.10
C PRO B 110 22.17 13.01 -31.35
N GLU B 111 22.93 12.81 -32.41
CA GLU B 111 23.40 11.49 -32.72
C GLU B 111 24.47 11.12 -31.72
N PRO B 112 24.58 9.82 -31.32
CA PRO B 112 25.62 9.59 -30.33
C PRO B 112 26.96 10.01 -30.90
N GLU B 113 27.71 10.75 -30.11
CA GLU B 113 29.00 11.29 -30.49
C GLU B 113 28.83 12.55 -31.30
N SER B 114 27.58 12.93 -31.56
CA SER B 114 27.29 14.18 -32.23
C SER B 114 27.28 15.27 -31.18
N SER B 115 27.25 16.53 -31.62
CA SER B 115 27.32 17.64 -30.70
C SER B 115 25.93 18.08 -30.28
N LEU B 116 25.79 18.33 -28.98
CA LEU B 116 24.51 18.74 -28.45
C LEU B 116 24.17 20.09 -29.00
N THR B 117 25.14 20.99 -28.95
CA THR B 117 24.85 22.35 -29.34
C THR B 117 24.54 22.41 -30.81
N GLU B 118 25.28 21.66 -31.62
CA GLU B 118 25.01 21.61 -33.05
C GLU B 118 23.61 21.14 -33.33
N ALA B 119 23.16 20.16 -32.56
CA ALA B 119 21.82 19.61 -32.77
C ALA B 119 20.75 20.63 -32.37
N TYR B 120 21.05 21.38 -31.31
CA TYR B 120 20.20 22.46 -30.88
C TYR B 120 20.06 23.56 -31.96
N GLU B 121 21.17 23.96 -32.57
CA GLU B 121 21.16 25.00 -33.59
C GLU B 121 20.25 24.56 -34.70
N LYS B 122 20.41 23.31 -35.05
CA LYS B 122 19.70 22.72 -36.14
C LYS B 122 18.23 22.68 -35.84
N TRP B 123 17.90 22.32 -34.62
CA TRP B 123 16.49 22.21 -34.22
C TRP B 123 15.88 23.59 -34.16
N ARG B 124 16.67 24.56 -33.74
CA ARG B 124 16.21 25.93 -33.72
C ARG B 124 15.90 26.44 -35.11
N GLU B 125 16.75 26.08 -36.05
CA GLU B 125 16.53 26.53 -37.40
C GLU B 125 15.24 25.95 -37.95
N TRP B 126 15.01 24.66 -37.71
CA TRP B 126 13.82 24.00 -38.22
C TRP B 126 12.60 24.66 -37.65
N ALA B 127 12.64 24.94 -36.36
CA ALA B 127 11.46 25.42 -35.64
C ALA B 127 11.19 26.89 -35.87
N ASP B 128 12.24 27.70 -35.82
CA ASP B 128 12.11 29.13 -35.98
C ASP B 128 11.46 29.36 -37.28
N GLY B 129 11.90 28.58 -38.27
CA GLY B 129 11.41 28.69 -39.63
C GLY B 129 9.99 28.23 -39.92
N LYS B 130 9.48 27.23 -39.21
CA LYS B 130 8.17 26.61 -39.55
C LYS B 130 7.03 26.68 -38.51
N SER B 131 7.37 26.73 -37.22
CA SER B 131 6.38 26.66 -36.16
C SER B 131 5.34 27.79 -36.14
N CYS B 132 4.07 27.40 -36.10
CA CYS B 132 2.96 28.32 -35.97
C CYS B 132 2.84 29.06 -34.67
N CYS B 133 3.41 28.52 -33.59
CA CYS B 133 3.19 29.01 -32.22
C CYS B 133 4.47 28.98 -31.43
N ASP B 134 4.43 29.53 -30.22
CA ASP B 134 5.63 29.57 -29.44
C ASP B 134 6.04 28.16 -29.10
N TYR B 135 7.31 28.00 -28.79
CA TYR B 135 7.83 26.71 -28.43
C TYR B 135 9.08 26.82 -27.55
N ALA B 136 9.49 25.68 -27.00
CA ALA B 136 10.77 25.57 -26.33
C ALA B 136 11.27 24.15 -26.57
N LEU B 137 12.42 23.81 -25.99
CA LEU B 137 13.13 22.60 -26.38
C LEU B 137 13.71 21.90 -25.18
N HIS B 138 13.55 20.58 -25.15
CA HIS B 138 14.28 19.71 -24.26
C HIS B 138 15.48 19.27 -25.04
N VAL B 139 16.58 18.94 -24.37
CA VAL B 139 17.71 18.40 -25.10
C VAL B 139 18.02 17.01 -24.59
N ASP B 140 18.07 16.03 -25.48
CA ASP B 140 18.31 14.65 -25.06
C ASP B 140 19.77 14.36 -24.96
N ILE B 141 20.18 13.77 -23.86
CA ILE B 141 21.57 13.42 -23.67
C ILE B 141 21.76 11.95 -24.04
N THR B 142 22.21 11.72 -25.27
CA THR B 142 22.24 10.39 -25.82
C THR B 142 23.60 9.75 -25.65
N HIS B 143 24.54 10.44 -25.04
CA HIS B 143 25.81 9.84 -24.68
C HIS B 143 26.42 10.79 -23.71
N TRP B 144 27.46 10.39 -23.02
CA TRP B 144 27.91 11.21 -21.93
C TRP B 144 29.39 11.18 -21.80
N ASN B 145 30.00 12.34 -21.77
CA ASN B 145 31.41 12.45 -21.60
C ASN B 145 31.68 13.90 -21.38
N ASP B 146 32.96 14.20 -21.24
CA ASP B 146 33.34 15.46 -20.69
C ASP B 146 32.89 16.64 -21.51
N SER B 147 32.95 16.51 -22.83
CA SER B 147 32.52 17.64 -23.67
C SER B 147 31.01 17.82 -23.58
N VAL B 148 30.28 16.72 -23.39
CA VAL B 148 28.86 16.80 -23.33
C VAL B 148 28.48 17.59 -22.09
N LYS B 149 29.16 17.30 -21.00
CA LYS B 149 28.89 17.97 -19.74
C LYS B 149 29.11 19.45 -19.90
N GLN B 150 30.08 19.84 -20.74
CA GLN B 150 30.30 21.24 -20.97
C GLN B 150 29.18 21.86 -21.83
N GLU B 151 28.72 21.12 -22.83
CA GLU B 151 27.65 21.66 -23.64
C GLU B 151 26.41 21.89 -22.82
N VAL B 152 26.14 20.96 -21.91
CA VAL B 152 24.94 21.05 -21.07
C VAL B 152 24.94 22.36 -20.32
N GLN B 153 26.09 22.64 -19.73
CA GLN B 153 26.25 23.87 -18.98
C GLN B 153 26.03 25.11 -19.82
N ASN B 154 26.55 25.07 -21.03
CA ASN B 154 26.43 26.18 -21.96
C ASN B 154 25.01 26.37 -22.47
N LEU B 155 24.32 25.28 -22.69
CA LEU B 155 22.94 25.37 -23.10
C LEU B 155 22.07 26.00 -22.03
N ILE B 156 22.29 25.65 -20.78
CA ILE B 156 21.52 26.27 -19.69
C ILE B 156 21.90 27.75 -19.47
N LYS B 157 23.19 28.06 -19.56
CA LYS B 157 23.60 29.45 -19.41
C LYS B 157 23.25 30.34 -20.58
N ASP B 158 23.46 29.90 -21.80
CA ASP B 158 23.39 30.83 -22.92
C ASP B 158 22.25 30.54 -23.86
N LYS B 159 21.59 29.39 -23.74
CA LYS B 159 20.71 28.96 -24.82
C LYS B 159 19.25 28.72 -24.48
N GLY B 160 18.86 29.04 -23.26
CA GLY B 160 17.45 28.98 -22.88
C GLY B 160 16.88 27.59 -22.75
N VAL B 161 17.78 26.63 -22.53
CA VAL B 161 17.37 25.25 -22.17
C VAL B 161 17.43 25.05 -20.66
N ASN B 162 16.42 24.41 -20.07
CA ASN B 162 16.49 23.96 -18.68
C ASN B 162 16.05 22.52 -18.43
N SER B 163 15.94 21.73 -19.51
CA SER B 163 15.41 20.38 -19.41
C SER B 163 16.19 19.42 -20.32
N PHE B 164 16.71 18.31 -19.77
CA PHE B 164 17.44 17.31 -20.50
C PHE B 164 16.92 15.91 -20.21
N MET B 165 16.95 15.01 -21.20
CA MET B 165 16.35 13.68 -21.04
C MET B 165 17.37 12.61 -21.20
N VAL B 166 17.45 11.69 -20.23
CA VAL B 166 18.33 10.55 -20.44
C VAL B 166 17.53 9.32 -20.77
N TYR B 167 18.22 8.30 -21.27
CA TYR B 167 17.54 7.09 -21.70
C TYR B 167 18.05 5.98 -20.87
N MET B 168 17.13 5.22 -20.32
CA MET B 168 17.54 3.99 -19.61
C MET B 168 17.25 2.78 -20.48
N ALA B 169 16.77 3.02 -21.70
CA ALA B 169 16.43 1.98 -22.61
C ALA B 169 17.38 2.06 -23.79
N TYR B 170 17.08 1.32 -24.85
CA TYR B 170 17.85 1.38 -26.13
C TYR B 170 19.29 0.99 -25.96
N LYS B 171 19.47 -0.21 -25.42
CA LYS B 171 20.80 -0.73 -25.09
C LYS B 171 21.71 -0.70 -26.31
N ASP B 172 22.91 -0.16 -26.13
CA ASP B 172 23.88 -0.05 -27.23
C ASP B 172 23.49 1.03 -28.26
N LEU B 173 22.56 1.89 -27.89
CA LEU B 173 22.23 3.01 -28.72
C LEU B 173 22.34 4.28 -27.88
N TYR B 174 21.40 4.45 -26.95
CA TYR B 174 21.45 5.60 -26.08
C TYR B 174 21.62 5.26 -24.64
N GLN B 175 21.55 3.98 -24.31
CA GLN B 175 21.37 3.57 -22.91
C GLN B 175 22.55 4.01 -22.03
N VAL B 176 22.27 4.34 -20.78
CA VAL B 176 23.30 4.81 -19.87
C VAL B 176 23.40 3.93 -18.64
N SER B 177 24.61 3.80 -18.11
CA SER B 177 24.85 2.98 -16.90
C SER B 177 24.38 3.74 -15.63
N ASN B 178 24.34 3.03 -14.51
CA ASN B 178 23.95 3.63 -13.24
C ASN B 178 24.97 4.67 -12.77
N THR B 179 26.23 4.42 -13.04
CA THR B 179 27.22 5.42 -12.71
C THR B 179 26.91 6.70 -13.50
N GLU B 180 26.70 6.54 -14.81
CA GLU B 180 26.42 7.71 -15.67
C GLU B 180 25.17 8.47 -15.20
N LEU B 181 24.10 7.75 -14.91
CA LEU B 181 22.90 8.37 -14.33
C LEU B 181 23.19 9.24 -13.13
N TYR B 182 24.04 8.73 -12.25
CA TYR B 182 24.37 9.38 -11.01
C TYR B 182 25.12 10.68 -11.27
N GLU B 183 26.00 10.63 -12.24
CA GLU B 183 26.86 11.76 -12.60
C GLU B 183 26.07 12.82 -13.33
N ILE B 184 25.13 12.38 -14.14
CA ILE B 184 24.30 13.30 -14.86
C ILE B 184 23.31 13.96 -13.95
N PHE B 185 22.68 13.19 -13.04
CA PHE B 185 21.71 13.81 -12.14
C PHE B 185 22.44 14.78 -11.19
N THR B 186 23.64 14.43 -10.79
CA THR B 186 24.41 15.31 -9.92
C THR B 186 24.67 16.62 -10.63
N CYS B 187 25.04 16.55 -11.89
CA CYS B 187 25.35 17.74 -12.71
C CYS B 187 24.11 18.60 -12.95
N LEU B 188 23.05 18.00 -13.50
CA LEU B 188 21.81 18.73 -13.79
C LEU B 188 21.20 19.36 -12.55
N GLY B 189 21.34 18.68 -11.40
CA GLY B 189 20.84 19.22 -10.13
C GLY B 189 21.63 20.42 -9.71
N GLU B 190 22.94 20.36 -9.94
CA GLU B 190 23.83 21.46 -9.57
C GLU B 190 23.58 22.65 -10.45
N LEU B 191 23.23 22.38 -11.68
CA LEU B 191 22.97 23.43 -12.65
C LEU B 191 21.55 23.97 -12.64
N GLY B 192 20.61 23.35 -11.93
CA GLY B 192 19.22 23.85 -11.84
C GLY B 192 18.26 23.35 -12.90
N ALA B 193 18.61 22.23 -13.53
CA ALA B 193 17.83 21.70 -14.64
C ALA B 193 16.90 20.66 -14.18
N ILE B 194 15.99 20.31 -15.06
CA ILE B 194 15.09 19.19 -14.81
C ILE B 194 15.72 17.97 -15.47
N ALA B 195 15.86 16.88 -14.72
CA ALA B 195 16.29 15.63 -15.30
C ALA B 195 15.06 14.83 -15.70
N GLN B 196 14.91 14.66 -17.00
CA GLN B 196 13.88 13.77 -17.56
C GLN B 196 14.44 12.38 -17.83
N VAL B 197 13.58 11.37 -17.82
CA VAL B 197 14.00 10.02 -18.10
C VAL B 197 13.02 9.33 -19.07
N HIS B 198 13.57 8.57 -20.04
CA HIS B 198 12.85 7.50 -20.70
C HIS B 198 13.13 6.27 -19.85
N ALA B 199 12.17 5.85 -19.04
CA ALA B 199 12.43 4.90 -17.96
C ALA B 199 11.96 3.52 -18.31
N GLU B 200 12.86 2.72 -18.86
CA GLU B 200 12.55 1.38 -19.27
C GLU B 200 13.84 0.66 -19.24
N ASN B 201 13.82 -0.61 -18.89
CA ASN B 201 15.09 -1.30 -18.73
C ASN B 201 15.52 -1.92 -20.04
N GLY B 202 16.41 -1.25 -20.74
CA GLY B 202 16.85 -1.70 -22.06
C GLY B 202 17.55 -3.03 -22.07
N ASP B 203 18.26 -3.33 -20.99
CA ASP B 203 18.96 -4.63 -20.87
C ASP B 203 18.03 -5.82 -20.91
N ILE B 204 16.93 -5.78 -20.15
CA ILE B 204 15.98 -6.87 -20.14
C ILE B 204 15.13 -6.93 -21.43
N ILE B 205 14.81 -5.76 -21.98
CA ILE B 205 13.99 -5.70 -23.19
C ILE B 205 14.77 -6.37 -24.31
N ALA B 206 16.05 -6.06 -24.43
CA ALA B 206 16.84 -6.74 -25.44
C ALA B 206 16.65 -8.23 -25.35
N GLN B 207 16.58 -8.79 -24.16
CA GLN B 207 16.44 -10.24 -24.04
C GLN B 207 15.08 -10.75 -24.35
N GLU B 208 14.06 -10.09 -23.83
CA GLU B 208 12.74 -10.42 -24.14
C GLU B 208 12.37 -10.22 -25.62
N GLN B 209 13.01 -9.32 -26.33
CA GLN B 209 12.75 -9.19 -27.77
C GLN B 209 13.25 -10.41 -28.53
N THR B 210 14.48 -10.79 -28.22
CA THR B 210 15.07 -11.93 -28.81
C THR B 210 14.27 -13.17 -28.51
N ARG B 211 13.80 -13.32 -27.28
CA ARG B 211 12.96 -14.43 -26.96
C ARG B 211 11.60 -14.45 -27.71
N MET B 212 10.98 -13.30 -27.92
CA MET B 212 9.75 -13.21 -28.70
C MET B 212 9.96 -13.51 -30.17
N LEU B 213 11.10 -13.08 -30.72
CA LEU B 213 11.45 -13.41 -32.09
C LEU B 213 11.77 -14.92 -32.23
N GLU B 214 12.49 -15.49 -31.28
CA GLU B 214 12.73 -16.97 -31.28
C GLU B 214 11.45 -17.77 -31.17
N MET B 215 10.45 -17.15 -30.59
CA MET B 215 9.12 -17.71 -30.49
C MET B 215 8.27 -17.34 -31.71
N GLY B 216 8.87 -16.66 -32.69
CA GLY B 216 8.18 -16.33 -33.93
C GLY B 216 6.99 -15.43 -33.75
N ILE B 217 7.11 -14.51 -32.81
CA ILE B 217 6.10 -13.46 -32.65
C ILE B 217 6.72 -12.17 -33.21
N THR B 218 6.60 -11.99 -34.50
CA THR B 218 7.20 -10.83 -35.15
C THR B 218 6.24 -9.66 -35.35
N GLY B 219 4.95 -9.90 -35.14
CA GLY B 219 3.96 -8.84 -35.28
C GLY B 219 4.07 -7.82 -34.15
N PRO B 220 3.26 -6.77 -34.22
CA PRO B 220 3.30 -5.73 -33.21
C PRO B 220 2.98 -6.21 -31.81
N GLU B 221 2.20 -7.26 -31.66
CA GLU B 221 1.95 -7.84 -30.32
C GLU B 221 3.25 -8.19 -29.58
N GLY B 222 4.31 -8.48 -30.33
CA GLY B 222 5.60 -8.77 -29.72
C GLY B 222 6.31 -7.54 -29.20
N HIS B 223 5.92 -6.39 -29.68
CA HIS B 223 6.47 -5.18 -29.12
C HIS B 223 6.00 -5.02 -27.65
N VAL B 224 4.69 -5.07 -27.45
CA VAL B 224 4.12 -4.88 -26.13
C VAL B 224 4.53 -6.03 -25.21
N LEU B 225 4.61 -7.23 -25.74
CA LEU B 225 4.92 -8.40 -24.92
C LEU B 225 6.38 -8.44 -24.56
N SER B 226 7.22 -7.69 -25.27
CA SER B 226 8.63 -7.70 -24.94
C SER B 226 8.99 -6.56 -24.02
N ARG B 227 8.00 -5.73 -23.69
CA ARG B 227 8.23 -4.67 -22.73
C ARG B 227 7.09 -4.64 -21.79
N PRO B 228 6.94 -5.68 -20.97
CA PRO B 228 5.78 -5.63 -20.07
C PRO B 228 6.01 -4.55 -19.05
N GLU B 229 4.98 -4.13 -18.33
CA GLU B 229 5.09 -2.95 -17.52
C GLU B 229 6.06 -3.15 -16.33
N GLU B 230 6.34 -4.39 -15.94
CA GLU B 230 7.29 -4.70 -14.89
C GLU B 230 8.60 -3.98 -15.12
N LEU B 231 8.95 -3.82 -16.39
CA LEU B 231 10.26 -3.25 -16.77
C LEU B 231 10.25 -1.76 -16.88
N GLU B 232 9.07 -1.17 -17.04
CA GLU B 232 8.92 0.27 -16.97
C GLU B 232 9.05 0.60 -15.49
N ALA B 233 8.28 -0.08 -14.68
CA ALA B 233 8.34 0.04 -13.21
C ALA B 233 9.76 0.00 -12.66
N GLU B 234 10.53 -0.97 -13.07
CA GLU B 234 11.86 -1.13 -12.50
C GLU B 234 12.72 0.07 -12.81
N ALA B 235 12.68 0.49 -14.05
CA ALA B 235 13.47 1.64 -14.50
C ALA B 235 13.08 2.89 -13.74
N VAL B 236 11.80 3.12 -13.56
CA VAL B 236 11.32 4.25 -12.75
C VAL B 236 11.81 4.15 -11.28
N PHE B 237 11.63 3.02 -10.62
CA PHE B 237 12.16 2.86 -9.29
C PHE B 237 13.67 3.17 -9.16
N ARG B 238 14.45 2.60 -10.03
CA ARG B 238 15.85 2.96 -10.07
C ARG B 238 16.11 4.46 -10.28
N ALA B 239 15.36 5.12 -11.20
CA ALA B 239 15.63 6.54 -11.51
C ALA B 239 15.31 7.38 -10.34
N ILE B 240 14.18 7.07 -9.72
CA ILE B 240 13.72 7.80 -8.52
C ILE B 240 14.77 7.65 -7.42
N THR B 241 15.32 6.44 -7.29
CA THR B 241 16.31 6.17 -6.25
C THR B 241 17.52 7.03 -6.46
N ILE B 242 18.01 7.05 -7.68
CA ILE B 242 19.26 7.74 -7.96
C ILE B 242 19.02 9.24 -7.90
N ALA B 243 17.88 9.70 -8.43
CA ALA B 243 17.56 11.12 -8.32
C ALA B 243 17.51 11.58 -6.88
N SER B 244 17.00 10.70 -6.01
CA SER B 244 16.94 11.01 -4.57
C SER B 244 18.32 11.03 -3.90
N GLN B 245 19.21 10.08 -4.23
CA GLN B 245 20.59 10.14 -3.68
C GLN B 245 21.37 11.37 -4.11
N THR B 246 21.05 11.91 -5.30
CA THR B 246 21.80 13.01 -5.88
C THR B 246 21.02 14.31 -5.75
N ASN B 247 19.91 14.28 -5.03
CA ASN B 247 19.13 15.46 -4.75
C ASN B 247 18.83 16.27 -6.06
N CYS B 248 18.35 15.52 -7.07
CA CYS B 248 18.01 16.06 -8.35
C CYS B 248 16.53 15.87 -8.59
N PRO B 249 15.87 16.87 -9.16
CA PRO B 249 14.46 16.62 -9.52
C PRO B 249 14.43 15.70 -10.70
N LEU B 250 13.45 14.80 -10.69
CA LEU B 250 13.22 13.83 -11.72
C LEU B 250 11.86 14.06 -12.36
N TYR B 251 11.79 13.78 -13.67
CA TYR B 251 10.58 13.92 -14.48
C TYR B 251 10.46 12.66 -15.36
N VAL B 252 9.40 11.90 -15.14
CA VAL B 252 9.22 10.67 -15.82
C VAL B 252 8.33 10.95 -17.00
N THR B 253 8.86 10.70 -18.20
CA THR B 253 8.12 10.95 -19.41
C THR B 253 7.30 9.74 -19.79
N LYS B 254 6.23 10.00 -20.52
CA LYS B 254 5.44 8.97 -21.12
C LYS B 254 5.05 7.88 -20.14
N VAL B 255 4.27 8.26 -19.14
CA VAL B 255 3.84 7.31 -18.16
C VAL B 255 2.70 6.51 -18.77
N MET B 256 2.89 5.19 -18.97
CA MET B 256 1.90 4.40 -19.67
C MET B 256 1.24 3.33 -18.81
N SER B 257 1.93 2.88 -17.75
CA SER B 257 1.35 1.84 -16.93
C SER B 257 0.89 2.30 -15.57
N LYS B 258 0.00 1.51 -14.99
CA LYS B 258 -0.46 1.79 -13.61
C LYS B 258 0.67 1.63 -12.63
N SER B 259 1.48 0.57 -12.74
CA SER B 259 2.52 0.34 -11.78
C SER B 259 3.55 1.47 -11.82
N ALA B 260 3.84 2.01 -13.00
CA ALA B 260 4.77 3.18 -13.07
C ALA B 260 4.20 4.40 -12.36
N ALA B 261 2.91 4.65 -12.58
CA ALA B 261 2.21 5.76 -11.90
C ALA B 261 2.04 5.56 -10.40
N ASP B 262 1.88 4.33 -9.95
CA ASP B 262 1.90 4.10 -8.49
C ASP B 262 3.21 4.47 -7.91
N LEU B 263 4.30 4.16 -8.58
CA LEU B 263 5.60 4.39 -7.98
C LEU B 263 5.84 5.86 -7.81
N ILE B 264 5.36 6.65 -8.77
CA ILE B 264 5.55 8.08 -8.72
C ILE B 264 4.70 8.66 -7.58
N SER B 265 3.49 8.15 -7.46
CA SER B 265 2.59 8.57 -6.42
C SER B 265 3.21 8.24 -5.09
N GLN B 266 3.75 7.04 -5.00
CA GLN B 266 4.33 6.55 -3.80
C GLN B 266 5.55 7.40 -3.47
N ALA B 267 6.34 7.82 -4.47
CA ALA B 267 7.57 8.60 -4.20
C ALA B 267 7.26 10.01 -3.78
N ARG B 268 6.24 10.61 -4.38
CA ARG B 268 5.85 11.96 -3.98
C ARG B 268 5.39 11.99 -2.53
N LYS B 269 4.74 10.96 -2.07
CA LYS B 269 4.11 11.01 -0.73
C LYS B 269 5.18 10.97 0.32
N LYS B 270 6.25 10.23 0.00
CA LYS B 270 7.47 10.13 0.80
C LYS B 270 8.23 11.40 0.81
N GLY B 271 7.90 12.36 -0.07
CA GLY B 271 8.61 13.61 -0.17
C GLY B 271 9.62 13.73 -1.29
N ASN B 272 9.84 12.70 -2.08
CA ASN B 272 10.73 12.87 -3.22
C ASN B 272 10.21 13.89 -4.24
N VAL B 273 11.13 14.67 -4.87
CA VAL B 273 10.74 15.58 -5.97
C VAL B 273 10.71 14.89 -7.28
N VAL B 274 9.51 14.41 -7.64
CA VAL B 274 9.30 13.61 -8.88
C VAL B 274 8.07 14.09 -9.60
N PHE B 275 8.14 14.20 -10.91
CA PHE B 275 6.96 14.51 -11.71
C PHE B 275 6.71 13.40 -12.66
N GLY B 276 5.43 13.23 -13.03
CA GLY B 276 5.04 12.23 -14.01
C GLY B 276 4.20 12.79 -15.15
N GLU B 277 4.57 12.42 -16.37
CA GLU B 277 3.95 12.93 -17.61
C GLU B 277 3.16 11.87 -18.38
N PRO B 278 1.89 11.63 -18.05
CA PRO B 278 1.15 10.78 -18.97
C PRO B 278 1.04 11.46 -20.32
N ILE B 279 0.68 10.69 -21.35
CA ILE B 279 0.45 11.22 -22.68
C ILE B 279 -0.94 10.85 -23.21
N THR B 280 -1.37 11.55 -24.26
CA THR B 280 -2.76 11.35 -24.78
C THR B 280 -3.12 9.89 -24.91
N ALA B 281 -2.19 9.14 -25.49
CA ALA B 281 -2.37 7.73 -25.73
C ALA B 281 -2.73 6.96 -24.48
N SER B 282 -1.95 7.11 -23.41
CA SER B 282 -2.22 6.35 -22.16
C SER B 282 -3.45 6.83 -21.48
N LEU B 283 -3.82 8.09 -21.74
CA LEU B 283 -4.98 8.68 -21.08
C LEU B 283 -6.27 8.35 -21.79
N GLY B 284 -6.19 8.02 -23.08
CA GLY B 284 -7.41 7.89 -23.93
C GLY B 284 -7.76 6.48 -24.43
N ILE B 285 -6.74 5.65 -24.62
CA ILE B 285 -6.94 4.30 -25.15
C ILE B 285 -6.04 3.28 -24.47
N ASP B 286 -6.27 2.00 -24.77
CA ASP B 286 -5.42 0.97 -24.22
C ASP B 286 -4.83 0.12 -25.30
N GLY B 287 -4.11 -0.91 -24.89
CA GLY B 287 -3.23 -1.63 -25.79
C GLY B 287 -3.76 -2.90 -26.44
N THR B 288 -5.06 -3.17 -26.35
CA THR B 288 -5.57 -4.39 -26.91
C THR B 288 -5.39 -4.39 -28.41
N HIS B 289 -5.13 -3.23 -29.00
CA HIS B 289 -5.09 -3.15 -30.45
C HIS B 289 -3.78 -3.61 -31.09
N TYR B 290 -2.76 -3.91 -30.28
CA TYR B 290 -1.60 -4.65 -30.83
C TYR B 290 -2.00 -6.02 -31.31
N TRP B 291 -3.14 -6.51 -30.84
CA TRP B 291 -3.65 -7.83 -31.25
C TRP B 291 -4.61 -7.81 -32.45
N SER B 292 -4.85 -6.64 -33.02
CA SER B 292 -5.71 -6.48 -34.20
C SER B 292 -5.14 -7.28 -35.37
N LYS B 293 -6.05 -7.89 -36.12
CA LYS B 293 -5.71 -8.68 -37.29
C LYS B 293 -5.13 -7.77 -38.39
N ASN B 294 -5.58 -6.53 -38.44
CA ASN B 294 -5.10 -5.57 -39.40
C ASN B 294 -3.69 -5.17 -38.95
N TRP B 295 -2.68 -5.57 -39.70
CA TRP B 295 -1.32 -5.31 -39.27
C TRP B 295 -1.01 -3.84 -39.14
N ALA B 296 -1.46 -3.01 -40.07
CA ALA B 296 -1.04 -1.60 -40.04
C ALA B 296 -1.65 -0.85 -38.88
N LYS B 297 -2.86 -1.23 -38.50
CA LYS B 297 -3.55 -0.63 -37.36
C LYS B 297 -2.78 -0.98 -36.10
N ALA B 298 -2.45 -2.25 -35.92
CA ALA B 298 -1.61 -2.64 -34.77
C ALA B 298 -0.29 -1.85 -34.71
N ALA B 299 0.37 -1.66 -35.83
CA ALA B 299 1.66 -0.95 -35.84
C ALA B 299 1.49 0.53 -35.58
N ALA B 300 0.28 1.04 -35.79
CA ALA B 300 0.02 2.47 -35.54
C ALA B 300 0.16 2.79 -34.03
N PHE B 301 -0.04 1.76 -33.19
CA PHE B 301 0.05 1.85 -31.74
C PHE B 301 1.46 1.59 -31.20
N VAL B 302 2.40 1.21 -32.05
CA VAL B 302 3.73 0.90 -31.57
C VAL B 302 4.45 2.17 -31.14
N THR B 303 4.69 2.27 -29.85
CA THR B 303 5.31 3.45 -29.23
C THR B 303 5.91 2.90 -27.95
N SER B 304 6.90 3.58 -27.39
CA SER B 304 7.60 3.01 -26.23
C SER B 304 7.69 4.02 -25.10
N PRO B 305 7.18 3.67 -23.91
CA PRO B 305 6.72 2.35 -23.61
C PRO B 305 5.40 2.14 -24.25
N PRO B 306 4.96 0.87 -24.31
CA PRO B 306 3.75 0.65 -25.08
C PRO B 306 2.50 0.95 -24.30
N LEU B 307 1.37 1.07 -25.00
CA LEU B 307 0.07 1.10 -24.35
C LEU B 307 -0.07 -0.21 -23.57
N SER B 308 -0.64 -0.16 -22.37
CA SER B 308 -0.81 -1.34 -21.58
C SER B 308 -1.97 -2.16 -22.12
N PRO B 309 -1.85 -3.49 -22.14
CA PRO B 309 -3.01 -4.35 -22.50
C PRO B 309 -4.09 -4.43 -21.48
N ASP B 310 -3.83 -3.89 -20.29
CA ASP B 310 -4.79 -3.97 -19.20
C ASP B 310 -5.72 -2.85 -19.48
N PRO B 311 -6.95 -3.15 -19.87
CA PRO B 311 -7.92 -2.12 -20.27
C PRO B 311 -8.41 -1.19 -19.13
N THR B 312 -8.18 -1.54 -17.86
CA THR B 312 -8.45 -0.65 -16.69
C THR B 312 -7.45 0.50 -16.59
N THR B 313 -6.38 0.46 -17.41
CA THR B 313 -5.30 1.44 -17.34
C THR B 313 -5.67 2.87 -17.68
N PRO B 314 -6.46 3.14 -18.75
CA PRO B 314 -6.70 4.58 -19.02
C PRO B 314 -7.46 5.24 -17.91
N ASP B 315 -8.37 4.52 -17.30
CA ASP B 315 -9.17 5.09 -16.24
C ASP B 315 -8.32 5.43 -15.02
N TYR B 316 -7.41 4.55 -14.67
CA TYR B 316 -6.55 4.73 -13.52
C TYR B 316 -5.58 5.85 -13.77
N ILE B 317 -5.08 6.00 -14.98
CA ILE B 317 -4.15 7.10 -15.27
C ILE B 317 -4.83 8.42 -15.19
N ASN B 318 -6.07 8.51 -15.64
CA ASN B 318 -6.84 9.76 -15.49
C ASN B 318 -7.13 10.03 -14.05
N SER B 319 -7.40 8.99 -13.29
CA SER B 319 -7.64 9.12 -11.82
C SER B 319 -6.47 9.68 -11.08
N LEU B 320 -5.26 9.31 -11.47
CA LEU B 320 -4.08 9.85 -10.81
C LEU B 320 -3.66 11.22 -11.31
N LEU B 321 -3.98 11.51 -12.54
CA LEU B 321 -3.75 12.86 -13.05
C LEU B 321 -4.71 13.78 -12.33
N ALA B 322 -5.91 13.28 -12.03
CA ALA B 322 -6.96 14.07 -11.32
C ALA B 322 -6.53 14.35 -9.94
N SER B 323 -5.94 13.35 -9.29
CA SER B 323 -5.50 13.50 -7.90
C SER B 323 -4.19 14.27 -7.74
N GLY B 324 -3.53 14.65 -8.81
CA GLY B 324 -2.25 15.40 -8.70
C GLY B 324 -1.00 14.52 -8.52
N ASP B 325 -1.19 13.20 -8.58
CA ASP B 325 -0.11 12.21 -8.43
C ASP B 325 0.67 12.13 -9.72
N LEU B 326 -0.02 12.48 -10.81
CA LEU B 326 0.61 12.88 -12.07
C LEU B 326 0.20 14.31 -12.25
N GLN B 327 1.11 15.13 -12.75
CA GLN B 327 0.95 16.57 -12.68
C GLN B 327 0.58 17.21 -13.99
N LEU B 328 0.93 16.60 -15.11
CA LEU B 328 0.86 17.28 -16.41
C LEU B 328 0.78 16.28 -17.57
N SER B 329 0.27 16.76 -18.71
CA SER B 329 0.11 15.91 -19.86
C SER B 329 0.85 16.46 -21.09
N GLY B 330 1.33 15.56 -21.93
CA GLY B 330 1.87 15.89 -23.23
C GLY B 330 1.33 14.86 -24.18
N SER B 331 1.85 14.81 -25.40
CA SER B 331 1.37 13.83 -26.40
C SER B 331 2.44 12.88 -26.89
N ALA B 332 3.69 13.30 -26.85
CA ALA B 332 4.80 12.54 -27.47
C ALA B 332 4.59 12.26 -28.94
N HIS B 333 4.12 13.25 -29.67
CA HIS B 333 3.68 13.11 -31.03
C HIS B 333 4.85 12.76 -31.87
N CYS B 334 4.76 11.58 -32.48
CA CYS B 334 5.79 11.06 -33.36
C CYS B 334 4.99 10.33 -34.37
N THR B 335 4.97 10.76 -35.62
CA THR B 335 4.07 10.14 -36.57
C THR B 335 4.85 9.63 -37.74
N PHE B 336 4.56 8.40 -38.14
CA PHE B 336 5.23 7.81 -39.29
C PHE B 336 4.17 7.36 -40.26
N SER B 337 4.50 7.26 -41.56
CA SER B 337 3.49 6.90 -42.54
C SER B 337 3.27 5.39 -42.43
N THR B 338 2.14 4.91 -42.94
CA THR B 338 1.91 3.45 -43.03
C THR B 338 3.14 2.76 -43.64
N ALA B 339 3.68 3.38 -44.70
CA ALA B 339 4.84 2.88 -45.45
C ALA B 339 6.06 2.75 -44.59
N GLN B 340 6.35 3.78 -43.78
CA GLN B 340 7.51 3.76 -42.87
C GLN B 340 7.36 2.74 -41.72
N LYS B 341 6.14 2.61 -41.20
CA LYS B 341 5.83 1.57 -40.22
C LYS B 341 6.05 0.18 -40.80
N ALA B 342 5.69 0.01 -42.08
CA ALA B 342 5.80 -1.29 -42.75
C ALA B 342 7.23 -1.85 -42.78
N ILE B 343 8.21 -0.99 -42.54
CA ILE B 343 9.61 -1.39 -42.50
C ILE B 343 9.83 -2.54 -41.54
N GLY B 344 8.98 -2.67 -40.54
CA GLY B 344 9.09 -3.75 -39.58
C GLY B 344 8.05 -4.84 -39.73
N LYS B 345 7.50 -5.01 -40.92
CA LYS B 345 6.42 -5.99 -41.12
C LYS B 345 6.85 -7.41 -40.89
N ASP B 346 8.17 -7.65 -40.90
CA ASP B 346 8.71 -9.00 -40.66
C ASP B 346 9.36 -9.13 -39.30
N ASN B 347 9.62 -8.01 -38.66
CA ASN B 347 10.25 -7.96 -37.37
C ASN B 347 9.79 -6.68 -36.65
N PHE B 348 9.04 -6.82 -35.55
CA PHE B 348 8.56 -5.67 -34.77
C PHE B 348 9.65 -4.75 -34.25
N THR B 349 10.82 -5.26 -33.92
CA THR B 349 11.89 -4.37 -33.48
C THR B 349 12.30 -3.33 -34.53
N ALA B 350 11.91 -3.49 -35.79
CA ALA B 350 12.28 -2.53 -36.83
C ALA B 350 11.14 -1.55 -37.07
N ILE B 351 10.01 -1.74 -36.41
CA ILE B 351 8.88 -0.83 -36.57
C ILE B 351 9.23 0.47 -35.89
N PRO B 352 9.20 1.59 -36.63
CA PRO B 352 9.52 2.84 -35.97
C PRO B 352 8.51 3.21 -34.87
N GLU B 353 9.01 3.73 -33.75
CA GLU B 353 8.16 3.95 -32.57
C GLU B 353 7.55 5.34 -32.51
N GLY B 354 6.23 5.42 -32.34
CA GLY B 354 5.54 6.67 -32.14
C GLY B 354 4.07 6.63 -32.54
N THR B 355 3.26 7.53 -31.95
CA THR B 355 1.85 7.65 -32.34
C THR B 355 1.37 9.11 -32.49
N ASN B 356 0.09 9.32 -32.77
CA ASN B 356 -0.43 10.68 -32.73
C ASN B 356 -0.91 11.06 -31.34
N GLY B 357 -1.34 12.30 -31.18
CA GLY B 357 -1.85 12.72 -29.90
C GLY B 357 -1.84 14.20 -29.59
N VAL B 358 -1.16 15.02 -30.39
CA VAL B 358 -1.07 16.44 -30.08
C VAL B 358 -2.42 17.15 -30.24
N GLU B 359 -3.18 16.74 -31.24
CA GLU B 359 -4.44 17.38 -31.58
C GLU B 359 -5.57 17.01 -30.60
N GLU B 360 -5.50 15.81 -30.03
CA GLU B 360 -6.59 15.23 -29.23
C GLU B 360 -6.38 15.32 -27.71
N ARG B 361 -5.24 15.83 -27.29
CA ARG B 361 -4.85 15.78 -25.87
C ARG B 361 -5.88 16.37 -24.92
N MET B 362 -6.33 17.57 -25.25
CA MET B 362 -7.19 18.28 -24.36
C MET B 362 -8.57 17.67 -24.39
N SER B 363 -8.99 17.24 -25.56
CA SER B 363 -10.30 16.67 -25.69
C SER B 363 -10.38 15.35 -24.94
N VAL B 364 -9.30 14.58 -25.01
CA VAL B 364 -9.27 13.29 -24.34
C VAL B 364 -9.41 13.43 -22.83
N ILE B 365 -8.58 14.28 -22.26
CA ILE B 365 -8.60 14.51 -20.84
C ILE B 365 -9.95 15.08 -20.42
N TRP B 366 -10.54 15.98 -21.20
CA TRP B 366 -11.86 16.52 -20.82
C TRP B 366 -12.89 15.41 -20.79
N ASP B 367 -12.92 14.65 -21.88
CA ASP B 367 -13.85 13.56 -22.02
C ASP B 367 -13.67 12.54 -20.92
N LYS B 368 -12.42 12.20 -20.63
CA LYS B 368 -12.16 11.10 -19.70
C LYS B 368 -12.06 11.48 -18.25
N ALA B 369 -11.53 12.65 -17.95
CA ALA B 369 -11.35 13.03 -16.57
C ALA B 369 -12.36 14.10 -16.05
N VAL B 370 -12.93 14.93 -16.93
CA VAL B 370 -13.76 16.01 -16.44
C VAL B 370 -15.16 15.61 -16.53
N ALA B 371 -15.55 15.21 -17.73
CA ALA B 371 -16.92 14.85 -17.99
C ALA B 371 -17.31 13.64 -17.21
N THR B 372 -16.32 12.93 -16.67
CA THR B 372 -16.56 11.76 -15.83
C THR B 372 -16.53 12.10 -14.36
N GLY B 373 -16.33 13.37 -14.03
CA GLY B 373 -16.36 13.81 -12.64
C GLY B 373 -15.12 13.44 -11.84
N LYS B 374 -14.04 13.17 -12.52
CA LYS B 374 -12.82 12.91 -11.79
C LYS B 374 -12.14 14.21 -11.36
N MET B 375 -12.00 15.16 -12.28
CA MET B 375 -11.34 16.44 -11.97
C MET B 375 -12.29 17.56 -12.39
N ASP B 376 -12.13 18.75 -11.85
CA ASP B 376 -12.94 19.85 -12.31
C ASP B 376 -12.15 20.65 -13.34
N GLU B 377 -12.81 21.68 -13.88
CA GLU B 377 -12.26 22.49 -14.95
C GLU B 377 -10.98 23.21 -14.57
N ASN B 378 -10.81 23.49 -13.29
CA ASN B 378 -9.62 24.16 -12.80
C ASN B 378 -8.40 23.22 -12.81
N GLN B 379 -8.58 22.00 -12.33
CA GLN B 379 -7.49 21.01 -12.38
C GLN B 379 -7.21 20.61 -13.83
N PHE B 380 -8.23 20.68 -14.68
CA PHE B 380 -8.04 20.47 -16.12
C PHE B 380 -7.06 21.47 -16.69
N VAL B 381 -7.17 22.70 -16.28
CA VAL B 381 -6.29 23.75 -16.82
C VAL B 381 -4.89 23.45 -16.33
N ALA B 382 -4.80 23.01 -15.08
CA ALA B 382 -3.51 22.72 -14.48
C ALA B 382 -2.74 21.67 -15.24
N VAL B 383 -3.42 20.60 -15.59
CA VAL B 383 -2.73 19.45 -16.17
C VAL B 383 -2.57 19.62 -17.66
N THR B 384 -3.22 20.63 -18.21
CA THR B 384 -3.13 20.95 -19.63
C THR B 384 -2.19 22.12 -19.86
N SER B 385 -2.03 23.04 -18.93
CA SER B 385 -1.06 24.10 -19.14
C SER B 385 -0.36 24.57 -17.91
N THR B 386 -1.10 24.78 -16.81
CA THR B 386 -0.50 25.57 -15.73
C THR B 386 0.63 24.87 -15.00
N ASN B 387 0.55 23.58 -14.85
CA ASN B 387 1.66 22.90 -14.22
C ASN B 387 2.86 22.84 -15.11
N ALA B 388 2.65 22.69 -16.41
CA ALA B 388 3.77 22.66 -17.30
C ALA B 388 4.56 23.94 -17.10
N ALA B 389 3.82 25.02 -17.04
CA ALA B 389 4.45 26.31 -17.02
C ALA B 389 5.34 26.45 -15.78
N LYS B 390 4.84 26.01 -14.65
CA LYS B 390 5.59 26.10 -13.40
C LYS B 390 6.81 25.22 -13.39
N ILE B 391 6.67 24.00 -13.88
CA ILE B 391 7.81 23.08 -13.93
C ILE B 391 8.97 23.60 -14.80
N PHE B 392 8.60 24.13 -15.98
CA PHE B 392 9.55 24.54 -16.96
C PHE B 392 9.89 26.01 -16.89
N ASN B 393 9.37 26.68 -15.86
CA ASN B 393 9.72 28.08 -15.56
C ASN B 393 9.17 29.07 -16.59
N LEU B 394 7.92 28.86 -16.97
CA LEU B 394 7.21 29.74 -17.91
C LEU B 394 6.06 30.45 -17.26
N TYR B 395 5.99 30.43 -15.93
CA TYR B 395 4.78 30.90 -15.22
C TYR B 395 5.08 32.26 -14.65
N PRO B 396 4.15 33.20 -14.75
CA PRO B 396 2.82 33.08 -15.28
C PRO B 396 2.66 33.61 -16.71
N ARG B 397 3.76 33.76 -17.43
CA ARG B 397 3.69 34.19 -18.80
C ARG B 397 2.79 33.26 -19.57
N LYS B 398 2.94 31.95 -19.33
CA LYS B 398 2.04 30.96 -19.95
C LYS B 398 1.25 30.24 -18.87
N GLY B 399 0.14 29.65 -19.26
CA GLY B 399 -0.69 28.83 -18.37
C GLY B 399 -1.49 29.68 -17.42
N ARG B 400 -1.72 30.93 -17.82
CA ARG B 400 -2.54 31.80 -16.99
C ARG B 400 -3.03 33.01 -17.73
N ILE B 401 -4.31 33.23 -17.55
CA ILE B 401 -4.99 34.40 -17.99
C ILE B 401 -4.92 35.43 -16.85
N SER B 402 -3.93 36.32 -16.92
CA SER B 402 -3.90 37.51 -16.08
C SER B 402 -3.11 38.61 -16.83
N VAL B 403 -3.31 39.85 -16.39
CA VAL B 403 -2.74 41.01 -17.04
C VAL B 403 -1.24 40.88 -17.08
N GLY B 404 -0.63 41.03 -18.25
CA GLY B 404 0.82 40.89 -18.36
C GLY B 404 1.25 39.56 -18.97
N SER B 405 0.43 38.53 -18.79
CA SER B 405 0.70 37.23 -19.37
C SER B 405 0.52 37.28 -20.88
N ASP B 406 1.17 36.36 -21.60
CA ASP B 406 1.02 36.26 -23.04
C ASP B 406 -0.39 35.91 -23.42
N SER B 407 -0.85 36.42 -24.56
CA SER B 407 -2.28 36.28 -24.86
C SER B 407 -2.55 35.02 -25.68
N ASP B 408 -2.21 33.86 -25.11
CA ASP B 408 -2.50 32.62 -25.77
C ASP B 408 -3.60 32.05 -24.97
N LEU B 409 -4.76 31.85 -25.56
CA LEU B 409 -5.87 31.29 -24.79
C LEU B 409 -6.97 30.77 -25.71
N VAL B 410 -7.96 30.10 -25.12
CA VAL B 410 -8.91 29.26 -25.87
C VAL B 410 -10.32 29.41 -25.33
N ILE B 411 -11.28 29.60 -26.22
CA ILE B 411 -12.68 29.51 -25.80
C ILE B 411 -13.05 28.07 -26.00
N TRP B 412 -13.48 27.44 -24.91
CA TRP B 412 -13.66 25.99 -24.84
C TRP B 412 -15.14 25.64 -24.63
N ASP B 413 -15.64 24.64 -25.36
CA ASP B 413 -17.08 24.21 -25.32
C ASP B 413 -17.23 22.87 -24.64
N PRO B 414 -17.63 22.89 -23.40
CA PRO B 414 -17.76 21.64 -22.68
C PRO B 414 -18.86 20.77 -23.20
N ASP B 415 -19.76 21.30 -24.01
CA ASP B 415 -20.88 20.50 -24.52
C ASP B 415 -20.69 20.02 -25.95
N ALA B 416 -19.57 20.36 -26.56
CA ALA B 416 -19.26 19.88 -27.91
C ALA B 416 -18.97 18.39 -27.89
N VAL B 417 -19.22 17.74 -29.01
CA VAL B 417 -18.96 16.31 -29.14
C VAL B 417 -18.39 16.12 -30.52
N LYS B 418 -17.25 15.44 -30.61
CA LYS B 418 -16.61 15.21 -31.90
C LYS B 418 -16.23 13.75 -32.01
N ILE B 419 -16.22 13.23 -33.23
CA ILE B 419 -15.70 11.90 -33.49
C ILE B 419 -14.32 12.16 -34.04
N VAL B 420 -13.34 11.37 -33.64
CA VAL B 420 -11.98 11.58 -34.13
C VAL B 420 -11.80 10.68 -35.34
N SER B 421 -11.21 11.21 -36.41
CA SER B 421 -10.85 10.37 -37.54
C SER B 421 -9.62 10.90 -38.24
N ALA B 422 -8.88 10.00 -38.89
CA ALA B 422 -7.73 10.35 -39.68
C ALA B 422 -8.14 11.13 -40.93
N LYS B 423 -9.37 10.86 -41.36
CA LYS B 423 -9.98 11.61 -42.43
C LYS B 423 -9.94 13.07 -42.13
N ASN B 424 -10.18 13.44 -40.88
CA ASN B 424 -10.37 14.83 -40.50
C ASN B 424 -9.22 15.50 -39.82
N HIS B 425 -8.19 14.75 -39.48
CA HIS B 425 -7.16 15.33 -38.64
C HIS B 425 -6.09 16.04 -39.47
N GLN B 426 -5.42 16.97 -38.84
CA GLN B 426 -4.36 17.72 -39.43
C GLN B 426 -3.18 16.85 -39.75
N SER B 427 -2.96 15.79 -38.98
CA SER B 427 -1.76 14.97 -39.12
C SER B 427 -1.65 14.37 -40.53
N ALA B 428 -0.42 14.26 -41.02
CA ALA B 428 -0.14 13.66 -42.32
C ALA B 428 -0.34 12.15 -42.32
N ALA B 429 -0.35 11.54 -41.15
CA ALA B 429 -0.46 10.08 -41.05
C ALA B 429 -1.83 9.57 -41.53
N GLU B 430 -1.86 8.33 -42.00
CA GLU B 430 -3.12 7.76 -42.48
C GLU B 430 -3.95 7.17 -41.34
N TYR B 431 -3.35 7.00 -40.17
CA TYR B 431 -4.01 6.34 -39.06
C TYR B 431 -4.06 7.25 -37.87
N ASN B 432 -5.11 7.08 -37.07
CA ASN B 432 -5.27 7.82 -35.84
C ASN B 432 -5.61 6.76 -34.80
N ILE B 433 -4.80 6.61 -33.76
CA ILE B 433 -5.08 5.57 -32.79
C ILE B 433 -6.38 5.74 -32.03
N PHE B 434 -6.95 6.94 -32.06
CA PHE B 434 -8.28 7.23 -31.43
C PHE B 434 -9.45 7.19 -32.44
N GLU B 435 -9.24 6.47 -33.55
CA GLU B 435 -10.16 6.50 -34.70
C GLU B 435 -11.53 6.07 -34.23
N GLY B 436 -12.54 6.82 -34.62
CA GLY B 436 -13.92 6.47 -34.32
C GLY B 436 -14.34 6.79 -32.90
N MET B 437 -13.45 7.30 -32.07
CA MET B 437 -13.83 7.66 -30.70
C MET B 437 -14.61 8.97 -30.62
N GLU B 438 -15.58 8.96 -29.71
CA GLU B 438 -16.46 10.11 -29.55
C GLU B 438 -16.11 10.93 -28.33
N LEU B 439 -15.60 12.16 -28.48
CA LEU B 439 -15.05 12.90 -27.30
C LEU B 439 -15.83 14.12 -26.94
N ARG B 440 -16.17 14.27 -25.68
CA ARG B 440 -16.86 15.45 -25.22
C ARG B 440 -15.86 16.54 -24.92
N GLY B 441 -16.10 17.75 -25.42
CA GLY B 441 -15.25 18.88 -25.06
C GLY B 441 -14.28 19.18 -26.18
N ALA B 442 -14.31 20.41 -26.68
CA ALA B 442 -13.46 20.76 -27.80
C ALA B 442 -13.35 22.25 -27.82
N PRO B 443 -12.33 22.76 -28.51
CA PRO B 443 -12.17 24.21 -28.55
C PRO B 443 -13.09 24.80 -29.62
N LEU B 444 -13.57 26.03 -29.44
CA LEU B 444 -14.25 26.80 -30.50
C LEU B 444 -13.34 27.82 -31.18
N VAL B 445 -12.60 28.54 -30.35
CA VAL B 445 -11.75 29.63 -30.80
C VAL B 445 -10.43 29.49 -30.10
N VAL B 446 -9.36 29.71 -30.84
CA VAL B 446 -8.02 29.67 -30.29
C VAL B 446 -7.33 30.97 -30.64
N ILE B 447 -6.78 31.61 -29.63
CA ILE B 447 -5.97 32.78 -29.83
C ILE B 447 -4.57 32.39 -29.41
N CYS B 448 -3.61 32.74 -30.22
CA CYS B 448 -2.25 32.50 -29.89
C CYS B 448 -1.50 33.73 -30.28
N GLN B 449 -0.64 34.23 -29.42
CA GLN B 449 0.14 35.43 -29.77
C GLN B 449 -0.78 36.63 -29.98
N GLY B 450 -1.98 36.56 -29.42
CA GLY B 450 -2.94 37.64 -29.57
C GLY B 450 -3.74 37.59 -30.85
N LYS B 451 -3.52 36.57 -31.67
CA LYS B 451 -4.15 36.46 -32.99
C LYS B 451 -5.09 35.31 -33.04
N ILE B 452 -6.21 35.46 -33.74
CA ILE B 452 -7.15 34.37 -33.83
C ILE B 452 -6.64 33.37 -34.81
N MET B 453 -6.33 32.17 -34.33
CA MET B 453 -5.76 31.14 -35.19
C MET B 453 -6.74 30.00 -35.47
N LEU B 454 -7.84 29.94 -34.75
CA LEU B 454 -8.89 29.01 -35.12
C LEU B 454 -10.22 29.62 -34.84
N GLU B 455 -11.09 29.67 -35.84
CA GLU B 455 -12.47 30.06 -35.60
C GLU B 455 -13.32 29.53 -36.72
N ASP B 456 -14.53 29.11 -36.36
CA ASP B 456 -15.47 28.49 -37.30
C ASP B 456 -14.89 27.29 -38.01
N GLY B 457 -13.99 26.56 -37.36
CA GLY B 457 -13.43 25.35 -37.96
C GLY B 457 -12.34 25.65 -38.99
N ASN B 458 -11.89 26.89 -39.05
CA ASN B 458 -10.82 27.28 -39.95
C ASN B 458 -9.59 27.69 -39.19
N LEU B 459 -8.45 27.18 -39.59
CA LEU B 459 -7.18 27.65 -39.02
C LEU B 459 -6.68 28.86 -39.82
N HIS B 460 -6.10 29.81 -39.12
CA HIS B 460 -5.46 30.97 -39.72
C HIS B 460 -4.04 31.08 -39.14
N VAL B 461 -3.09 30.38 -39.75
CA VAL B 461 -1.73 30.31 -39.25
C VAL B 461 -0.73 30.89 -40.21
N THR B 462 0.46 31.09 -39.70
CA THR B 462 1.58 31.64 -40.44
C THR B 462 2.79 30.85 -40.03
N GLN B 463 3.46 30.33 -41.03
CA GLN B 463 4.63 29.56 -40.82
C GLN B 463 5.80 30.40 -40.30
N GLY B 464 6.36 29.98 -39.17
CA GLY B 464 7.56 30.63 -38.59
C GLY B 464 7.28 31.76 -37.61
N ALA B 465 6.00 32.07 -37.46
CA ALA B 465 5.54 33.04 -36.50
C ALA B 465 5.98 32.68 -35.09
N GLY B 466 6.05 31.41 -34.79
CA GLY B 466 6.41 30.98 -33.43
C GLY B 466 7.77 31.52 -32.99
N ARG B 467 7.85 31.87 -31.71
CA ARG B 467 9.09 32.28 -31.07
C ARG B 467 9.58 31.20 -30.16
N PHE B 468 10.89 31.04 -30.12
CA PHE B 468 11.54 30.27 -29.08
C PHE B 468 11.44 30.99 -27.74
N ILE B 469 10.94 30.31 -26.72
CA ILE B 469 10.83 30.89 -25.37
C ILE B 469 11.98 30.36 -24.53
N PRO B 470 12.94 31.21 -24.16
CA PRO B 470 14.01 30.65 -23.34
C PRO B 470 13.46 30.30 -21.96
N CYS B 471 13.94 29.20 -21.40
CA CYS B 471 13.51 28.67 -20.08
C CYS B 471 14.67 28.71 -19.11
N SER B 472 14.60 29.58 -18.10
CA SER B 472 15.66 29.66 -17.09
C SER B 472 15.63 28.44 -16.18
N PRO B 473 16.77 28.13 -15.57
CA PRO B 473 16.81 27.04 -14.60
C PRO B 473 16.29 27.46 -13.23
N PHE B 474 16.31 26.53 -12.28
CA PHE B 474 15.94 26.77 -10.90
C PHE B 474 14.52 27.26 -10.72
N SER B 475 13.54 26.59 -11.33
CA SER B 475 12.22 27.15 -11.18
C SER B 475 11.84 26.91 -9.73
N ASP B 476 11.22 27.90 -9.11
CA ASP B 476 10.89 27.78 -7.69
C ASP B 476 10.07 26.51 -7.44
N TYR B 477 9.12 26.26 -8.33
CA TYR B 477 8.21 25.12 -8.15
C TYR B 477 8.99 23.84 -7.93
N VAL B 478 10.07 23.66 -8.66
CA VAL B 478 10.88 22.46 -8.58
C VAL B 478 12.00 22.48 -7.55
N TYR B 479 12.72 23.60 -7.46
CA TYR B 479 13.99 23.67 -6.73
C TYR B 479 14.00 24.23 -5.34
N LYS B 480 12.91 24.74 -4.82
CA LYS B 480 12.94 25.29 -3.46
C LYS B 480 13.17 24.22 -2.42
N ARG B 481 12.54 23.06 -2.57
CA ARG B 481 12.75 22.00 -1.61
C ARG B 481 14.13 21.35 -1.76
N ILE B 482 14.65 21.29 -2.98
CA ILE B 482 16.03 20.82 -3.23
C ILE B 482 17.08 21.73 -2.58
N LYS B 483 16.89 23.04 -2.75
CA LYS B 483 17.82 23.98 -2.12
C LYS B 483 17.83 23.79 -0.59
N ALA B 484 16.63 23.65 -0.02
CA ALA B 484 16.50 23.53 1.43
C ALA B 484 17.20 22.28 1.91
N ARG B 485 17.17 21.22 1.11
CA ARG B 485 17.75 19.97 1.49
C ARG B 485 19.21 19.95 1.34
N ARG B 486 19.72 20.68 0.37
CA ARG B 486 21.17 20.84 0.20
C ARG B 486 21.88 21.45 1.39
N LYS B 487 21.34 22.58 1.83
CA LYS B 487 21.78 23.39 2.98
C LYS B 487 21.49 22.80 4.34
N MET B 488 20.40 22.07 4.39
CA MET B 488 20.01 21.45 5.59
C MET B 488 21.13 20.49 5.89
N ALA B 489 21.62 19.84 4.84
CA ALA B 489 22.50 18.73 5.02
C ALA B 489 23.70 19.21 5.80
N ASP B 490 23.88 18.63 6.96
CA ASP B 490 25.13 18.72 7.65
C ASP B 490 25.25 17.35 8.23
N LEU B 491 26.08 16.54 7.61
CA LEU B 491 26.35 15.25 8.17
C LEU B 491 27.35 15.55 9.29
N HIS B 492 27.74 14.51 9.97
CA HIS B 492 28.29 14.63 11.29
C HIS B 492 29.17 13.45 11.39
N ALA B 493 30.41 13.65 11.80
CA ALA B 493 31.17 12.55 12.33
C ALA B 493 30.77 12.39 13.78
N VAL B 494 31.00 11.21 14.29
CA VAL B 494 31.15 11.04 15.69
C VAL B 494 32.60 11.40 16.02
N PRO B 495 32.78 12.47 16.81
CA PRO B 495 34.15 12.82 17.17
C PRO B 495 34.68 11.81 18.19
N ARG B 496 35.77 11.12 17.82
CA ARG B 496 36.31 10.05 18.65
C ARG B 496 37.80 10.30 18.93
N GLY B 497 38.32 9.70 20.01
CA GLY B 497 39.76 9.67 20.26
C GLY B 497 40.58 8.84 19.26
N ILE C 12 -14.64 49.85 7.10
CA ILE C 12 -13.40 49.10 6.80
C ILE C 12 -12.15 49.97 6.87
N THR C 13 -12.24 51.18 7.42
CA THR C 13 -11.18 52.23 7.32
C THR C 13 -9.85 51.97 8.04
N SER C 14 -8.76 52.24 7.32
CA SER C 14 -7.42 52.09 7.84
C SER C 14 -6.52 53.10 7.18
N ASP C 15 -5.38 53.32 7.80
CA ASP C 15 -4.41 54.24 7.25
C ASP C 15 -3.88 53.67 5.94
N ARG C 16 -3.19 54.50 5.18
CA ARG C 16 -2.37 54.03 4.09
C ARG C 16 -1.14 53.35 4.66
N LEU C 17 -0.63 52.33 3.95
CA LEU C 17 0.52 51.58 4.42
C LEU C 17 1.32 51.02 3.26
N LEU C 18 2.64 51.15 3.35
CA LEU C 18 3.51 50.70 2.30
C LEU C 18 4.62 49.83 2.86
N ILE C 19 4.80 48.67 2.24
CA ILE C 19 5.80 47.71 2.68
C ILE C 19 6.75 47.52 1.53
N LYS C 20 8.00 47.89 1.74
CA LYS C 20 9.00 47.91 0.70
C LYS C 20 10.04 46.81 0.83
N GLY C 21 10.50 46.34 -0.33
CA GLY C 21 11.64 45.42 -0.41
C GLY C 21 11.31 44.02 0.04
N GLY C 22 10.01 43.73 0.11
CA GLY C 22 9.52 42.46 0.60
C GLY C 22 9.64 41.40 -0.48
N ARG C 23 9.73 40.16 -0.05
CA ARG C 23 9.61 39.05 -0.93
C ARG C 23 8.30 38.36 -0.69
N ILE C 24 7.48 38.31 -1.73
CA ILE C 24 6.08 37.97 -1.55
C ILE C 24 5.88 36.53 -1.83
N VAL C 25 5.23 35.85 -0.91
CA VAL C 25 5.09 34.42 -1.01
C VAL C 25 3.65 34.04 -0.95
N ASN C 26 3.20 33.48 -2.04
CA ASN C 26 1.84 33.04 -2.18
C ASN C 26 1.95 31.58 -2.45
N ASP C 27 0.83 30.90 -2.54
CA ASP C 27 0.87 29.48 -2.68
C ASP C 27 1.35 29.08 -4.07
N ASP C 28 1.19 29.96 -5.03
CA ASP C 28 1.48 29.62 -6.42
C ASP C 28 2.78 30.22 -7.01
N GLN C 29 3.39 31.22 -6.34
CA GLN C 29 4.74 31.69 -6.67
C GLN C 29 5.29 32.65 -5.65
N SER C 30 6.59 32.89 -5.70
CA SER C 30 7.22 33.94 -4.93
C SER C 30 7.74 35.03 -5.85
N PHE C 31 7.83 36.26 -5.38
CA PHE C 31 8.42 37.34 -6.19
C PHE C 31 8.67 38.56 -5.39
N TYR C 32 9.62 39.38 -5.84
CA TYR C 32 9.91 40.68 -5.18
C TYR C 32 9.08 41.81 -5.71
N ALA C 33 8.48 42.55 -4.78
CA ALA C 33 7.66 43.68 -5.12
C ALA C 33 7.31 44.41 -3.84
N ASP C 34 6.90 45.65 -3.99
CA ASP C 34 6.44 46.48 -2.89
C ASP C 34 4.92 46.33 -2.83
N ILE C 35 4.36 46.47 -1.65
CA ILE C 35 2.91 46.38 -1.49
C ILE C 35 2.37 47.69 -0.88
N TYR C 36 1.30 48.25 -1.49
CA TYR C 36 0.67 49.42 -0.95
C TYR C 36 -0.76 49.08 -0.55
N MET C 37 -1.18 49.57 0.62
CA MET C 37 -2.48 49.20 1.21
C MET C 37 -3.27 50.43 1.61
N GLU C 38 -4.59 50.35 1.61
CA GLU C 38 -5.40 51.46 2.03
C GLU C 38 -6.74 50.88 2.34
N ASP C 39 -7.31 51.28 3.46
CA ASP C 39 -8.71 50.95 3.73
C ASP C 39 -9.01 49.49 3.66
N GLY C 40 -8.07 48.72 4.19
CA GLY C 40 -8.32 47.30 4.46
C GLY C 40 -8.08 46.43 3.27
N LEU C 41 -7.65 47.01 2.16
CA LEU C 41 -7.47 46.31 0.92
C LEU C 41 -6.09 46.55 0.41
N ILE C 42 -5.57 45.56 -0.26
CA ILE C 42 -4.34 45.76 -0.98
C ILE C 42 -4.68 46.55 -2.21
N LYS C 43 -3.98 47.65 -2.44
CA LYS C 43 -4.22 48.50 -3.55
C LYS C 43 -3.28 48.30 -4.68
N GLN C 44 -2.02 48.03 -4.43
CA GLN C 44 -1.02 47.97 -5.52
C GLN C 44 0.08 46.97 -5.22
N ILE C 45 0.59 46.29 -6.24
CA ILE C 45 1.78 45.48 -6.06
C ILE C 45 2.75 45.71 -7.23
N GLY C 46 4.01 45.98 -6.91
CA GLY C 46 5.06 46.03 -7.93
C GLY C 46 6.22 46.89 -7.46
N ASP C 47 7.03 47.35 -8.41
CA ASP C 47 8.15 48.22 -8.09
C ASP C 47 7.84 49.67 -8.40
N ASN C 48 8.50 50.56 -7.65
CA ASN C 48 8.49 52.00 -7.91
C ASN C 48 7.06 52.44 -7.97
N LEU C 49 6.35 52.12 -6.92
CA LEU C 49 4.94 52.41 -6.86
C LEU C 49 4.78 53.89 -6.65
N ILE C 50 3.77 54.42 -7.33
CA ILE C 50 3.45 55.83 -7.24
C ILE C 50 2.48 55.98 -6.10
N VAL C 51 2.83 56.74 -5.09
CA VAL C 51 1.99 56.80 -3.86
C VAL C 51 2.00 58.18 -3.21
N PRO C 52 1.00 58.46 -2.35
CA PRO C 52 1.13 59.69 -1.54
C PRO C 52 2.40 59.72 -0.65
N GLY C 53 2.88 60.94 -0.42
CA GLY C 53 4.07 61.14 0.38
C GLY C 53 3.70 61.05 1.84
N GLY C 54 4.71 60.83 2.69
CA GLY C 54 4.50 60.73 4.15
C GLY C 54 3.57 59.60 4.59
N VAL C 55 3.50 58.54 3.79
CA VAL C 55 2.76 57.31 4.14
C VAL C 55 3.66 56.46 5.05
N LYS C 56 3.06 55.80 6.02
CA LYS C 56 3.84 54.98 6.92
C LYS C 56 4.54 53.92 6.11
N THR C 57 5.83 53.71 6.31
CA THR C 57 6.56 52.75 5.48
C THR C 57 7.29 51.74 6.29
N ILE C 58 7.15 50.48 5.91
CA ILE C 58 7.92 49.44 6.54
C ILE C 58 8.94 48.87 5.60
N GLU C 59 10.14 48.69 6.11
CA GLU C 59 11.21 48.22 5.29
C GLU C 59 11.33 46.76 5.54
N ALA C 60 11.08 45.96 4.52
CA ALA C 60 11.08 44.51 4.66
C ALA C 60 12.49 43.93 4.46
N ASN C 61 13.31 44.56 3.64
CA ASN C 61 14.70 44.08 3.42
C ASN C 61 14.79 42.65 2.96
N GLY C 62 13.85 42.25 2.10
CA GLY C 62 13.94 40.93 1.48
C GLY C 62 13.48 39.80 2.37
N LYS C 63 12.91 40.14 3.52
CA LYS C 63 12.17 39.19 4.34
C LYS C 63 10.84 38.88 3.67
N MET C 64 10.26 37.73 4.00
CA MET C 64 9.04 37.22 3.39
C MET C 64 7.82 37.96 3.83
N VAL C 65 6.88 38.11 2.92
CA VAL C 65 5.56 38.64 3.21
C VAL C 65 4.59 37.59 2.72
N ILE C 66 3.72 37.14 3.62
CA ILE C 66 2.77 36.07 3.30
C ILE C 66 1.34 36.50 3.61
N PRO C 67 0.34 35.80 3.05
CA PRO C 67 -1.01 35.98 3.57
C PRO C 67 -1.07 35.50 5.02
N GLY C 68 -1.97 36.06 5.80
CA GLY C 68 -2.05 35.81 7.21
C GLY C 68 -2.69 34.48 7.36
N GLY C 69 -2.38 33.81 8.47
CA GLY C 69 -2.88 32.50 8.72
C GLY C 69 -4.39 32.51 8.87
N ILE C 70 -5.03 31.39 8.53
CA ILE C 70 -6.45 31.19 8.80
C ILE C 70 -6.56 29.92 9.56
N ASP C 71 -6.91 30.05 10.83
CA ASP C 71 -6.99 28.91 11.69
C ASP C 71 -8.41 28.47 11.65
N VAL C 72 -8.62 27.33 11.03
CA VAL C 72 -9.95 26.87 10.74
C VAL C 72 -10.61 26.16 11.91
N HIS C 73 -9.96 26.10 13.08
CA HIS C 73 -10.57 25.36 14.19
C HIS C 73 -10.31 25.94 15.56
N THR C 74 -11.27 26.66 16.14
CA THR C 74 -11.03 27.19 17.48
C THR C 74 -12.20 26.97 18.37
N HIS C 75 -11.96 27.04 19.68
CA HIS C 75 -13.04 26.99 20.69
C HIS C 75 -12.85 28.05 21.75
N TYR C 76 -13.05 29.29 21.35
CA TYR C 76 -12.90 30.38 22.27
C TYR C 76 -14.12 30.48 23.18
N GLN C 77 -13.86 30.63 24.46
CA GLN C 77 -14.87 30.82 25.48
C GLN C 77 -16.03 29.91 25.20
N MET C 78 -15.66 28.66 25.03
CA MET C 78 -16.61 27.64 24.77
C MET C 78 -17.24 27.20 26.09
N PRO C 79 -18.60 27.08 26.15
CA PRO C 79 -19.27 26.53 27.33
C PRO C 79 -18.86 25.15 27.69
N TYR C 80 -18.60 24.93 28.97
CA TYR C 80 -18.39 23.59 29.44
C TYR C 80 -18.85 23.52 30.88
N LYS C 81 -19.92 22.76 31.12
CA LYS C 81 -20.30 22.43 32.48
C LYS C 81 -20.43 23.67 33.38
N GLY C 82 -20.96 24.76 32.84
CA GLY C 82 -21.04 26.02 33.58
C GLY C 82 -19.66 26.64 33.73
N MET C 83 -18.72 26.15 32.94
CA MET C 83 -17.39 26.64 32.94
C MET C 83 -17.22 27.24 31.56
N THR C 84 -16.18 28.03 31.38
CA THR C 84 -15.85 28.48 30.05
C THR C 84 -14.36 28.22 29.88
N THR C 85 -13.92 27.99 28.65
CA THR C 85 -12.50 27.87 28.37
C THR C 85 -11.88 29.20 28.66
N VAL C 86 -10.63 29.20 29.10
CA VAL C 86 -10.04 30.43 29.69
C VAL C 86 -9.66 31.53 28.71
N ASP C 87 -9.52 31.20 27.42
CA ASP C 87 -9.16 32.18 26.38
C ASP C 87 -10.43 32.49 25.61
N ASP C 88 -10.91 33.71 25.78
CA ASP C 88 -12.14 34.16 25.19
C ASP C 88 -11.84 34.74 23.80
N PHE C 89 -12.86 35.27 23.13
CA PHE C 89 -12.69 35.72 21.76
C PHE C 89 -11.73 36.87 21.64
N PHE C 90 -11.49 37.55 22.73
CA PHE C 90 -10.58 38.62 22.63
C PHE C 90 -9.15 38.11 22.83
N GLN C 91 -8.95 37.46 23.96
CA GLN C 91 -7.62 37.09 24.32
C GLN C 91 -7.13 35.96 23.47
N GLY C 92 -8.07 35.16 22.97
CA GLY C 92 -7.73 34.06 22.11
C GLY C 92 -7.26 34.54 20.77
N THR C 93 -7.88 35.61 20.27
CA THR C 93 -7.50 36.17 18.97
C THR C 93 -6.30 37.07 19.09
N LYS C 94 -5.93 37.46 20.28
CA LYS C 94 -4.64 38.10 20.47
C LYS C 94 -3.56 37.06 20.30
N ALA C 95 -3.86 35.85 20.77
CA ALA C 95 -2.95 34.74 20.64
C ALA C 95 -2.78 34.30 19.21
N ALA C 96 -3.87 34.35 18.45
CA ALA C 96 -3.83 34.13 17.01
C ALA C 96 -2.86 35.09 16.33
N LEU C 97 -3.14 36.37 16.46
CA LEU C 97 -2.33 37.42 15.82
C LEU C 97 -0.88 37.35 16.25
N ALA C 98 -0.63 37.08 17.52
CA ALA C 98 0.75 36.98 18.01
C ALA C 98 1.57 35.94 17.24
N GLY C 99 0.94 34.88 16.79
CA GLY C 99 1.63 33.84 16.04
C GLY C 99 1.46 33.87 14.53
N GLY C 100 0.84 34.94 14.00
CA GLY C 100 0.75 35.16 12.56
C GLY C 100 -0.61 34.84 11.95
N THR C 101 -1.60 34.51 12.79
CA THR C 101 -2.90 34.14 12.30
C THR C 101 -3.83 35.33 12.33
N THR C 102 -4.42 35.69 11.19
CA THR C 102 -5.26 36.88 11.06
C THR C 102 -6.71 36.55 10.81
N MET C 103 -7.08 35.27 10.78
CA MET C 103 -8.51 34.90 10.83
C MET C 103 -8.74 33.58 11.59
N ILE C 104 -9.88 33.45 12.25
CA ILE C 104 -10.22 32.18 12.95
C ILE C 104 -11.61 31.69 12.52
N ILE C 105 -11.86 30.39 12.63
CA ILE C 105 -13.21 29.84 12.41
C ILE C 105 -13.57 28.96 13.60
N ASP C 106 -14.55 29.39 14.37
CA ASP C 106 -14.91 28.75 15.62
C ASP C 106 -16.11 27.83 15.51
N HIS C 107 -16.29 26.98 16.51
CA HIS C 107 -17.39 26.00 16.51
C HIS C 107 -18.54 26.37 17.45
N VAL C 108 -19.70 26.65 16.85
CA VAL C 108 -20.90 26.88 17.59
C VAL C 108 -21.32 25.53 18.11
N VAL C 109 -21.65 25.44 19.40
CA VAL C 109 -21.99 24.15 20.02
C VAL C 109 -23.34 24.25 20.73
N PRO C 110 -24.43 23.89 20.04
CA PRO C 110 -25.73 23.92 20.72
C PRO C 110 -25.87 22.78 21.67
N GLU C 111 -26.54 23.00 22.77
CA GLU C 111 -26.72 21.94 23.74
C GLU C 111 -27.75 20.99 23.17
N PRO C 112 -27.64 19.68 23.42
CA PRO C 112 -28.55 18.81 22.70
C PRO C 112 -30.00 19.17 23.00
N GLU C 113 -30.78 19.28 21.93
CA GLU C 113 -32.18 19.65 21.95
C GLU C 113 -32.44 21.17 22.02
N SER C 114 -31.39 21.98 21.93
CA SER C 114 -31.50 23.45 21.90
C SER C 114 -31.72 23.87 20.47
N SER C 115 -31.79 25.17 20.22
CA SER C 115 -31.84 25.64 18.86
C SER C 115 -30.46 25.95 18.32
N LEU C 116 -30.26 25.59 17.07
CA LEU C 116 -29.01 25.87 16.37
C LEU C 116 -28.90 27.35 16.15
N THR C 117 -29.98 27.95 15.69
CA THR C 117 -29.93 29.35 15.34
C THR C 117 -29.69 30.18 16.57
N GLU C 118 -30.32 29.82 17.68
CA GLU C 118 -30.14 30.53 18.94
C GLU C 118 -28.71 30.49 19.42
N ALA C 119 -28.10 29.34 19.26
CA ALA C 119 -26.68 29.19 19.62
C ALA C 119 -25.77 30.05 18.71
N TYR C 120 -26.10 30.09 17.42
CA TYR C 120 -25.39 30.93 16.46
C TYR C 120 -25.49 32.40 16.82
N GLU C 121 -26.68 32.87 17.18
CA GLU C 121 -26.91 34.31 17.54
C GLU C 121 -26.04 34.68 18.72
N LYS C 122 -26.02 33.77 19.66
CA LYS C 122 -25.28 33.92 20.87
C LYS C 122 -23.80 33.97 20.56
N TRP C 123 -23.35 33.10 19.68
CA TRP C 123 -21.93 33.05 19.34
C TRP C 123 -21.53 34.30 18.58
N ARG C 124 -22.41 34.78 17.73
CA ARG C 124 -22.13 36.00 16.98
C ARG C 124 -21.98 37.18 17.91
N GLU C 125 -22.82 37.22 18.95
CA GLU C 125 -22.75 38.31 19.90
C GLU C 125 -21.41 38.29 20.62
N TRP C 126 -20.97 37.10 21.05
CA TRP C 126 -19.69 36.98 21.77
C TRP C 126 -18.53 37.40 20.93
N ALA C 127 -18.53 36.95 19.68
CA ALA C 127 -17.44 37.21 18.77
C ALA C 127 -17.44 38.63 18.21
N ASP C 128 -18.61 39.11 17.79
CA ASP C 128 -18.70 40.45 17.18
C ASP C 128 -18.16 41.44 18.18
N GLY C 129 -18.50 41.19 19.44
CA GLY C 129 -18.10 42.04 20.51
C GLY C 129 -16.63 42.03 20.95
N LYS C 130 -15.94 40.90 20.83
CA LYS C 130 -14.59 40.73 21.42
C LYS C 130 -13.44 40.46 20.47
N SER C 131 -13.71 39.82 19.35
CA SER C 131 -12.66 39.40 18.42
C SER C 131 -11.82 40.53 17.86
N CYS C 132 -10.51 40.35 17.96
CA CYS C 132 -9.54 41.24 17.32
C CYS C 132 -9.49 41.24 15.81
N CYS C 133 -9.95 40.17 15.17
CA CYS C 133 -9.68 39.90 13.71
C CYS C 133 -10.88 39.24 13.10
N ASP C 134 -10.86 39.11 11.80
CA ASP C 134 -12.02 38.61 11.13
C ASP C 134 -12.21 37.18 11.54
N TYR C 135 -13.43 36.70 11.40
CA TYR C 135 -13.73 35.33 11.78
C TYR C 135 -14.93 34.80 11.02
N ALA C 136 -15.13 33.50 11.15
CA ALA C 136 -16.35 32.85 10.65
C ALA C 136 -16.62 31.67 11.57
N LEU C 137 -17.68 30.92 11.28
CA LEU C 137 -18.21 29.96 12.24
C LEU C 137 -18.63 28.65 11.60
N HIS C 138 -18.28 27.55 12.25
CA HIS C 138 -18.83 26.23 11.95
C HIS C 138 -19.96 26.05 12.88
N VAL C 139 -20.96 25.25 12.51
CA VAL C 139 -22.05 24.98 13.43
C VAL C 139 -22.13 23.50 13.69
N ASP C 140 -22.06 23.12 14.95
CA ASP C 140 -22.04 21.70 15.27
C ASP C 140 -23.44 21.18 15.36
N ILE C 141 -23.71 20.06 14.74
CA ILE C 141 -25.01 19.41 14.80
C ILE C 141 -24.94 18.32 15.85
N THR C 142 -25.40 18.66 17.05
CA THR C 142 -25.25 17.77 18.19
C THR C 142 -26.46 16.90 18.42
N HIS C 143 -27.49 17.06 17.61
CA HIS C 143 -28.64 16.19 17.66
C HIS C 143 -29.40 16.45 16.38
N TRP C 144 -30.26 15.53 15.98
CA TRP C 144 -30.85 15.62 14.64
C TRP C 144 -32.35 15.38 14.66
N ASN C 145 -33.10 16.12 13.84
CA ASN C 145 -34.54 15.93 13.66
C ASN C 145 -35.02 16.90 12.60
N ASP C 146 -36.33 16.98 12.41
CA ASP C 146 -36.85 17.69 11.28
C ASP C 146 -36.61 19.18 11.29
N SER C 147 -36.63 19.80 12.47
CA SER C 147 -36.38 21.26 12.58
C SER C 147 -34.91 21.62 12.45
N VAL C 148 -34.05 20.71 12.94
CA VAL C 148 -32.62 20.97 12.92
C VAL C 148 -32.28 21.07 11.46
N LYS C 149 -32.87 20.19 10.68
CA LYS C 149 -32.67 20.22 9.28
C LYS C 149 -33.09 21.55 8.72
N GLN C 150 -34.14 22.11 9.28
CA GLN C 150 -34.61 23.38 8.79
C GLN C 150 -33.68 24.52 9.19
N GLU C 151 -33.19 24.45 10.41
CA GLU C 151 -32.27 25.47 10.85
C GLU C 151 -31.03 25.46 9.97
N VAL C 152 -30.57 24.26 9.63
CA VAL C 152 -29.36 24.12 8.85
C VAL C 152 -29.52 24.85 7.55
N GLN C 153 -30.68 24.66 6.95
CA GLN C 153 -30.97 25.32 5.70
C GLN C 153 -30.97 26.85 5.84
N ASN C 154 -31.57 27.31 6.93
CA ASN C 154 -31.68 28.74 7.14
C ASN C 154 -30.33 29.33 7.34
N LEU C 155 -29.48 28.62 8.08
CA LEU C 155 -28.15 29.13 8.39
C LEU C 155 -27.33 29.29 7.13
N ILE C 156 -27.45 28.34 6.24
CA ILE C 156 -26.76 28.46 4.99
C ILE C 156 -27.35 29.57 4.15
N LYS C 157 -28.67 29.70 4.15
CA LYS C 157 -29.24 30.71 3.28
C LYS C 157 -29.18 32.14 3.77
N ASP C 158 -29.35 32.37 5.06
CA ASP C 158 -29.40 33.75 5.54
C ASP C 158 -28.27 34.13 6.47
N LYS C 159 -27.49 33.17 6.94
CA LYS C 159 -26.62 33.46 8.08
C LYS C 159 -25.14 33.36 7.82
N GLY C 160 -24.75 33.08 6.57
CA GLY C 160 -23.33 33.01 6.20
C GLY C 160 -22.57 31.78 6.68
N VAL C 161 -23.28 30.74 7.11
CA VAL C 161 -22.64 29.49 7.46
C VAL C 161 -22.60 28.55 6.26
N ASN C 162 -21.46 27.87 6.03
CA ASN C 162 -21.39 26.78 5.05
C ASN C 162 -20.72 25.49 5.56
N SER C 163 -20.53 25.36 6.87
CA SER C 163 -19.81 24.23 7.43
C SER C 163 -20.43 23.75 8.71
N PHE C 164 -20.72 22.45 8.79
CA PHE C 164 -21.34 21.85 9.99
C PHE C 164 -20.60 20.60 10.42
N MET C 165 -20.53 20.34 11.73
CA MET C 165 -19.77 19.21 12.20
C MET C 165 -20.64 18.20 12.88
N VAL C 166 -20.43 16.92 12.56
CA VAL C 166 -21.12 15.90 13.31
C VAL C 166 -20.20 15.09 14.20
N TYR C 167 -20.78 14.35 15.13
CA TYR C 167 -20.01 13.66 16.11
C TYR C 167 -20.26 12.18 15.97
N MET C 168 -19.21 11.40 15.85
CA MET C 168 -19.37 9.96 15.87
C MET C 168 -18.95 9.42 17.22
N ALA C 169 -18.61 10.33 18.13
CA ALA C 169 -18.15 9.95 19.46
C ALA C 169 -19.15 10.45 20.50
N TYR C 170 -18.79 10.38 21.78
CA TYR C 170 -19.64 10.93 22.83
C TYR C 170 -21.01 10.30 22.85
N LYS C 171 -20.99 8.98 23.01
CA LYS C 171 -22.18 8.17 23.01
C LYS C 171 -23.12 8.70 24.04
N ASP C 172 -24.37 8.87 23.62
CA ASP C 172 -25.42 9.30 24.50
C ASP C 172 -25.28 10.78 24.84
N LEU C 173 -24.41 11.46 24.11
CA LEU C 173 -24.32 12.91 24.24
C LEU C 173 -24.45 13.71 22.97
N TYR C 174 -23.52 13.51 22.05
CA TYR C 174 -23.66 14.05 20.71
C TYR C 174 -23.73 12.95 19.67
N GLN C 175 -23.48 11.69 20.07
CA GLN C 175 -23.22 10.65 19.07
C GLN C 175 -24.41 10.41 18.13
N VAL C 176 -24.12 10.07 16.87
CA VAL C 176 -25.17 9.84 15.88
C VAL C 176 -25.07 8.44 15.24
N SER C 177 -26.22 7.86 14.88
CA SER C 177 -26.30 6.55 14.24
C SER C 177 -25.93 6.66 12.77
N ASN C 178 -25.74 5.49 12.14
CA ASN C 178 -25.32 5.43 10.75
C ASN C 178 -26.43 5.98 9.87
N THR C 179 -27.66 5.72 10.25
CA THR C 179 -28.78 6.24 9.51
C THR C 179 -28.76 7.76 9.54
N GLU C 180 -28.56 8.31 10.73
CA GLU C 180 -28.49 9.76 10.88
C GLU C 180 -27.35 10.36 10.04
N LEU C 181 -26.16 9.76 10.13
CA LEU C 181 -25.03 10.18 9.31
C LEU C 181 -25.38 10.28 7.83
N TYR C 182 -26.12 9.28 7.35
CA TYR C 182 -26.49 9.18 5.95
C TYR C 182 -27.46 10.31 5.53
N GLU C 183 -28.36 10.62 6.44
CA GLU C 183 -29.37 11.63 6.23
C GLU C 183 -28.80 13.00 6.27
N ILE C 184 -27.84 13.17 7.16
CA ILE C 184 -27.21 14.47 7.32
C ILE C 184 -26.31 14.75 6.14
N PHE C 185 -25.53 13.76 5.74
CA PHE C 185 -24.62 14.01 4.63
C PHE C 185 -25.43 14.25 3.38
N THR C 186 -26.54 13.52 3.23
CA THR C 186 -27.41 13.71 2.07
C THR C 186 -27.92 15.16 2.03
N CYS C 187 -28.31 15.67 3.18
CA CYS C 187 -28.80 17.03 3.28
C CYS C 187 -27.71 18.08 2.97
N LEU C 188 -26.60 18.00 3.72
CA LEU C 188 -25.52 18.99 3.61
C LEU C 188 -24.94 19.03 2.20
N GLY C 189 -24.86 17.86 1.56
CA GLY C 189 -24.44 17.76 0.17
C GLY C 189 -25.41 18.43 -0.81
N GLU C 190 -26.70 18.23 -0.58
CA GLU C 190 -27.71 18.85 -1.39
C GLU C 190 -27.65 20.36 -1.19
N LEU C 191 -27.36 20.79 0.04
CA LEU C 191 -27.34 22.21 0.33
C LEU C 191 -26.08 22.95 0.02
N GLY C 192 -25.02 22.25 -0.35
CA GLY C 192 -23.78 22.91 -0.71
C GLY C 192 -22.87 23.21 0.47
N ALA C 193 -23.06 22.49 1.58
CA ALA C 193 -22.23 22.66 2.79
C ALA C 193 -21.08 21.67 2.87
N ILE C 194 -20.13 21.94 3.76
CA ILE C 194 -19.05 21.01 4.08
C ILE C 194 -19.49 20.19 5.29
N ALA C 195 -19.44 18.87 5.17
CA ALA C 195 -19.74 18.00 6.30
C ALA C 195 -18.46 17.64 7.06
N GLN C 196 -18.34 18.16 8.26
CA GLN C 196 -17.19 17.89 9.13
C GLN C 196 -17.53 16.78 10.08
N VAL C 197 -16.52 16.10 10.58
CA VAL C 197 -16.76 15.02 11.49
C VAL C 197 -15.75 14.99 12.59
N HIS C 198 -16.21 14.71 13.82
CA HIS C 198 -15.34 14.27 14.90
C HIS C 198 -15.39 12.80 14.76
N ALA C 199 -14.32 12.21 14.25
CA ALA C 199 -14.38 10.81 13.87
C ALA C 199 -13.69 9.91 14.85
N GLU C 200 -14.47 9.36 15.75
CA GLU C 200 -13.98 8.44 16.76
C GLU C 200 -15.17 7.57 17.14
N ASN C 201 -14.93 6.30 17.46
CA ASN C 201 -16.03 5.41 17.74
C ASN C 201 -16.41 5.53 19.19
N GLY C 202 -17.47 6.30 19.49
CA GLY C 202 -17.93 6.51 20.87
C GLY C 202 -18.40 5.26 21.59
N ASP C 203 -18.98 4.33 20.82
CA ASP C 203 -19.45 3.05 21.39
C ASP C 203 -18.35 2.22 22.05
N ILE C 204 -17.23 2.06 21.36
CA ILE C 204 -16.11 1.27 21.90
C ILE C 204 -15.35 2.03 23.00
N ILE C 205 -15.26 3.35 22.87
CA ILE C 205 -14.53 4.15 23.84
C ILE C 205 -15.26 4.02 25.15
N ALA C 206 -16.58 4.10 25.12
CA ALA C 206 -17.35 3.98 26.37
C ALA C 206 -16.94 2.73 27.12
N GLN C 207 -16.80 1.62 26.41
CA GLN C 207 -16.43 0.38 27.05
C GLN C 207 -15.03 0.45 27.61
N GLU C 208 -14.12 0.93 26.79
CA GLU C 208 -12.70 0.90 27.13
C GLU C 208 -12.41 1.87 28.27
N GLN C 209 -13.21 2.92 28.40
CA GLN C 209 -13.09 3.80 29.56
C GLN C 209 -13.39 3.06 30.83
N THR C 210 -14.52 2.37 30.80
CA THR C 210 -14.95 1.63 31.97
C THR C 210 -13.82 0.64 32.36
N ARG C 211 -13.35 -0.09 31.38
CA ARG C 211 -12.39 -1.11 31.65
C ARG C 211 -11.16 -0.49 32.29
N MET C 212 -10.75 0.66 31.77
CA MET C 212 -9.57 1.29 32.28
C MET C 212 -9.82 1.67 33.72
N LEU C 213 -11.01 2.18 33.99
CA LEU C 213 -11.35 2.56 35.35
C LEU C 213 -11.47 1.30 36.20
N GLU C 214 -12.11 0.28 35.64
CA GLU C 214 -12.31 -0.96 36.36
C GLU C 214 -10.94 -1.60 36.60
N MET C 215 -9.95 -1.17 35.83
CA MET C 215 -8.55 -1.55 36.06
C MET C 215 -7.79 -0.61 36.98
N GLY C 216 -8.48 0.40 37.50
CA GLY C 216 -7.82 1.41 38.33
C GLY C 216 -6.75 2.28 37.66
N ILE C 217 -6.97 2.60 36.39
CA ILE C 217 -6.10 3.55 35.69
C ILE C 217 -6.92 4.84 35.54
N THR C 218 -6.86 5.69 36.56
CA THR C 218 -7.66 6.92 36.57
C THR C 218 -6.89 8.15 36.09
N GLY C 219 -5.56 8.04 36.00
CA GLY C 219 -4.75 9.16 35.53
C GLY C 219 -4.97 9.45 34.06
N PRO C 220 -4.35 10.51 33.56
CA PRO C 220 -4.50 10.89 32.15
C PRO C 220 -4.06 9.81 31.15
N GLU C 221 -3.13 8.93 31.52
CA GLU C 221 -2.74 7.81 30.64
C GLU C 221 -3.93 6.94 30.24
N GLY C 222 -4.95 6.90 31.08
CA GLY C 222 -6.16 6.18 30.73
C GLY C 222 -6.98 6.85 29.64
N HIS C 223 -6.76 8.12 29.43
CA HIS C 223 -7.50 8.81 28.41
C HIS C 223 -7.02 8.30 27.08
N VAL C 224 -5.71 8.33 26.88
CA VAL C 224 -5.11 7.92 25.60
C VAL C 224 -5.26 6.42 25.40
N LEU C 225 -5.15 5.65 26.48
CA LEU C 225 -5.31 4.19 26.39
C LEU C 225 -6.75 3.75 26.23
N SER C 226 -7.72 4.63 26.46
CA SER C 226 -9.08 4.26 26.20
C SER C 226 -9.54 4.71 24.84
N ARG C 227 -8.69 5.39 24.09
CA ARG C 227 -9.04 5.76 22.73
C ARG C 227 -7.86 5.49 21.81
N PRO C 228 -7.48 4.23 21.63
CA PRO C 228 -6.32 3.99 20.74
C PRO C 228 -6.65 4.36 19.29
N GLU C 229 -5.64 4.52 18.44
CA GLU C 229 -5.90 5.11 17.16
C GLU C 229 -6.73 4.18 16.28
N GLU C 230 -6.80 2.90 16.61
CA GLU C 230 -7.63 1.91 15.88
C GLU C 230 -9.06 2.41 15.76
N LEU C 231 -9.51 3.10 16.79
CA LEU C 231 -10.88 3.57 16.86
C LEU C 231 -11.11 4.86 16.16
N GLU C 232 -10.05 5.65 15.98
CA GLU C 232 -10.14 6.87 15.20
C GLU C 232 -10.26 6.40 13.75
N ALA C 233 -9.31 5.53 13.35
CA ALA C 233 -9.31 4.96 12.02
C ALA C 233 -10.68 4.40 11.59
N GLU C 234 -11.29 3.60 12.45
CA GLU C 234 -12.54 2.96 12.08
C GLU C 234 -13.59 4.03 11.78
N ALA C 235 -13.71 5.01 12.68
CA ALA C 235 -14.69 6.04 12.49
C ALA C 235 -14.49 6.77 11.18
N VAL C 236 -13.25 7.06 10.85
CA VAL C 236 -12.92 7.79 9.62
C VAL C 236 -13.30 6.96 8.39
N PHE C 237 -12.93 5.68 8.40
CA PHE C 237 -13.34 4.79 7.33
C PHE C 237 -14.86 4.80 7.14
N ARG C 238 -15.60 4.63 8.24
CA ARG C 238 -17.04 4.65 8.16
C ARG C 238 -17.59 6.00 7.63
N ALA C 239 -16.99 7.10 8.05
CA ALA C 239 -17.47 8.42 7.58
C ALA C 239 -17.19 8.62 6.10
N ILE C 240 -16.00 8.22 5.69
CA ILE C 240 -15.61 8.34 4.29
C ILE C 240 -16.55 7.51 3.44
N THR C 241 -16.90 6.33 3.95
CA THR C 241 -17.76 5.41 3.19
C THR C 241 -19.11 6.04 2.97
N ILE C 242 -19.68 6.56 4.05
CA ILE C 242 -21.01 7.13 3.99
C ILE C 242 -21.03 8.42 3.15
N ALA C 243 -20.02 9.25 3.34
CA ALA C 243 -19.91 10.45 2.54
C ALA C 243 -19.89 10.12 1.06
N SER C 244 -19.24 9.00 0.75
CA SER C 244 -19.11 8.59 -0.63
C SER C 244 -20.43 8.07 -1.20
N GLN C 245 -21.16 7.28 -0.44
CA GLN C 245 -22.47 6.82 -0.89
C GLN C 245 -23.45 7.98 -1.10
N THR C 246 -23.32 9.05 -0.34
CA THR C 246 -24.23 10.16 -0.38
C THR C 246 -23.67 11.36 -1.13
N ASN C 247 -22.56 11.16 -1.82
CA ASN C 247 -21.97 12.19 -2.66
C ASN C 247 -21.88 13.52 -1.94
N CYS C 248 -21.37 13.45 -0.71
CA CYS C 248 -21.19 14.62 0.13
C CYS C 248 -19.68 14.84 0.37
N PRO C 249 -19.19 16.08 0.26
CA PRO C 249 -17.80 16.30 0.70
C PRO C 249 -17.64 16.11 2.16
N LEU C 250 -16.52 15.49 2.56
CA LEU C 250 -16.23 15.18 3.98
C LEU C 250 -14.98 15.89 4.41
N TYR C 251 -14.92 16.30 5.67
CA TYR C 251 -13.81 17.06 6.27
C TYR C 251 -13.53 16.45 7.64
N VAL C 252 -12.37 15.84 7.80
CA VAL C 252 -12.03 15.15 9.00
C VAL C 252 -11.28 16.11 9.88
N THR C 253 -11.83 16.41 11.04
CA THR C 253 -11.19 17.33 11.95
C THR C 253 -10.19 16.64 12.86
N LYS C 254 -9.21 17.41 13.32
CA LYS C 254 -8.31 16.97 14.33
C LYS C 254 -7.70 15.65 14.01
N VAL C 255 -6.95 15.60 12.94
CA VAL C 255 -6.33 14.34 12.54
C VAL C 255 -5.10 14.12 13.39
N MET C 256 -5.08 13.06 14.21
CA MET C 256 -4.02 12.91 15.21
C MET C 256 -3.15 11.70 14.97
N SER C 257 -3.67 10.69 14.28
CA SER C 257 -2.91 9.47 14.08
C SER C 257 -2.51 9.23 12.64
N LYS C 258 -1.48 8.39 12.49
CA LYS C 258 -0.97 8.05 11.15
C LYS C 258 -1.99 7.26 10.39
N SER C 259 -2.59 6.28 11.06
CA SER C 259 -3.58 5.44 10.38
C SER C 259 -4.80 6.27 9.90
N ALA C 260 -5.25 7.28 10.65
CA ALA C 260 -6.34 8.14 10.18
C ALA C 260 -5.94 8.92 8.93
N ALA C 261 -4.71 9.47 8.93
CA ALA C 261 -4.18 10.18 7.78
C ALA C 261 -3.94 9.28 6.60
N ASP C 262 -3.55 8.02 6.81
CA ASP C 262 -3.43 7.12 5.65
C ASP C 262 -4.74 6.88 4.98
N LEU C 263 -5.81 6.80 5.75
CA LEU C 263 -7.11 6.53 5.15
C LEU C 263 -7.53 7.65 4.29
N ILE C 264 -7.22 8.87 4.70
CA ILE C 264 -7.63 10.06 3.96
C ILE C 264 -6.85 10.17 2.67
N SER C 265 -5.57 9.88 2.78
CA SER C 265 -4.70 9.85 1.64
C SER C 265 -5.21 8.81 0.69
N GLN C 266 -5.59 7.69 1.24
CA GLN C 266 -6.05 6.56 0.42
C GLN C 266 -7.37 6.86 -0.26
N ALA C 267 -8.26 7.57 0.42
CA ALA C 267 -9.54 7.94 -0.17
C ALA C 267 -9.39 8.98 -1.25
N ARG C 268 -8.50 9.94 -1.04
CA ARG C 268 -8.32 10.98 -2.02
C ARG C 268 -7.77 10.44 -3.31
N LYS C 269 -6.97 9.41 -3.22
CA LYS C 269 -6.35 8.89 -4.43
C LYS C 269 -7.43 8.25 -5.30
N LYS C 270 -8.39 7.61 -4.63
CA LYS C 270 -9.51 6.95 -5.28
C LYS C 270 -10.41 7.94 -5.93
N GLY C 271 -10.22 9.21 -5.64
CA GLY C 271 -11.08 10.27 -6.15
C GLY C 271 -12.10 10.80 -5.16
N ASN C 272 -12.20 10.24 -3.94
CA ASN C 272 -13.22 10.71 -2.97
C ASN C 272 -12.91 12.14 -2.60
N VAL C 273 -13.97 12.94 -2.41
CA VAL C 273 -13.79 14.31 -1.95
C VAL C 273 -13.75 14.30 -0.46
N VAL C 274 -12.53 14.27 0.07
CA VAL C 274 -12.29 14.25 1.52
C VAL C 274 -11.18 15.24 1.85
N PHE C 275 -11.33 15.99 2.94
CA PHE C 275 -10.22 16.84 3.43
C PHE C 275 -9.84 16.45 4.84
N GLY C 276 -8.57 16.68 5.18
CA GLY C 276 -8.06 16.32 6.50
C GLY C 276 -7.39 17.48 7.18
N GLU C 277 -7.74 17.68 8.45
CA GLU C 277 -7.27 18.83 9.23
C GLU C 277 -6.39 18.40 10.41
N PRO C 278 -5.07 18.27 10.22
CA PRO C 278 -4.22 18.13 11.41
C PRO C 278 -4.27 19.41 12.20
N ILE C 279 -3.83 19.33 13.45
CA ILE C 279 -3.78 20.48 14.34
C ILE C 279 -2.38 20.65 14.94
N THR C 280 -2.11 21.84 15.49
CA THR C 280 -0.78 22.14 15.99
C THR C 280 -0.19 21.01 16.83
N ALA C 281 -1.02 20.52 17.76
CA ALA C 281 -0.64 19.44 18.67
C ALA C 281 -0.09 18.22 17.95
N SER C 282 -0.84 17.69 16.98
CA SER C 282 -0.40 16.48 16.28
C SER C 282 0.78 16.75 15.35
N LEU C 283 0.94 17.99 14.90
CA LEU C 283 2.05 18.36 14.03
C LEU C 283 3.33 18.64 14.75
N GLY C 284 3.26 18.95 16.04
CA GLY C 284 4.42 19.46 16.78
C GLY C 284 4.94 18.55 17.89
N ILE C 285 4.04 17.76 18.50
CA ILE C 285 4.43 16.96 19.61
C ILE C 285 3.73 15.64 19.62
N ASP C 286 4.11 14.77 20.55
CA ASP C 286 3.45 13.47 20.62
C ASP C 286 2.93 13.18 22.02
N GLY C 287 2.40 11.97 22.21
CA GLY C 287 1.58 11.67 23.39
C GLY C 287 2.31 10.98 24.52
N THR C 288 3.64 10.91 24.51
CA THR C 288 4.31 10.22 25.59
C THR C 288 4.08 10.96 26.94
N HIS C 289 3.60 12.18 26.89
CA HIS C 289 3.51 12.95 28.12
C HIS C 289 2.28 12.64 28.97
N TYR C 290 1.35 11.86 28.46
CA TYR C 290 0.26 11.37 29.35
C TYR C 290 0.84 10.52 30.47
N TRP C 291 2.07 10.05 30.27
CA TRP C 291 2.73 9.20 31.26
C TRP C 291 3.60 9.97 32.25
N SER C 292 3.65 11.28 32.09
CA SER C 292 4.42 12.14 32.96
C SER C 292 3.94 12.00 34.38
N LYS C 293 4.90 11.98 35.30
CA LYS C 293 4.62 11.85 36.71
C LYS C 293 3.91 13.11 37.23
N ASN C 294 4.18 14.25 36.62
CA ASN C 294 3.50 15.49 37.00
C ASN C 294 2.07 15.45 36.52
N TRP C 295 1.10 15.31 37.42
CA TRP C 295 -0.27 15.04 36.98
C TRP C 295 -0.82 16.16 36.13
N ALA C 296 -0.53 17.41 36.50
CA ALA C 296 -1.12 18.54 35.78
C ALA C 296 -0.57 18.68 34.38
N LYS C 297 0.69 18.31 34.19
CA LYS C 297 1.32 18.36 32.87
C LYS C 297 0.66 17.33 31.98
N ALA C 298 0.50 16.13 32.50
CA ALA C 298 -0.20 15.11 31.74
C ALA C 298 -1.59 15.55 31.33
N ALA C 299 -2.31 16.14 32.25
CA ALA C 299 -3.69 16.56 31.96
C ALA C 299 -3.74 17.74 30.95
N ALA C 300 -2.63 18.44 30.80
CA ALA C 300 -2.58 19.55 29.87
C ALA C 300 -2.75 19.06 28.43
N PHE C 301 -2.39 17.78 28.20
CA PHE C 301 -2.38 17.15 26.89
C PHE C 301 -3.72 16.47 26.63
N VAL C 302 -4.61 16.43 27.60
CA VAL C 302 -5.86 15.67 27.41
C VAL C 302 -6.76 16.38 26.43
N THR C 303 -6.94 15.77 25.26
CA THR C 303 -7.71 16.34 24.16
C THR C 303 -8.22 15.14 23.38
N SER C 304 -9.23 15.29 22.53
CA SER C 304 -9.76 14.15 21.83
C SER C 304 -10.01 14.41 20.33
N PRO C 305 -9.47 13.54 19.44
CA PRO C 305 -8.69 12.37 19.83
C PRO C 305 -7.39 12.76 20.47
N PRO C 306 -6.77 11.82 21.20
CA PRO C 306 -5.57 12.20 21.90
C PRO C 306 -4.35 12.29 20.97
N LEU C 307 -3.29 12.92 21.46
CA LEU C 307 -1.96 12.77 20.86
C LEU C 307 -1.58 11.25 20.87
N SER C 308 -0.98 10.80 19.78
CA SER C 308 -0.57 9.40 19.69
C SER C 308 0.70 9.14 20.49
N PRO C 309 0.78 7.97 21.18
CA PRO C 309 2.00 7.63 21.92
C PRO C 309 3.12 7.21 21.02
N ASP C 310 2.80 7.03 19.74
CA ASP C 310 3.79 6.53 18.79
C ASP C 310 4.55 7.77 18.37
N PRO C 311 5.81 7.88 18.78
CA PRO C 311 6.59 9.13 18.63
C PRO C 311 6.99 9.46 17.22
N THR C 312 6.86 8.50 16.29
CA THR C 312 7.08 8.72 14.86
C THR C 312 5.93 9.52 14.22
N THR C 313 4.84 9.76 14.97
CA THR C 313 3.63 10.38 14.43
C THR C 313 3.78 11.84 13.95
N PRO C 314 4.45 12.73 14.72
CA PRO C 314 4.44 14.09 14.22
C PRO C 314 5.13 14.23 12.89
N ASP C 315 6.21 13.46 12.70
CA ASP C 315 7.00 13.56 11.50
C ASP C 315 6.19 13.12 10.31
N TYR C 316 5.38 12.10 10.52
CA TYR C 316 4.56 11.56 9.46
C TYR C 316 3.42 12.47 9.14
N ILE C 317 2.84 13.13 10.12
CA ILE C 317 1.70 14.01 9.85
C ILE C 317 2.15 15.24 9.09
N ASN C 318 3.36 15.75 9.40
CA ASN C 318 3.95 16.84 8.62
C ASN C 318 4.26 16.37 7.19
N SER C 319 4.68 15.12 7.06
CA SER C 319 4.98 14.61 5.74
C SER C 319 3.78 14.53 4.85
N LEU C 320 2.62 14.18 5.40
CA LEU C 320 1.43 14.10 4.60
C LEU C 320 0.76 15.47 4.36
N LEU C 321 0.95 16.38 5.29
CA LEU C 321 0.57 17.76 5.05
C LEU C 321 1.40 18.37 3.95
N ALA C 322 2.68 18.02 3.90
CA ALA C 322 3.60 18.44 2.82
C ALA C 322 3.13 17.91 1.50
N SER C 323 2.70 16.65 1.47
CA SER C 323 2.35 16.03 0.19
C SER C 323 0.97 16.40 -0.34
N GLY C 324 0.20 17.15 0.43
CA GLY C 324 -1.12 17.50 0.05
C GLY C 324 -2.17 16.48 0.37
N ASP C 325 -1.78 15.42 1.05
CA ASP C 325 -2.69 14.34 1.48
C ASP C 325 -3.52 14.79 2.71
N LEU C 326 -2.97 15.73 3.47
CA LEU C 326 -3.72 16.59 4.38
C LEU C 326 -3.52 17.99 3.83
N GLN C 327 -4.60 18.79 3.85
CA GLN C 327 -4.65 20.00 3.03
C GLN C 327 -4.46 21.25 3.81
N LEU C 328 -4.80 21.23 5.10
CA LEU C 328 -4.89 22.44 5.89
C LEU C 328 -4.72 22.18 7.38
N SER C 329 -4.35 23.24 8.11
CA SER C 329 -4.11 23.09 9.53
C SER C 329 -5.03 24.00 10.30
N GLY C 330 -5.41 23.55 11.49
CA GLY C 330 -5.99 24.43 12.51
C GLY C 330 -5.35 24.08 13.83
N SER C 331 -5.89 24.60 14.93
CA SER C 331 -5.29 24.40 16.26
C SER C 331 -6.22 23.75 17.26
N ALA C 332 -7.54 23.90 17.05
CA ALA C 332 -8.55 23.33 17.97
C ALA C 332 -8.35 23.83 19.40
N HIS C 333 -8.02 25.11 19.52
CA HIS C 333 -7.63 25.77 20.73
C HIS C 333 -8.75 25.69 21.70
N CYS C 334 -8.48 25.11 22.85
CA CYS C 334 -9.49 24.91 23.86
C CYS C 334 -8.71 24.81 25.15
N THR C 335 -8.73 25.86 25.95
CA THR C 335 -7.82 25.92 27.06
C THR C 335 -8.59 25.95 28.35
N PHE C 336 -8.11 25.22 29.33
CA PHE C 336 -8.70 25.23 30.64
C PHE C 336 -7.60 25.53 31.64
N SER C 337 -7.96 26.07 32.81
CA SER C 337 -6.96 26.38 33.81
C SER C 337 -6.49 25.07 34.45
N THR C 338 -5.36 25.11 35.13
CA THR C 338 -4.92 23.97 35.93
C THR C 338 -6.05 23.48 36.87
N ALA C 339 -6.71 24.45 37.49
CA ALA C 339 -7.81 24.20 38.41
C ALA C 339 -8.95 23.44 37.76
N GLN C 340 -9.37 23.89 36.58
CA GLN C 340 -10.47 23.22 35.87
C GLN C 340 -10.07 21.80 35.46
N LYS C 341 -8.83 21.62 35.02
CA LYS C 341 -8.34 20.28 34.65
C LYS C 341 -8.35 19.36 35.86
N ALA C 342 -8.08 19.92 37.04
CA ALA C 342 -7.99 19.14 38.27
C ALA C 342 -9.28 18.45 38.65
N ILE C 343 -10.39 18.91 38.08
CA ILE C 343 -11.69 18.33 38.33
C ILE C 343 -11.67 16.84 38.11
N GLY C 344 -10.76 16.37 37.26
CA GLY C 344 -10.72 14.96 36.96
C GLY C 344 -9.57 14.24 37.64
N LYS C 345 -9.03 14.82 38.70
CA LYS C 345 -7.84 14.24 39.31
C LYS C 345 -8.05 12.85 39.87
N ASP C 346 -9.31 12.44 40.02
CA ASP C 346 -9.62 11.09 40.46
C ASP C 346 -10.21 10.20 39.37
N ASN C 347 -10.60 10.78 38.25
CA ASN C 347 -11.18 10.04 37.14
C ASN C 347 -10.92 10.81 35.85
N PHE C 348 -10.11 10.25 34.94
CA PHE C 348 -9.75 10.95 33.70
C PHE C 348 -10.98 11.35 32.89
N THR C 349 -12.06 10.59 32.92
CA THR C 349 -13.22 10.94 32.10
C THR C 349 -13.84 12.25 32.54
N ALA C 350 -13.45 12.77 33.69
CA ALA C 350 -13.95 14.06 34.11
C ALA C 350 -12.96 15.20 33.80
N ILE C 351 -11.79 14.88 33.25
CA ILE C 351 -10.84 15.92 32.83
C ILE C 351 -11.39 16.62 31.59
N PRO C 352 -11.56 17.95 31.63
CA PRO C 352 -12.05 18.62 30.45
C PRO C 352 -11.05 18.53 29.29
N GLU C 353 -11.58 18.33 28.09
CA GLU C 353 -10.75 18.06 26.92
C GLU C 353 -10.35 19.30 26.15
N GLY C 354 -9.04 19.47 25.92
CA GLY C 354 -8.54 20.55 25.07
C GLY C 354 -7.12 21.02 25.39
N THR C 355 -6.49 21.68 24.42
CA THR C 355 -5.14 22.09 24.59
C THR C 355 -4.85 23.45 23.91
N ASN C 356 -3.63 23.98 24.03
CA ASN C 356 -3.33 25.22 23.30
C ASN C 356 -2.91 24.93 21.91
N GLY C 357 -2.67 25.96 21.14
CA GLY C 357 -2.14 25.71 19.80
C GLY C 357 -2.36 26.77 18.79
N VAL C 358 -3.19 27.75 19.08
CA VAL C 358 -3.46 28.79 18.09
C VAL C 358 -2.23 29.65 17.81
N GLU C 359 -1.48 29.95 18.86
CA GLU C 359 -0.36 30.88 18.75
C GLU C 359 0.82 30.27 18.03
N GLU C 360 0.98 28.94 18.14
CA GLU C 360 2.19 28.24 17.73
C GLU C 360 2.04 27.52 16.39
N ARG C 361 0.83 27.52 15.83
CA ARG C 361 0.56 26.71 14.66
C ARG C 361 1.54 26.96 13.53
N MET C 362 1.79 28.21 13.20
CA MET C 362 2.58 28.51 11.99
C MET C 362 4.03 28.25 12.24
N SER C 363 4.45 28.56 13.45
CA SER C 363 5.85 28.33 13.83
C SER C 363 6.14 26.83 13.85
N VAL C 364 5.19 26.04 14.33
CA VAL C 364 5.39 24.59 14.39
C VAL C 364 5.57 24.02 12.98
N ILE C 365 4.63 24.32 12.10
CA ILE C 365 4.69 23.82 10.75
C ILE C 365 5.93 24.30 10.05
N TRP C 366 6.33 25.55 10.24
CA TRP C 366 7.58 26.01 9.61
C TRP C 366 8.76 25.21 10.11
N ASP C 367 8.87 25.11 11.43
CA ASP C 367 9.94 24.37 12.05
C ASP C 367 9.99 22.97 11.61
N LYS C 368 8.83 22.33 11.59
CA LYS C 368 8.77 20.88 11.33
C LYS C 368 8.72 20.47 9.89
N ALA C 369 8.06 21.24 9.05
CA ALA C 369 7.85 20.83 7.66
C ALA C 369 8.63 21.63 6.64
N VAL C 370 9.06 22.84 6.97
CA VAL C 370 9.73 23.64 5.99
C VAL C 370 11.19 23.61 6.25
N ALA C 371 11.56 23.93 7.48
CA ALA C 371 12.96 23.95 7.85
C ALA C 371 13.58 22.58 7.82
N THR C 372 12.75 21.54 7.72
CA THR C 372 13.20 20.20 7.54
C THR C 372 13.21 19.75 6.08
N GLY C 373 12.87 20.66 5.15
CA GLY C 373 12.87 20.37 3.70
C GLY C 373 11.71 19.48 3.21
N LYS C 374 10.66 19.36 4.00
CA LYS C 374 9.55 18.57 3.54
C LYS C 374 8.67 19.35 2.52
N MET C 375 8.35 20.60 2.85
CA MET C 375 7.51 21.43 1.98
C MET C 375 8.24 22.73 1.79
N ASP C 376 7.94 23.42 0.72
CA ASP C 376 8.58 24.71 0.54
C ASP C 376 7.63 25.77 1.09
N GLU C 377 8.09 27.01 1.04
CA GLU C 377 7.35 28.14 1.54
C GLU C 377 5.97 28.37 0.87
N ASN C 378 5.82 27.93 -0.37
CA ASN C 378 4.57 28.12 -1.09
C ASN C 378 3.51 27.14 -0.62
N GLN C 379 3.90 25.88 -0.47
CA GLN C 379 2.98 24.89 0.16
C GLN C 379 2.72 25.21 1.67
N PHE C 380 3.67 25.86 2.35
CA PHE C 380 3.44 26.41 3.71
C PHE C 380 2.27 27.44 3.75
N VAL C 381 2.20 28.30 2.75
CA VAL C 381 1.15 29.31 2.71
C VAL C 381 -0.15 28.60 2.47
N ALA C 382 -0.12 27.58 1.63
CA ALA C 382 -1.32 26.83 1.32
C ALA C 382 -1.92 26.14 2.51
N VAL C 383 -1.09 25.48 3.31
CA VAL C 383 -1.61 24.71 4.46
C VAL C 383 -1.87 25.59 5.63
N THR C 384 -1.44 26.83 5.55
CA THR C 384 -1.65 27.77 6.64
C THR C 384 -2.75 28.76 6.31
N SER C 385 -2.99 29.08 5.04
CA SER C 385 -4.12 29.97 4.72
C SER C 385 -4.87 29.68 3.44
N THR C 386 -4.14 29.41 2.36
CA THR C 386 -4.78 29.43 1.06
C THR C 386 -5.75 28.31 0.85
N ASN C 387 -5.46 27.14 1.37
CA ASN C 387 -6.38 26.03 1.19
C ASN C 387 -7.63 26.24 2.04
N ALA C 388 -7.44 26.78 3.23
CA ALA C 388 -8.60 27.05 4.09
C ALA C 388 -9.58 28.00 3.35
N ALA C 389 -9.03 29.02 2.70
CA ALA C 389 -9.83 29.97 1.98
C ALA C 389 -10.63 29.33 0.89
N LYS C 390 -10.05 28.42 0.14
CA LYS C 390 -10.76 27.79 -0.97
C LYS C 390 -11.83 26.88 -0.47
N ILE C 391 -11.50 26.08 0.54
CA ILE C 391 -12.46 25.10 1.05
C ILE C 391 -13.73 25.81 1.55
N PHE C 392 -13.51 26.90 2.32
CA PHE C 392 -14.57 27.57 3.03
C PHE C 392 -15.12 28.76 2.27
N ASN C 393 -14.67 28.91 1.02
CA ASN C 393 -15.21 29.92 0.06
C ASN C 393 -14.89 31.36 0.41
N LEU C 394 -13.64 31.59 0.80
CA LEU C 394 -13.12 32.92 1.13
C LEU C 394 -12.04 33.36 0.18
N TYR C 395 -11.86 32.66 -0.93
CA TYR C 395 -10.72 32.91 -1.81
C TYR C 395 -11.21 33.76 -3.01
N PRO C 396 -10.41 34.75 -3.46
CA PRO C 396 -9.09 35.13 -2.96
C PRO C 396 -9.07 36.26 -1.96
N ARG C 397 -10.22 36.57 -1.38
CA ARG C 397 -10.28 37.66 -0.43
C ARG C 397 -9.30 37.39 0.65
N LYS C 398 -9.27 36.13 1.08
CA LYS C 398 -8.24 35.72 2.09
C LYS C 398 -7.30 34.68 1.50
N GLY C 399 -6.11 34.55 2.12
CA GLY C 399 -5.12 33.54 1.74
C GLY C 399 -4.41 33.91 0.45
N ARG C 400 -4.37 35.19 0.16
CA ARG C 400 -3.68 35.66 -1.02
C ARG C 400 -3.40 37.14 -0.97
N ILE C 401 -2.15 37.45 -1.27
CA ILE C 401 -1.65 38.80 -1.48
C ILE C 401 -1.80 39.14 -2.94
N SER C 402 -2.90 39.78 -3.30
CA SER C 402 -3.06 40.37 -4.64
C SER C 402 -4.01 41.56 -4.53
N VAL C 403 -3.94 42.44 -5.51
CA VAL C 403 -4.71 43.66 -5.53
C VAL C 403 -6.19 43.34 -5.40
N GLY C 404 -6.86 43.94 -4.44
CA GLY C 404 -8.28 43.67 -4.23
C GLY C 404 -8.56 42.78 -3.05
N SER C 405 -7.60 41.93 -2.70
CA SER C 405 -7.72 41.06 -1.55
C SER C 405 -7.60 41.88 -0.26
N ASP C 406 -8.17 41.35 0.82
CA ASP C 406 -8.08 42.01 2.13
C ASP C 406 -6.65 42.12 2.55
N SER C 407 -6.31 43.17 3.26
CA SER C 407 -4.91 43.40 3.56
C SER C 407 -4.57 42.77 4.90
N ASP C 408 -4.70 41.46 4.99
CA ASP C 408 -4.24 40.74 6.19
C ASP C 408 -3.02 40.01 5.78
N LEU C 409 -1.89 40.32 6.37
CA LEU C 409 -0.67 39.62 5.98
C LEU C 409 0.41 39.74 7.00
N VAL C 410 1.54 39.07 6.76
CA VAL C 410 2.57 38.92 7.75
C VAL C 410 3.96 39.03 7.12
N ILE C 411 4.86 39.76 7.76
CA ILE C 411 6.29 39.63 7.48
C ILE C 411 6.90 38.57 8.36
N TRP C 412 7.42 37.53 7.71
CA TRP C 412 7.80 36.27 8.35
C TRP C 412 9.31 36.11 8.29
N ASP C 413 9.92 35.74 9.42
CA ASP C 413 11.40 35.58 9.51
C ASP C 413 11.79 34.12 9.58
N PRO C 414 12.26 33.58 8.45
CA PRO C 414 12.58 32.14 8.47
C PRO C 414 13.78 31.81 9.33
N ASP C 415 14.59 32.79 9.72
CA ASP C 415 15.76 32.50 10.54
C ASP C 415 15.55 32.81 12.01
N ALA C 416 14.39 33.26 12.40
CA ALA C 416 14.09 33.51 13.81
C ALA C 416 14.01 32.17 14.56
N VAL C 417 14.34 32.22 15.84
CA VAL C 417 14.29 31.05 16.66
C VAL C 417 13.68 31.49 17.97
N LYS C 418 12.62 30.83 18.41
CA LYS C 418 11.99 31.16 19.68
C LYS C 418 11.83 29.92 20.52
N ILE C 419 11.84 30.10 21.82
CA ILE C 419 11.51 29.02 22.73
C ILE C 419 10.09 29.32 23.13
N VAL C 420 9.26 28.29 23.21
CA VAL C 420 7.85 28.50 23.58
C VAL C 420 7.79 28.32 25.07
N SER C 421 7.08 29.21 25.76
CA SER C 421 6.79 28.98 27.18
C SER C 421 5.48 29.60 27.56
N ALA C 422 4.85 29.01 28.59
CA ALA C 422 3.61 29.50 29.11
C ALA C 422 3.84 30.86 29.71
N LYS C 423 5.07 31.06 30.16
CA LYS C 423 5.50 32.33 30.73
C LYS C 423 5.30 33.41 29.75
N ASN C 424 5.52 33.12 28.49
CA ASN C 424 5.48 34.13 27.48
C ASN C 424 4.26 34.12 26.63
N HIS C 425 3.40 33.11 26.69
CA HIS C 425 2.30 33.05 25.72
C HIS C 425 1.09 33.91 26.12
N GLN C 426 0.33 34.30 25.12
CA GLN C 426 -0.85 35.10 25.34
C GLN C 426 -1.94 34.35 26.06
N SER C 427 -1.98 33.05 25.92
CA SER C 427 -3.03 32.29 26.55
C SER C 427 -3.09 32.51 28.07
N ALA C 428 -4.28 32.45 28.60
CA ALA C 428 -4.50 32.56 30.04
C ALA C 428 -4.03 31.33 30.79
N ALA C 429 -3.86 30.21 30.08
CA ALA C 429 -3.53 28.95 30.73
C ALA C 429 -2.12 28.95 31.34
N GLU C 430 -1.91 28.16 32.38
CA GLU C 430 -0.60 28.12 33.05
C GLU C 430 0.33 27.12 32.39
N TYR C 431 -0.24 26.29 31.51
CA TYR C 431 0.54 25.25 30.83
C TYR C 431 0.51 25.44 29.31
N ASN C 432 1.60 25.03 28.66
CA ASN C 432 1.72 25.03 27.21
C ASN C 432 2.27 23.69 26.87
N ILE C 433 1.55 22.91 26.06
CA ILE C 433 2.06 21.58 25.71
C ILE C 433 3.35 21.59 24.91
N PHE C 434 3.69 22.72 24.30
CA PHE C 434 4.98 22.85 23.60
C PHE C 434 6.06 23.53 24.45
N GLU C 435 5.93 23.43 25.76
CA GLU C 435 6.81 24.13 26.69
C GLU C 435 8.25 23.75 26.42
N GLY C 436 9.14 24.76 26.37
CA GLY C 436 10.57 24.53 26.22
C GLY C 436 11.01 24.17 24.80
N MET C 437 10.08 24.03 23.88
CA MET C 437 10.47 23.71 22.50
C MET C 437 11.02 24.90 21.72
N GLU C 438 12.03 24.63 20.91
CA GLU C 438 12.66 25.66 20.14
C GLU C 438 12.09 25.62 18.72
N LEU C 439 11.51 26.71 18.24
CA LEU C 439 10.92 26.68 16.91
C LEU C 439 11.50 27.70 15.95
N ARG C 440 11.92 27.21 14.77
CA ARG C 440 12.48 28.05 13.75
C ARG C 440 11.39 28.66 12.98
N GLY C 441 11.42 29.95 12.82
CA GLY C 441 10.42 30.62 12.02
C GLY C 441 9.44 31.32 12.94
N ALA C 442 9.28 32.62 12.75
CA ALA C 442 8.30 33.35 13.54
C ALA C 442 7.97 34.61 12.84
N PRO C 443 6.83 35.22 13.18
CA PRO C 443 6.44 36.42 12.46
C PRO C 443 7.20 37.58 13.07
N LEU C 444 7.51 38.62 12.29
CA LEU C 444 8.03 39.90 12.83
C LEU C 444 6.91 40.94 12.97
N VAL C 445 6.09 41.01 11.92
CA VAL C 445 5.08 42.04 11.79
C VAL C 445 3.81 41.41 11.28
N VAL C 446 2.68 41.79 11.84
CA VAL C 446 1.39 41.26 11.45
C VAL C 446 0.46 42.42 11.14
N ILE C 447 -0.12 42.37 9.96
CA ILE C 447 -1.05 43.39 9.54
C ILE C 447 -2.36 42.70 9.39
N CYS C 448 -3.40 43.27 9.99
CA CYS C 448 -4.68 42.69 9.88
C CYS C 448 -5.59 43.82 9.61
N GLN C 449 -6.48 43.66 8.64
CA GLN C 449 -7.44 44.74 8.33
C GLN C 449 -6.73 45.99 7.87
N GLY C 450 -5.51 45.85 7.38
CA GLY C 450 -4.70 47.00 6.97
C GLY C 450 -3.96 47.69 8.09
N LYS C 451 -4.08 47.17 9.30
CA LYS C 451 -3.49 47.81 10.46
C LYS C 451 -2.39 47.00 11.09
N ILE C 452 -1.35 47.65 11.59
CA ILE C 452 -0.26 46.94 12.19
C ILE C 452 -0.69 46.49 13.57
N MET C 453 -0.82 45.18 13.75
CA MET C 453 -1.28 44.65 15.00
C MET C 453 -0.16 43.95 15.76
N LEU C 454 0.98 43.70 15.14
CA LEU C 454 2.13 43.27 15.91
C LEU C 454 3.38 43.83 15.33
N GLU C 455 4.18 44.50 16.13
CA GLU C 455 5.49 44.92 15.68
C GLU C 455 6.35 45.15 16.88
N ASP C 456 7.63 44.76 16.75
CA ASP C 456 8.61 44.80 17.88
C ASP C 456 8.15 44.07 19.12
N GLY C 457 7.34 43.03 18.95
CA GLY C 457 6.89 42.22 20.08
C GLY C 457 5.74 42.83 20.84
N ASN C 458 5.16 43.88 20.26
CA ASN C 458 4.02 44.53 20.87
C ASN C 458 2.80 44.32 20.05
N LEU C 459 1.73 43.90 20.68
CA LEU C 459 0.46 43.80 20.00
C LEU C 459 -0.30 45.13 20.09
N HIS C 460 -0.99 45.49 19.02
CA HIS C 460 -1.77 46.70 19.00
C HIS C 460 -3.15 46.26 18.50
N VAL C 461 -4.02 45.82 19.40
CA VAL C 461 -5.36 45.30 19.03
C VAL C 461 -6.50 46.15 19.58
N THR C 462 -7.70 45.88 19.05
CA THR C 462 -8.90 46.55 19.42
C THR C 462 -9.97 45.51 19.49
N GLN C 463 -10.63 45.46 20.60
CA GLN C 463 -11.65 44.47 20.85
C GLN C 463 -12.90 44.73 20.03
N GLY C 464 -13.33 43.73 19.29
CA GLY C 464 -14.59 43.76 18.53
C GLY C 464 -14.40 44.28 17.11
N ALA C 465 -13.17 44.68 16.81
CA ALA C 465 -12.79 45.11 15.46
C ALA C 465 -13.07 44.02 14.43
N GLY C 466 -12.93 42.77 14.83
CA GLY C 466 -13.18 41.68 13.90
C GLY C 466 -14.57 41.70 13.26
N ARG C 467 -14.62 41.35 11.98
CA ARG C 467 -15.87 41.20 11.25
C ARG C 467 -16.16 39.75 11.04
N PHE C 468 -17.44 39.38 11.16
CA PHE C 468 -17.92 38.10 10.69
C PHE C 468 -17.90 38.08 9.15
N ILE C 469 -17.27 37.05 8.60
CA ILE C 469 -17.20 36.91 7.17
C ILE C 469 -18.22 35.87 6.77
N PRO C 470 -19.30 36.27 6.04
CA PRO C 470 -20.22 35.22 5.62
C PRO C 470 -19.57 34.32 4.57
N CYS C 471 -19.84 33.01 4.69
CA CYS C 471 -19.28 32.00 3.81
C CYS C 471 -20.41 31.36 3.01
N SER C 472 -20.41 31.61 1.70
CA SER C 472 -21.41 31.02 0.82
C SER C 472 -21.15 29.53 0.61
N PRO C 473 -22.20 28.77 0.28
CA PRO C 473 -22.04 27.35 -0.01
C PRO C 473 -21.53 27.12 -1.43
N PHE C 474 -21.34 25.85 -1.77
CA PHE C 474 -20.95 25.45 -3.13
C PHE C 474 -19.64 26.04 -3.56
N SER C 475 -18.59 25.94 -2.73
CA SER C 475 -17.35 26.52 -3.19
C SER C 475 -16.85 25.67 -4.34
N ASP C 476 -16.33 26.29 -5.37
CA ASP C 476 -15.95 25.54 -6.54
C ASP C 476 -14.96 24.46 -6.17
N TYR C 477 -14.02 24.83 -5.32
CA TYR C 477 -12.95 23.92 -4.97
C TYR C 477 -13.51 22.60 -4.48
N VAL C 478 -14.59 22.65 -3.71
CA VAL C 478 -15.20 21.45 -3.14
C VAL C 478 -16.25 20.78 -4.00
N TYR C 479 -17.10 21.57 -4.64
CA TYR C 479 -18.34 21.04 -5.23
C TYR C 479 -18.39 20.80 -6.70
N LYS C 480 -17.44 21.30 -7.47
CA LYS C 480 -17.51 21.08 -8.93
C LYS C 480 -17.53 19.61 -9.31
N ARG C 481 -16.77 18.79 -8.60
CA ARG C 481 -16.75 17.37 -8.90
C ARG C 481 -18.02 16.65 -8.41
N ILE C 482 -18.55 17.13 -7.31
CA ILE C 482 -19.78 16.62 -6.78
C ILE C 482 -20.90 16.89 -7.77
N LYS C 483 -20.95 18.10 -8.29
CA LYS C 483 -22.03 18.47 -9.21
C LYS C 483 -21.94 17.61 -10.46
N ALA C 484 -20.71 17.37 -10.93
CA ALA C 484 -20.54 16.56 -12.14
C ALA C 484 -21.01 15.14 -11.89
N ARG C 485 -20.77 14.61 -10.71
CA ARG C 485 -21.18 13.27 -10.40
C ARG C 485 -22.69 13.08 -10.33
N ARG C 486 -23.34 14.02 -9.67
CA ARG C 486 -24.79 14.02 -9.57
C ARG C 486 -25.35 14.13 -10.97
N LYS C 487 -24.75 15.03 -11.74
CA LYS C 487 -25.17 15.26 -13.13
C LYS C 487 -24.99 14.02 -13.94
N MET C 488 -23.92 13.31 -13.63
CA MET C 488 -23.54 12.12 -14.36
C MET C 488 -24.54 11.00 -14.11
N ALA C 489 -25.18 11.02 -12.95
CA ALA C 489 -25.99 9.86 -12.58
C ALA C 489 -27.38 9.79 -13.27
N ASP C 490 -27.32 9.49 -14.56
CA ASP C 490 -28.45 8.99 -15.32
C ASP C 490 -28.22 7.49 -15.30
N LEU C 491 -29.22 6.75 -14.83
CA LEU C 491 -29.10 5.34 -14.57
C LEU C 491 -30.13 4.52 -15.36
N HIS C 492 -29.82 3.25 -15.50
CA HIS C 492 -30.59 2.34 -16.33
C HIS C 492 -31.47 1.39 -15.51
N ALA C 493 -32.48 0.84 -16.17
CA ALA C 493 -33.17 -0.32 -15.67
C ALA C 493 -32.99 -1.31 -16.81
N VAL C 494 -32.89 -2.60 -16.48
CA VAL C 494 -32.73 -3.60 -17.52
C VAL C 494 -34.16 -3.85 -18.01
N PRO C 495 -34.51 -3.30 -19.21
CA PRO C 495 -35.88 -3.60 -19.62
C PRO C 495 -35.97 -5.04 -20.07
N ARG C 496 -37.02 -5.73 -19.63
CA ARG C 496 -37.26 -7.10 -20.04
C ARG C 496 -38.76 -7.39 -20.10
N ILE D 12 -17.38 -45.96 12.43
CA ILE D 12 -16.08 -46.70 12.31
C ILE D 12 -16.12 -47.89 11.28
N THR D 13 -16.76 -49.03 11.60
CA THR D 13 -16.41 -50.26 10.87
C THR D 13 -16.49 -50.09 9.35
N SER D 14 -15.43 -50.53 8.69
CA SER D 14 -15.32 -50.54 7.25
C SER D 14 -14.41 -51.69 6.87
N ASP D 15 -14.48 -52.08 5.62
CA ASP D 15 -13.62 -53.17 5.16
C ASP D 15 -12.20 -52.69 5.23
N ARG D 16 -11.29 -53.64 5.05
CA ARG D 16 -9.91 -53.31 4.73
C ARG D 16 -9.81 -52.76 3.31
N LEU D 17 -8.88 -51.84 3.07
CA LEU D 17 -8.73 -51.25 1.75
C LEU D 17 -7.27 -50.86 1.53
N LEU D 18 -6.77 -51.17 0.35
CA LEU D 18 -5.40 -50.85 -0.04
C LEU D 18 -5.36 -50.07 -1.37
N ILE D 19 -4.63 -48.96 -1.36
CA ILE D 19 -4.47 -48.16 -2.54
C ILE D 19 -3.02 -48.13 -2.89
N LYS D 20 -2.67 -48.69 -4.04
CA LYS D 20 -1.29 -48.83 -4.48
C LYS D 20 -0.90 -47.86 -5.55
N GLY D 21 0.38 -47.49 -5.50
CA GLY D 21 1.05 -46.75 -6.56
C GLY D 21 0.63 -45.31 -6.61
N GLY D 22 0.04 -44.84 -5.50
CA GLY D 22 -0.49 -43.52 -5.44
C GLY D 22 0.58 -42.51 -5.17
N ARG D 23 0.34 -41.28 -5.57
CA ARG D 23 1.22 -40.19 -5.20
C ARG D 23 0.48 -39.35 -4.18
N ILE D 24 1.05 -39.26 -2.99
CA ILE D 24 0.33 -38.73 -1.87
C ILE D 24 0.62 -37.30 -1.74
N VAL D 25 -0.42 -36.49 -1.64
CA VAL D 25 -0.24 -35.06 -1.59
C VAL D 25 -0.88 -34.52 -0.32
N ASN D 26 -0.04 -33.97 0.53
CA ASN D 26 -0.45 -33.37 1.73
C ASN D 26 -0.05 -31.92 1.59
N ASP D 27 -0.41 -31.10 2.57
CA ASP D 27 -0.14 -29.69 2.47
C ASP D 27 1.36 -29.39 2.62
N ASP D 28 2.10 -30.30 3.26
CA ASP D 28 3.48 -30.06 3.57
C ASP D 28 4.49 -30.78 2.69
N GLN D 29 4.06 -31.83 1.99
CA GLN D 29 4.92 -32.51 1.00
C GLN D 29 4.13 -33.47 0.14
N SER D 30 4.74 -33.91 -0.96
CA SER D 30 4.23 -35.00 -1.79
C SER D 30 5.19 -36.18 -1.71
N PHE D 31 4.69 -37.40 -1.87
CA PHE D 31 5.56 -38.58 -1.90
C PHE D 31 4.83 -39.83 -2.35
N TYR D 32 5.57 -40.76 -2.93
CA TYR D 32 5.01 -42.05 -3.38
C TYR D 32 5.01 -43.11 -2.29
N ALA D 33 3.85 -43.74 -2.12
CA ALA D 33 3.68 -44.76 -1.11
C ALA D 33 2.33 -45.38 -1.28
N ASP D 34 2.17 -46.56 -0.72
CA ASP D 34 0.91 -47.26 -0.72
C ASP D 34 0.20 -46.93 0.60
N ILE D 35 -1.12 -46.95 0.60
CA ILE D 35 -1.91 -46.63 1.81
C ILE D 35 -2.80 -47.80 2.13
N TYR D 36 -2.78 -48.26 3.39
CA TYR D 36 -3.65 -49.32 3.83
C TYR D 36 -4.62 -48.78 4.88
N MET D 37 -5.90 -49.17 4.80
CA MET D 37 -6.96 -48.62 5.65
C MET D 37 -7.77 -49.73 6.29
N GLU D 38 -8.35 -49.48 7.44
CA GLU D 38 -9.19 -50.47 8.09
C GLU D 38 -10.03 -49.78 9.17
N ASP D 39 -11.33 -50.02 9.18
CA ASP D 39 -12.18 -49.48 10.23
C ASP D 39 -12.16 -47.98 10.37
N GLY D 40 -12.12 -47.30 9.21
CA GLY D 40 -12.31 -45.85 9.16
C GLY D 40 -11.06 -45.08 9.42
N LEU D 41 -9.94 -45.77 9.61
CA LEU D 41 -8.69 -45.13 9.92
C LEU D 41 -7.62 -45.61 8.95
N ILE D 42 -6.67 -44.71 8.68
CA ILE D 42 -5.51 -45.08 7.90
C ILE D 42 -4.62 -45.82 8.84
N LYS D 43 -4.18 -47.01 8.42
CA LYS D 43 -3.37 -47.89 9.24
C LYS D 43 -1.90 -47.91 8.91
N GLN D 44 -1.57 -47.75 7.63
CA GLN D 44 -0.16 -47.84 7.22
C GLN D 44 0.12 -47.00 6.01
N ILE D 45 1.31 -46.43 5.96
CA ILE D 45 1.75 -45.76 4.74
C ILE D 45 3.21 -46.12 4.44
N GLY D 46 3.48 -46.55 3.22
CA GLY D 46 4.84 -46.83 2.78
C GLY D 46 4.85 -47.84 1.64
N ASP D 47 6.02 -48.45 1.40
CA ASP D 47 6.15 -49.44 0.34
C ASP D 47 6.16 -50.84 0.92
N ASN D 48 5.69 -51.79 0.11
CA ASN D 48 5.78 -53.23 0.41
C ASN D 48 5.12 -53.50 1.74
N LEU D 49 3.89 -53.05 1.83
CA LEU D 49 3.18 -53.12 3.06
C LEU D 49 2.79 -54.55 3.31
N ILE D 50 2.89 -54.94 4.57
CA ILE D 50 2.56 -56.28 5.00
C ILE D 50 1.09 -56.24 5.33
N VAL D 51 0.28 -57.02 4.64
CA VAL D 51 -1.18 -56.94 4.81
C VAL D 51 -1.88 -58.31 4.68
N PRO D 52 -3.17 -58.40 5.10
CA PRO D 52 -3.96 -59.61 4.74
C PRO D 52 -4.22 -59.80 3.25
N GLY D 53 -4.33 -61.06 2.85
CA GLY D 53 -4.58 -61.44 1.47
C GLY D 53 -6.05 -61.25 1.13
N GLY D 54 -6.32 -61.10 -0.17
CA GLY D 54 -7.71 -60.86 -0.64
C GLY D 54 -8.36 -59.57 -0.13
N VAL D 55 -7.56 -58.56 0.18
CA VAL D 55 -8.05 -57.22 0.50
C VAL D 55 -8.36 -56.47 -0.79
N LYS D 56 -9.41 -55.66 -0.81
CA LYS D 56 -9.78 -54.94 -2.01
C LYS D 56 -8.63 -54.03 -2.36
N THR D 57 -8.22 -54.00 -3.62
CA THR D 57 -7.08 -53.17 -3.98
C THR D 57 -7.37 -52.20 -5.10
N ILE D 58 -6.97 -50.94 -4.94
CA ILE D 58 -7.12 -49.99 -6.01
C ILE D 58 -5.79 -49.64 -6.54
N GLU D 59 -5.70 -49.57 -7.85
CA GLU D 59 -4.43 -49.25 -8.48
C GLU D 59 -4.45 -47.79 -8.86
N ALA D 60 -3.57 -47.01 -8.24
CA ALA D 60 -3.56 -45.57 -8.45
C ALA D 60 -2.73 -45.16 -9.65
N ASN D 61 -1.66 -45.91 -9.95
CA ASN D 61 -0.84 -45.62 -11.12
C ASN D 61 -0.27 -44.23 -11.15
N GLY D 62 0.12 -43.74 -9.98
CA GLY D 62 0.83 -42.50 -9.91
C GLY D 62 -0.06 -41.29 -10.01
N LYS D 63 -1.38 -41.50 -9.99
CA LYS D 63 -2.34 -40.42 -9.83
C LYS D 63 -2.29 -39.95 -8.38
N MET D 64 -2.73 -38.71 -8.15
CA MET D 64 -2.69 -38.09 -6.83
C MET D 64 -3.68 -38.70 -5.87
N VAL D 65 -3.28 -38.78 -4.60
CA VAL D 65 -4.17 -39.10 -3.49
C VAL D 65 -4.09 -37.97 -2.49
N ILE D 66 -5.22 -37.34 -2.17
CA ILE D 66 -5.26 -36.15 -1.29
C ILE D 66 -6.21 -36.36 -0.12
N PRO D 67 -6.10 -35.54 0.95
CA PRO D 67 -7.14 -35.56 1.94
C PRO D 67 -8.42 -35.00 1.32
N GLY D 68 -9.56 -35.44 1.82
CA GLY D 68 -10.81 -35.11 1.22
C GLY D 68 -11.10 -33.70 1.62
N GLY D 69 -11.92 -33.04 0.79
CA GLY D 69 -12.22 -31.65 1.00
C GLY D 69 -13.02 -31.46 2.26
N ILE D 70 -12.88 -30.29 2.89
CA ILE D 70 -13.72 -29.90 4.04
C ILE D 70 -14.33 -28.58 3.62
N ASP D 71 -15.62 -28.61 3.35
CA ASP D 71 -16.34 -27.42 3.01
C ASP D 71 -16.91 -26.82 4.26
N VAL D 72 -16.33 -25.70 4.65
CA VAL D 72 -16.60 -25.11 5.93
C VAL D 72 -17.86 -24.28 5.94
N HIS D 73 -18.61 -24.23 4.86
CA HIS D 73 -19.77 -23.36 4.82
C HIS D 73 -20.87 -23.95 4.00
N THR D 74 -21.91 -24.49 4.65
CA THR D 74 -23.07 -24.97 3.88
C THR D 74 -24.39 -24.58 4.53
N HIS D 75 -25.46 -24.61 3.74
CA HIS D 75 -26.82 -24.36 4.21
C HIS D 75 -27.78 -25.38 3.64
N TYR D 76 -27.65 -26.60 4.12
CA TYR D 76 -28.53 -27.61 3.66
C TYR D 76 -29.89 -27.48 4.34
N GLN D 77 -30.93 -27.59 3.53
CA GLN D 77 -32.34 -27.65 3.98
C GLN D 77 -32.58 -26.63 5.03
N MET D 78 -32.09 -25.44 4.71
CA MET D 78 -32.12 -24.35 5.64
C MET D 78 -33.52 -23.79 5.55
N PRO D 79 -34.14 -23.51 6.70
CA PRO D 79 -35.46 -22.85 6.74
C PRO D 79 -35.49 -21.50 6.12
N TYR D 80 -36.51 -21.24 5.34
CA TYR D 80 -36.70 -19.88 4.81
C TYR D 80 -38.17 -19.52 4.56
N LYS D 81 -38.70 -18.63 5.39
CA LYS D 81 -40.08 -18.19 5.25
C LYS D 81 -41.06 -19.36 5.09
N GLY D 82 -40.85 -20.40 5.89
CA GLY D 82 -41.63 -21.63 5.75
C GLY D 82 -41.24 -22.42 4.50
N MET D 83 -40.14 -22.04 3.88
CA MET D 83 -39.56 -22.86 2.81
C MET D 83 -38.40 -23.70 3.31
N THR D 84 -37.84 -24.52 2.43
CA THR D 84 -36.53 -25.07 2.68
C THR D 84 -35.72 -24.98 1.40
N THR D 85 -34.40 -24.87 1.56
CA THR D 85 -33.53 -24.89 0.41
C THR D 85 -33.66 -26.26 -0.19
N VAL D 86 -33.52 -26.37 -1.50
CA VAL D 86 -33.88 -27.62 -2.19
C VAL D 86 -32.92 -28.82 -2.02
N ASP D 87 -31.68 -28.58 -1.61
CA ASP D 87 -30.71 -29.63 -1.37
C ASP D 87 -30.65 -29.82 0.11
N ASP D 88 -31.12 -30.98 0.55
CA ASP D 88 -31.15 -31.30 1.95
C ASP D 88 -29.82 -31.96 2.36
N PHE D 89 -29.72 -32.40 3.61
CA PHE D 89 -28.47 -32.96 4.14
C PHE D 89 -28.06 -34.24 3.43
N PHE D 90 -29.01 -34.89 2.79
CA PHE D 90 -28.62 -36.04 2.07
C PHE D 90 -28.11 -35.69 0.66
N GLN D 91 -28.97 -35.04 -0.11
CA GLN D 91 -28.66 -34.79 -1.47
C GLN D 91 -27.58 -33.75 -1.58
N GLY D 92 -27.46 -32.86 -0.60
CA GLY D 92 -26.41 -31.86 -0.58
C GLY D 92 -25.06 -32.47 -0.31
N THR D 93 -24.99 -33.51 0.51
CA THR D 93 -23.73 -34.17 0.77
C THR D 93 -23.33 -35.17 -0.31
N LYS D 94 -24.30 -35.58 -1.10
CA LYS D 94 -23.96 -36.36 -2.27
C LYS D 94 -23.20 -35.45 -3.22
N ALA D 95 -23.66 -34.22 -3.27
CA ALA D 95 -23.07 -33.22 -4.15
C ALA D 95 -21.67 -32.87 -3.67
N ALA D 96 -21.48 -32.87 -2.35
CA ALA D 96 -20.16 -32.72 -1.77
C ALA D 96 -19.22 -33.83 -2.23
N LEU D 97 -19.60 -35.07 -1.96
CA LEU D 97 -18.77 -36.21 -2.30
C LEU D 97 -18.48 -36.28 -3.78
N ALA D 98 -19.47 -35.98 -4.61
CA ALA D 98 -19.31 -36.01 -6.06
C ALA D 98 -18.19 -35.14 -6.52
N GLY D 99 -17.97 -34.04 -5.82
CA GLY D 99 -16.86 -33.12 -6.17
C GLY D 99 -15.60 -33.24 -5.31
N GLY D 100 -15.52 -34.24 -4.45
CA GLY D 100 -14.30 -34.53 -3.71
C GLY D 100 -14.27 -34.01 -2.29
N THR D 101 -15.41 -33.53 -1.81
CA THR D 101 -15.54 -33.07 -0.44
C THR D 101 -16.10 -34.17 0.46
N THR D 102 -15.37 -34.54 1.50
CA THR D 102 -15.76 -35.60 2.42
C THR D 102 -16.18 -35.10 3.79
N MET D 103 -16.19 -33.78 4.02
CA MET D 103 -16.84 -33.22 5.23
C MET D 103 -17.44 -31.85 5.02
N ILE D 104 -18.50 -31.54 5.75
CA ILE D 104 -19.16 -30.22 5.62
C ILE D 104 -19.36 -29.61 7.01
N ILE D 105 -19.43 -28.28 7.10
CA ILE D 105 -19.80 -27.57 8.36
C ILE D 105 -20.93 -26.58 8.11
N ASP D 106 -22.09 -26.86 8.68
CA ASP D 106 -23.33 -26.14 8.34
C ASP D 106 -23.69 -25.12 9.40
N HIS D 107 -24.57 -24.19 9.04
CA HIS D 107 -24.94 -23.10 9.91
C HIS D 107 -26.32 -23.25 10.55
N VAL D 108 -26.33 -23.42 11.87
CA VAL D 108 -27.54 -23.49 12.62
C VAL D 108 -28.07 -22.07 12.68
N VAL D 109 -29.33 -21.87 12.34
CA VAL D 109 -29.93 -20.52 12.26
C VAL D 109 -31.17 -20.43 13.12
N PRO D 110 -31.02 -19.98 14.36
CA PRO D 110 -32.20 -19.86 15.21
C PRO D 110 -33.03 -18.68 14.82
N GLU D 111 -34.33 -18.79 15.00
CA GLU D 111 -35.23 -17.72 14.71
C GLU D 111 -35.06 -16.70 15.82
N PRO D 112 -35.15 -15.41 15.47
CA PRO D 112 -34.81 -14.45 16.52
C PRO D 112 -35.72 -14.70 17.71
N GLU D 113 -35.12 -14.74 18.89
CA GLU D 113 -35.83 -14.96 20.14
C GLU D 113 -36.13 -16.44 20.29
N SER D 114 -35.65 -17.29 19.38
CA SER D 114 -35.75 -18.73 19.53
C SER D 114 -34.56 -19.18 20.33
N SER D 115 -34.58 -20.40 20.80
CA SER D 115 -33.46 -20.91 21.56
C SER D 115 -32.37 -21.42 20.62
N LEU D 116 -31.12 -21.14 20.99
CA LEU D 116 -29.96 -21.63 20.25
C LEU D 116 -29.84 -23.12 20.37
N THR D 117 -29.97 -23.61 21.59
CA THR D 117 -29.79 -25.04 21.81
C THR D 117 -30.88 -25.82 21.11
N GLU D 118 -32.13 -25.34 21.16
CA GLU D 118 -33.25 -26.01 20.46
C GLU D 118 -33.03 -26.11 18.95
N ALA D 119 -32.48 -25.03 18.38
CA ALA D 119 -32.14 -25.02 16.95
C ALA D 119 -31.01 -26.01 16.63
N TYR D 120 -30.02 -26.11 17.53
CA TYR D 120 -28.95 -27.09 17.41
C TYR D 120 -29.44 -28.53 17.48
N GLU D 121 -30.35 -28.83 18.41
CA GLU D 121 -30.91 -30.18 18.55
C GLU D 121 -31.59 -30.59 17.26
N LYS D 122 -32.33 -29.64 16.72
CA LYS D 122 -33.09 -29.86 15.50
C LYS D 122 -32.18 -30.09 14.33
N TRP D 123 -31.09 -29.33 14.28
CA TRP D 123 -30.15 -29.42 13.18
C TRP D 123 -29.42 -30.73 13.27
N ARG D 124 -29.10 -31.16 14.48
CA ARG D 124 -28.47 -32.49 14.61
C ARG D 124 -29.34 -33.64 14.18
N GLU D 125 -30.63 -33.55 14.48
CA GLU D 125 -31.54 -34.59 14.10
C GLU D 125 -31.56 -34.63 12.60
N TRP D 126 -31.60 -33.47 11.96
CA TRP D 126 -31.68 -33.47 10.50
C TRP D 126 -30.46 -34.09 9.86
N ALA D 127 -29.31 -33.71 10.39
CA ALA D 127 -28.04 -34.10 9.80
C ALA D 127 -27.67 -35.53 10.17
N ASP D 128 -27.88 -35.91 11.42
CA ASP D 128 -27.56 -37.25 11.87
C ASP D 128 -28.31 -38.22 10.98
N GLY D 129 -29.56 -37.87 10.71
CA GLY D 129 -30.45 -38.70 9.95
C GLY D 129 -30.18 -38.83 8.46
N LYS D 130 -29.63 -37.80 7.82
CA LYS D 130 -29.52 -37.79 6.36
C LYS D 130 -28.10 -37.73 5.77
N SER D 131 -27.16 -37.12 6.47
CA SER D 131 -25.84 -36.84 5.91
C SER D 131 -25.03 -38.03 5.52
N CYS D 132 -24.55 -38.02 4.29
CA CYS D 132 -23.67 -39.06 3.77
C CYS D 132 -22.30 -39.18 4.39
N CYS D 133 -21.82 -38.07 4.95
CA CYS D 133 -20.41 -37.93 5.36
C CYS D 133 -20.34 -37.15 6.67
N ASP D 134 -19.14 -37.11 7.26
CA ASP D 134 -19.02 -36.53 8.56
C ASP D 134 -19.33 -35.05 8.41
N TYR D 135 -19.69 -34.43 9.52
CA TYR D 135 -20.04 -33.02 9.51
C TYR D 135 -19.83 -32.40 10.88
N ALA D 136 -19.86 -31.08 10.90
CA ALA D 136 -19.93 -30.31 12.14
C ALA D 136 -20.78 -29.07 11.88
N LEU D 137 -20.92 -28.21 12.89
CA LEU D 137 -21.91 -27.16 12.87
C LEU D 137 -21.36 -25.84 13.40
N HIS D 138 -21.68 -24.74 12.71
CA HIS D 138 -21.52 -23.39 13.24
C HIS D 138 -22.85 -23.05 13.83
N VAL D 139 -22.88 -22.17 14.84
CA VAL D 139 -24.15 -21.71 15.35
C VAL D 139 -24.26 -20.21 15.18
N ASP D 140 -25.31 -19.77 14.52
CA ASP D 140 -25.47 -18.35 14.24
C ASP D 140 -26.16 -17.63 15.41
N ILE D 141 -25.60 -16.52 15.84
CA ILE D 141 -26.16 -15.75 16.94
C ILE D 141 -26.97 -14.61 16.35
N THR D 142 -28.28 -14.84 16.21
CA THR D 142 -29.12 -13.87 15.55
C THR D 142 -29.76 -12.87 16.51
N HIS D 143 -29.51 -13.01 17.79
CA HIS D 143 -29.98 -12.06 18.76
C HIS D 143 -29.12 -12.26 19.97
N TRP D 144 -29.03 -11.25 20.84
CA TRP D 144 -28.12 -11.35 21.97
C TRP D 144 -28.82 -10.94 23.24
N ASN D 145 -28.58 -11.70 24.29
CA ASN D 145 -29.12 -11.35 25.60
C ASN D 145 -28.43 -12.24 26.62
N ASP D 146 -28.81 -12.09 27.86
CA ASP D 146 -28.15 -12.81 28.91
C ASP D 146 -28.31 -14.30 28.76
N SER D 147 -29.45 -14.74 28.27
CA SER D 147 -29.72 -16.16 28.11
C SER D 147 -28.92 -16.76 26.96
N VAL D 148 -28.81 -16.02 25.89
CA VAL D 148 -28.12 -16.50 24.71
C VAL D 148 -26.63 -16.74 25.06
N LYS D 149 -26.10 -15.83 25.84
CA LYS D 149 -24.74 -15.94 26.30
C LYS D 149 -24.57 -17.25 27.05
N GLN D 150 -25.61 -17.70 27.73
CA GLN D 150 -25.49 -18.93 28.48
C GLN D 150 -25.53 -20.17 27.56
N GLU D 151 -26.40 -20.11 26.55
CA GLU D 151 -26.46 -21.21 25.60
C GLU D 151 -25.11 -21.37 24.91
N VAL D 152 -24.47 -20.25 24.57
CA VAL D 152 -23.21 -20.27 23.86
C VAL D 152 -22.20 -21.06 24.66
N GLN D 153 -22.17 -20.76 25.95
CA GLN D 153 -21.24 -21.42 26.85
C GLN D 153 -21.50 -22.90 26.94
N ASN D 154 -22.79 -23.22 26.96
CA ASN D 154 -23.21 -24.61 27.02
C ASN D 154 -22.92 -25.39 25.76
N LEU D 155 -23.12 -24.73 24.63
CA LEU D 155 -22.79 -25.38 23.38
C LEU D 155 -21.30 -25.70 23.24
N ILE D 156 -20.45 -24.80 23.68
CA ILE D 156 -19.03 -25.07 23.63
C ILE D 156 -18.62 -26.12 24.64
N LYS D 157 -19.21 -26.10 25.83
CA LYS D 157 -18.82 -27.09 26.83
C LYS D 157 -19.38 -28.48 26.62
N ASP D 158 -20.62 -28.64 26.16
CA ASP D 158 -21.20 -29.98 26.09
C ASP D 158 -21.59 -30.45 24.73
N LYS D 159 -21.57 -29.57 23.74
CA LYS D 159 -22.22 -29.89 22.47
C LYS D 159 -21.34 -29.98 21.28
N GLY D 160 -20.03 -29.80 21.46
CA GLY D 160 -19.09 -29.91 20.35
C GLY D 160 -19.11 -28.77 19.32
N VAL D 161 -19.61 -27.60 19.73
CA VAL D 161 -19.53 -26.41 18.91
C VAL D 161 -18.39 -25.55 19.35
N ASN D 162 -17.66 -24.97 18.40
CA ASN D 162 -16.61 -23.97 18.69
C ASN D 162 -16.61 -22.76 17.78
N SER D 163 -17.68 -22.58 17.01
CA SER D 163 -17.72 -21.51 16.01
C SER D 163 -19.12 -20.89 15.97
N PHE D 164 -19.19 -19.57 16.08
CA PHE D 164 -20.47 -18.86 16.05
C PHE D 164 -20.38 -17.69 15.07
N MET D 165 -21.50 -17.35 14.43
CA MET D 165 -21.49 -16.29 13.45
C MET D 165 -22.42 -15.14 13.81
N VAL D 166 -21.92 -13.91 13.77
CA VAL D 166 -22.82 -12.78 13.97
C VAL D 166 -23.10 -12.09 12.69
N TYR D 167 -24.11 -11.25 12.71
CA TYR D 167 -24.55 -10.58 11.52
C TYR D 167 -24.41 -9.10 11.70
N MET D 168 -23.74 -8.44 10.76
CA MET D 168 -23.69 -6.99 10.78
C MET D 168 -24.64 -6.42 9.76
N ALA D 169 -25.40 -7.31 9.12
CA ALA D 169 -26.37 -6.94 8.09
C ALA D 169 -27.79 -7.32 8.56
N TYR D 170 -28.76 -7.23 7.66
CA TYR D 170 -30.13 -7.64 7.97
C TYR D 170 -30.74 -6.82 9.11
N LYS D 171 -30.71 -5.52 8.91
CA LYS D 171 -31.19 -4.58 9.90
C LYS D 171 -32.58 -4.97 10.28
N ASP D 172 -32.81 -5.06 11.58
CA ASP D 172 -34.12 -5.37 12.08
C ASP D 172 -34.47 -6.82 11.77
N LEU D 173 -33.47 -7.60 11.42
CA LEU D 173 -33.68 -9.02 11.32
C LEU D 173 -32.73 -9.74 12.27
N TYR D 174 -31.44 -9.69 11.96
CA TYR D 174 -30.42 -10.25 12.81
C TYR D 174 -29.35 -9.24 13.23
N GLN D 175 -29.43 -8.01 12.74
CA GLN D 175 -28.31 -7.08 12.84
C GLN D 175 -27.97 -6.74 14.30
N VAL D 176 -26.68 -6.52 14.57
CA VAL D 176 -26.22 -6.23 15.94
C VAL D 176 -25.47 -4.89 16.02
N SER D 177 -25.59 -4.22 17.17
CA SER D 177 -24.90 -2.95 17.43
C SER D 177 -23.42 -3.18 17.77
N ASN D 178 -22.66 -2.09 17.82
CA ASN D 178 -21.22 -2.17 18.07
C ASN D 178 -20.97 -2.60 19.47
N THR D 179 -21.83 -2.16 20.36
CA THR D 179 -21.71 -2.59 21.73
C THR D 179 -21.89 -4.11 21.81
N GLU D 180 -22.93 -4.61 21.14
CA GLU D 180 -23.18 -6.05 21.14
C GLU D 180 -21.99 -6.82 20.56
N LEU D 181 -21.49 -6.38 19.41
CA LEU D 181 -20.31 -6.99 18.81
C LEU D 181 -19.18 -7.14 19.81
N TYR D 182 -18.98 -6.10 20.58
CA TYR D 182 -17.87 -6.03 21.50
C TYR D 182 -18.02 -7.07 22.62
N GLU D 183 -19.26 -7.21 23.05
CA GLU D 183 -19.62 -8.09 24.15
C GLU D 183 -19.57 -9.52 23.74
N ILE D 184 -19.95 -9.75 22.50
CA ILE D 184 -19.93 -11.09 21.93
C ILE D 184 -18.51 -11.54 21.64
N PHE D 185 -17.70 -10.68 21.04
CA PHE D 185 -16.32 -11.08 20.77
C PHE D 185 -15.60 -11.29 22.07
N THR D 186 -15.89 -10.46 23.08
CA THR D 186 -15.23 -10.61 24.37
C THR D 186 -15.55 -11.97 24.96
N CYS D 187 -16.81 -12.35 24.84
CA CYS D 187 -17.28 -13.63 25.35
C CYS D 187 -16.64 -14.83 24.61
N LEU D 188 -16.83 -14.86 23.30
CA LEU D 188 -16.30 -15.95 22.47
C LEU D 188 -14.78 -16.12 22.60
N GLY D 189 -14.06 -15.00 22.73
CA GLY D 189 -12.62 -15.02 22.93
C GLY D 189 -12.27 -15.65 24.26
N GLU D 190 -13.04 -15.32 25.28
CA GLU D 190 -12.81 -15.85 26.61
C GLU D 190 -13.11 -17.33 26.61
N LEU D 191 -14.10 -17.73 25.83
CA LEU D 191 -14.51 -19.11 25.78
C LEU D 191 -13.70 -20.01 24.84
N GLY D 192 -12.81 -19.44 24.02
CA GLY D 192 -12.02 -20.20 23.07
C GLY D 192 -12.67 -20.49 21.71
N ALA D 193 -13.69 -19.72 21.33
CA ALA D 193 -14.46 -19.97 20.09
C ALA D 193 -13.95 -19.11 18.97
N ILE D 194 -14.38 -19.44 17.77
CA ILE D 194 -14.09 -18.63 16.62
C ILE D 194 -15.27 -17.71 16.41
N ALA D 195 -15.00 -16.41 16.32
CA ALA D 195 -16.04 -15.45 15.97
C ALA D 195 -16.06 -15.23 14.46
N GLN D 196 -17.13 -15.71 13.86
CA GLN D 196 -17.42 -15.48 12.43
C GLN D 196 -18.32 -14.27 12.23
N VAL D 197 -18.24 -13.64 11.07
CA VAL D 197 -19.08 -12.48 10.78
C VAL D 197 -19.62 -12.57 9.42
N HIS D 198 -20.87 -12.14 9.29
CA HIS D 198 -21.42 -11.77 8.02
C HIS D 198 -21.16 -10.30 8.02
N ALA D 199 -20.20 -9.86 7.24
CA ALA D 199 -19.74 -8.50 7.33
C ALA D 199 -20.26 -7.64 6.18
N GLU D 200 -21.38 -6.98 6.42
CA GLU D 200 -21.97 -6.05 5.48
C GLU D 200 -22.77 -5.06 6.29
N ASN D 201 -22.82 -3.81 5.85
CA ASN D 201 -23.45 -2.80 6.67
C ASN D 201 -24.94 -2.75 6.38
N GLY D 202 -25.75 -3.37 7.23
CA GLY D 202 -27.19 -3.48 7.02
C GLY D 202 -27.92 -2.15 7.03
N ASP D 203 -27.39 -1.22 7.82
CA ASP D 203 -27.96 0.12 7.88
C ASP D 203 -27.96 0.86 6.55
N ILE D 204 -26.85 0.87 5.86
CA ILE D 204 -26.74 1.56 4.57
C ILE D 204 -27.46 0.80 3.45
N ILE D 205 -27.45 -0.52 3.53
CA ILE D 205 -28.08 -1.33 2.49
C ILE D 205 -29.56 -1.05 2.53
N ALA D 206 -30.14 -0.99 3.73
CA ALA D 206 -31.57 -0.67 3.84
C ALA D 206 -31.91 0.58 3.04
N GLN D 207 -31.10 1.62 3.16
CA GLN D 207 -31.38 2.88 2.45
C GLN D 207 -31.24 2.68 0.96
N GLU D 208 -30.16 2.03 0.55
CA GLU D 208 -29.84 1.90 -0.86
C GLU D 208 -30.82 1.00 -1.56
N GLN D 209 -31.42 0.06 -0.84
CA GLN D 209 -32.48 -0.75 -1.41
C GLN D 209 -33.66 0.09 -1.74
N THR D 210 -34.06 0.90 -0.80
CA THR D 210 -35.19 1.74 -0.98
C THR D 210 -34.94 2.72 -2.11
N ARG D 211 -33.76 3.29 -2.16
CA ARG D 211 -33.45 4.21 -3.23
C ARG D 211 -33.60 3.56 -4.61
N MET D 212 -33.16 2.30 -4.74
CA MET D 212 -33.18 1.53 -6.01
C MET D 212 -34.59 1.21 -6.44
N LEU D 213 -35.41 0.88 -5.46
CA LEU D 213 -36.81 0.58 -5.71
C LEU D 213 -37.57 1.84 -6.09
N GLU D 214 -37.28 2.94 -5.42
CA GLU D 214 -37.89 4.22 -5.81
C GLU D 214 -37.44 4.66 -7.20
N MET D 215 -36.31 4.12 -7.62
CA MET D 215 -35.78 4.38 -8.94
C MET D 215 -36.33 3.38 -9.93
N GLY D 216 -37.18 2.48 -9.45
CA GLY D 216 -37.73 1.44 -10.31
C GLY D 216 -36.73 0.43 -10.87
N ILE D 217 -35.73 0.08 -10.07
CA ILE D 217 -34.82 -0.99 -10.45
C ILE D 217 -35.18 -2.19 -9.55
N THR D 218 -36.14 -2.98 -10.00
CA THR D 218 -36.66 -4.11 -9.19
C THR D 218 -36.03 -5.45 -9.58
N GLY D 219 -35.34 -5.49 -10.72
CA GLY D 219 -34.67 -6.71 -11.14
C GLY D 219 -33.48 -7.06 -10.25
N PRO D 220 -32.84 -8.19 -10.51
CA PRO D 220 -31.71 -8.62 -9.71
C PRO D 220 -30.54 -7.67 -9.73
N GLU D 221 -30.43 -6.82 -10.76
CA GLU D 221 -29.34 -5.85 -10.82
C GLU D 221 -29.40 -4.88 -9.66
N GLY D 222 -30.58 -4.66 -9.14
CA GLY D 222 -30.73 -3.84 -7.94
C GLY D 222 -30.22 -4.49 -6.66
N HIS D 223 -30.10 -5.80 -6.67
CA HIS D 223 -29.52 -6.45 -5.50
C HIS D 223 -28.05 -6.08 -5.36
N VAL D 224 -27.29 -6.28 -6.44
CA VAL D 224 -25.87 -6.00 -6.44
C VAL D 224 -25.60 -4.51 -6.32
N LEU D 225 -26.45 -3.70 -6.95
CA LEU D 225 -26.27 -2.25 -6.89
C LEU D 225 -26.66 -1.67 -5.53
N SER D 226 -27.38 -2.41 -4.71
CA SER D 226 -27.75 -1.88 -3.42
C SER D 226 -26.77 -2.34 -2.37
N ARG D 227 -25.81 -3.17 -2.74
CA ARG D 227 -24.79 -3.58 -1.79
C ARG D 227 -23.41 -3.50 -2.44
N PRO D 228 -22.91 -2.30 -2.77
CA PRO D 228 -21.65 -2.25 -3.49
C PRO D 228 -20.56 -2.61 -2.51
N GLU D 229 -19.36 -2.89 -3.00
CA GLU D 229 -18.38 -3.55 -2.13
C GLU D 229 -17.89 -2.63 -1.03
N GLU D 230 -18.10 -1.33 -1.22
CA GLU D 230 -17.74 -0.34 -0.21
C GLU D 230 -18.31 -0.69 1.14
N LEU D 231 -19.50 -1.22 1.11
CA LEU D 231 -20.21 -1.52 2.34
C LEU D 231 -19.79 -2.82 2.95
N GLU D 232 -19.24 -3.71 2.14
CA GLU D 232 -18.70 -4.96 2.66
C GLU D 232 -17.44 -4.54 3.38
N ALA D 233 -16.58 -3.83 2.65
CA ALA D 233 -15.32 -3.33 3.18
C ALA D 233 -15.48 -2.64 4.56
N GLU D 234 -16.45 -1.73 4.66
CA GLU D 234 -16.65 -0.99 5.91
C GLU D 234 -16.98 -1.91 7.08
N ALA D 235 -17.89 -2.86 6.86
CA ALA D 235 -18.24 -3.83 7.87
C ALA D 235 -17.05 -4.67 8.33
N VAL D 236 -16.23 -5.11 7.37
CA VAL D 236 -15.04 -5.89 7.68
C VAL D 236 -14.07 -5.07 8.53
N PHE D 237 -13.81 -3.84 8.12
CA PHE D 237 -12.90 -2.99 8.87
C PHE D 237 -13.37 -2.86 10.31
N ARG D 238 -14.65 -2.53 10.46
CA ARG D 238 -15.20 -2.41 11.79
C ARG D 238 -15.08 -3.74 12.61
N ALA D 239 -15.30 -4.88 11.96
CA ALA D 239 -15.22 -6.15 12.67
C ALA D 239 -13.83 -6.47 13.11
N ILE D 240 -12.90 -6.24 12.20
CA ILE D 240 -11.48 -6.47 12.47
C ILE D 240 -11.04 -5.58 13.63
N THR D 241 -11.52 -4.34 13.63
CA THR D 241 -11.16 -3.41 14.69
C THR D 241 -11.63 -3.91 16.06
N ILE D 242 -12.90 -4.30 16.11
CA ILE D 242 -13.49 -4.70 17.37
C ILE D 242 -12.88 -6.04 17.86
N ALA D 243 -12.70 -6.97 16.92
CA ALA D 243 -12.06 -8.21 17.28
C ALA D 243 -10.68 -7.96 17.91
N SER D 244 -9.98 -6.95 17.40
CA SER D 244 -8.67 -6.65 17.87
C SER D 244 -8.73 -6.04 19.24
N GLN D 245 -9.67 -5.15 19.48
CA GLN D 245 -9.80 -4.54 20.82
C GLN D 245 -10.10 -5.58 21.89
N THR D 246 -10.81 -6.63 21.49
CA THR D 246 -11.29 -7.63 22.41
C THR D 246 -10.47 -8.91 22.37
N ASN D 247 -9.34 -8.87 21.67
CA ASN D 247 -8.43 -10.00 21.57
C ASN D 247 -9.15 -11.29 21.25
N CYS D 248 -10.01 -11.21 20.23
CA CYS D 248 -10.80 -12.35 19.75
C CYS D 248 -10.39 -12.68 18.32
N PRO D 249 -10.19 -13.95 18.01
CA PRO D 249 -10.02 -14.26 16.62
C PRO D 249 -11.26 -14.00 15.84
N LEU D 250 -11.09 -13.50 14.63
CA LEU D 250 -12.19 -13.16 13.70
C LEU D 250 -12.07 -13.95 12.42
N TYR D 251 -13.23 -14.31 11.85
CA TYR D 251 -13.31 -15.15 10.66
C TYR D 251 -14.34 -14.48 9.76
N VAL D 252 -13.88 -13.99 8.61
CA VAL D 252 -14.75 -13.32 7.69
C VAL D 252 -15.30 -14.34 6.71
N THR D 253 -16.61 -14.51 6.69
CA THR D 253 -17.21 -15.46 5.76
C THR D 253 -17.50 -14.82 4.41
N LYS D 254 -17.61 -15.67 3.41
CA LYS D 254 -18.08 -15.25 2.10
C LYS D 254 -17.40 -14.00 1.56
N VAL D 255 -16.10 -14.11 1.39
CA VAL D 255 -15.35 -12.96 0.98
C VAL D 255 -15.60 -12.87 -0.49
N MET D 256 -16.22 -11.78 -0.95
CA MET D 256 -16.61 -11.67 -2.36
C MET D 256 -15.86 -10.59 -3.14
N SER D 257 -15.35 -9.57 -2.45
CA SER D 257 -14.73 -8.45 -3.14
C SER D 257 -13.28 -8.36 -2.90
N LYS D 258 -12.62 -7.64 -3.79
CA LYS D 258 -11.19 -7.41 -3.64
C LYS D 258 -10.92 -6.56 -2.43
N SER D 259 -11.68 -5.48 -2.26
CA SER D 259 -11.39 -4.56 -1.17
C SER D 259 -11.55 -5.27 0.19
N ALA D 260 -12.51 -6.17 0.32
CA ALA D 260 -12.64 -6.93 1.56
C ALA D 260 -11.40 -7.79 1.82
N ALA D 261 -10.93 -8.49 0.78
CA ALA D 261 -9.75 -9.34 0.88
C ALA D 261 -8.49 -8.53 1.14
N ASP D 262 -8.37 -7.30 0.61
CA ASP D 262 -7.20 -6.50 0.94
C ASP D 262 -7.16 -6.15 2.37
N LEU D 263 -8.30 -5.87 2.96
CA LEU D 263 -8.32 -5.49 4.37
C LEU D 263 -7.79 -6.64 5.20
N ILE D 264 -8.18 -7.86 4.84
CA ILE D 264 -7.84 -9.05 5.60
C ILE D 264 -6.36 -9.32 5.51
N SER D 265 -5.86 -9.18 4.29
CA SER D 265 -4.47 -9.30 4.03
C SER D 265 -3.75 -8.26 4.87
N GLN D 266 -4.29 -7.06 4.85
CA GLN D 266 -3.68 -5.94 5.55
C GLN D 266 -3.66 -6.17 7.04
N ALA D 267 -4.74 -6.75 7.58
CA ALA D 267 -4.82 -7.01 9.02
C ALA D 267 -3.92 -8.11 9.47
N ARG D 268 -3.78 -9.14 8.64
CA ARG D 268 -2.91 -10.27 8.99
C ARG D 268 -1.50 -9.85 9.03
N LYS D 269 -1.11 -8.91 8.18
CA LYS D 269 0.29 -8.53 8.11
C LYS D 269 0.69 -7.82 9.40
N LYS D 270 -0.23 -7.01 9.91
CA LYS D 270 -0.07 -6.29 11.17
C LYS D 270 0.02 -7.21 12.35
N GLY D 271 -0.30 -8.48 12.16
CA GLY D 271 -0.36 -9.44 13.25
C GLY D 271 -1.74 -9.74 13.79
N ASN D 272 -2.80 -9.11 13.28
CA ASN D 272 -4.16 -9.43 13.77
C ASN D 272 -4.49 -10.89 13.44
N VAL D 273 -5.18 -11.57 14.36
CA VAL D 273 -5.69 -12.93 14.11
C VAL D 273 -7.01 -12.85 13.39
N VAL D 274 -6.93 -12.91 12.08
CA VAL D 274 -8.11 -12.83 11.19
C VAL D 274 -8.02 -13.91 10.14
N PHE D 275 -9.13 -14.57 9.85
CA PHE D 275 -9.18 -15.50 8.71
C PHE D 275 -10.21 -15.04 7.70
N GLY D 276 -9.99 -15.39 6.43
CA GLY D 276 -10.93 -15.06 5.35
C GLY D 276 -11.35 -16.27 4.56
N GLU D 277 -12.67 -16.38 4.34
CA GLU D 277 -13.26 -17.53 3.66
C GLU D 277 -13.89 -17.14 2.29
N PRO D 278 -13.11 -17.16 1.19
CA PRO D 278 -13.78 -17.04 -0.11
C PRO D 278 -14.63 -18.26 -0.35
N ILE D 279 -15.58 -18.16 -1.30
CA ILE D 279 -16.47 -19.26 -1.64
C ILE D 279 -16.42 -19.57 -3.12
N THR D 280 -16.94 -20.73 -3.51
CA THR D 280 -16.78 -21.17 -4.91
C THR D 280 -17.16 -20.06 -5.90
N ALA D 281 -18.29 -19.42 -5.62
CA ALA D 281 -18.84 -18.36 -6.46
C ALA D 281 -17.84 -17.25 -6.73
N SER D 282 -17.24 -16.71 -5.68
CA SER D 282 -16.29 -15.60 -5.84
C SER D 282 -14.98 -16.04 -6.44
N LEU D 283 -14.66 -17.32 -6.30
CA LEU D 283 -13.41 -17.84 -6.84
C LEU D 283 -13.52 -18.22 -8.26
N GLY D 284 -14.75 -18.47 -8.73
CA GLY D 284 -14.97 -19.07 -10.07
C GLY D 284 -15.61 -18.16 -11.10
N ILE D 285 -16.48 -17.27 -10.65
CA ILE D 285 -17.24 -16.42 -11.56
C ILE D 285 -17.40 -14.98 -11.04
N ASP D 286 -17.95 -14.11 -11.89
CA ASP D 286 -18.20 -12.74 -11.45
C ASP D 286 -19.66 -12.34 -11.60
N GLY D 287 -19.96 -11.08 -11.30
CA GLY D 287 -21.32 -10.62 -11.13
C GLY D 287 -21.93 -9.91 -12.32
N THR D 288 -21.33 -9.98 -13.49
CA THR D 288 -21.92 -9.35 -14.66
C THR D 288 -23.29 -9.98 -15.02
N HIS D 289 -23.57 -11.15 -14.48
CA HIS D 289 -24.79 -11.85 -14.84
C HIS D 289 -26.07 -11.36 -14.13
N TYR D 290 -25.97 -10.47 -13.14
CA TYR D 290 -27.16 -9.80 -12.62
C TYR D 290 -27.80 -8.93 -13.72
N TRP D 291 -27.02 -8.61 -14.76
CA TRP D 291 -27.52 -7.80 -15.87
C TRP D 291 -28.09 -8.60 -17.04
N SER D 292 -28.09 -9.93 -16.90
CA SER D 292 -28.67 -10.82 -17.88
C SER D 292 -30.14 -10.52 -18.08
N LYS D 293 -30.55 -10.45 -19.33
CA LYS D 293 -31.92 -10.13 -19.63
C LYS D 293 -32.83 -11.30 -19.30
N ASN D 294 -32.32 -12.52 -19.36
CA ASN D 294 -33.06 -13.63 -18.77
C ASN D 294 -33.14 -13.30 -17.30
N TRP D 295 -34.36 -13.24 -16.75
CA TRP D 295 -34.57 -12.95 -15.33
C TRP D 295 -34.17 -14.07 -14.40
N ALA D 296 -34.54 -15.31 -14.71
CA ALA D 296 -34.28 -16.41 -13.77
C ALA D 296 -32.78 -16.69 -13.62
N LYS D 297 -32.01 -16.49 -14.69
CA LYS D 297 -30.57 -16.65 -14.65
C LYS D 297 -29.95 -15.61 -13.73
N ALA D 298 -30.35 -14.36 -13.91
CA ALA D 298 -29.89 -13.30 -13.01
C ALA D 298 -30.19 -13.62 -11.55
N ALA D 299 -31.39 -14.10 -11.26
CA ALA D 299 -31.78 -14.40 -9.88
C ALA D 299 -31.04 -15.61 -9.30
N ALA D 300 -30.49 -16.43 -10.17
CA ALA D 300 -29.71 -17.60 -9.72
C ALA D 300 -28.42 -17.19 -8.99
N PHE D 301 -27.93 -16.00 -9.34
CA PHE D 301 -26.72 -15.42 -8.76
C PHE D 301 -27.00 -14.58 -7.51
N VAL D 302 -28.25 -14.38 -7.16
CA VAL D 302 -28.56 -13.53 -6.01
C VAL D 302 -28.13 -14.25 -4.72
N THR D 303 -27.12 -13.68 -4.08
CA THR D 303 -26.56 -14.21 -2.82
C THR D 303 -25.99 -12.99 -2.13
N SER D 304 -25.73 -13.06 -0.82
CA SER D 304 -25.20 -11.89 -0.12
C SER D 304 -23.97 -12.21 0.74
N PRO D 305 -22.86 -11.44 0.59
CA PRO D 305 -22.74 -10.33 -0.35
C PRO D 305 -22.77 -10.84 -1.76
N PRO D 306 -23.06 -9.94 -2.70
CA PRO D 306 -23.20 -10.40 -4.06
C PRO D 306 -21.85 -10.65 -4.75
N LEU D 307 -21.89 -11.37 -5.86
CA LEU D 307 -20.75 -11.43 -6.78
C LEU D 307 -20.43 -10.01 -7.25
N SER D 308 -19.14 -9.66 -7.32
CA SER D 308 -18.76 -8.32 -7.74
C SER D 308 -18.94 -8.19 -9.23
N PRO D 309 -19.45 -7.06 -9.73
CA PRO D 309 -19.45 -6.75 -11.16
C PRO D 309 -18.09 -6.47 -11.78
N ASP D 310 -17.04 -6.36 -10.95
CA ASP D 310 -15.70 -6.06 -11.44
C ASP D 310 -15.15 -7.39 -11.84
N PRO D 311 -14.99 -7.64 -13.15
CA PRO D 311 -14.59 -8.95 -13.66
C PRO D 311 -13.16 -9.40 -13.32
N THR D 312 -12.32 -8.48 -12.88
CA THR D 312 -10.96 -8.81 -12.40
C THR D 312 -10.98 -9.52 -11.03
N THR D 313 -12.15 -9.58 -10.40
CA THR D 313 -12.27 -10.07 -9.05
C THR D 313 -11.96 -11.56 -8.85
N PRO D 314 -12.45 -12.49 -9.71
CA PRO D 314 -12.13 -13.87 -9.39
C PRO D 314 -10.63 -14.16 -9.42
N ASP D 315 -9.91 -13.53 -10.33
CA ASP D 315 -8.49 -13.77 -10.50
C ASP D 315 -7.75 -13.31 -9.27
N TYR D 316 -8.18 -12.18 -8.73
CA TYR D 316 -7.53 -11.61 -7.55
C TYR D 316 -7.83 -12.42 -6.31
N ILE D 317 -9.04 -12.96 -6.20
CA ILE D 317 -9.38 -13.73 -5.01
C ILE D 317 -8.57 -15.01 -4.98
N ASN D 318 -8.36 -15.62 -6.14
CA ASN D 318 -7.59 -16.83 -6.20
C ASN D 318 -6.14 -16.51 -5.87
N SER D 319 -5.69 -15.34 -6.32
CA SER D 319 -4.34 -14.90 -6.05
C SER D 319 -4.06 -14.76 -4.59
N LEU D 320 -5.02 -14.23 -3.82
CA LEU D 320 -4.83 -14.06 -2.41
C LEU D 320 -5.07 -15.35 -1.64
N LEU D 321 -5.88 -16.25 -2.16
CA LEU D 321 -5.99 -17.57 -1.57
C LEU D 321 -4.71 -18.32 -1.78
N ALA D 322 -4.07 -18.12 -2.93
CA ALA D 322 -2.76 -18.71 -3.23
C ALA D 322 -1.71 -18.22 -2.27
N SER D 323 -1.72 -16.92 -2.00
CA SER D 323 -0.66 -16.32 -1.17
C SER D 323 -0.85 -16.56 0.33
N GLY D 324 -1.97 -17.16 0.74
CA GLY D 324 -2.23 -17.41 2.16
C GLY D 324 -2.88 -16.27 2.89
N ASP D 325 -3.24 -15.22 2.17
CA ASP D 325 -3.91 -14.04 2.71
C ASP D 325 -5.38 -14.33 2.95
N LEU D 326 -5.91 -15.29 2.19
CA LEU D 326 -7.16 -15.99 2.51
C LEU D 326 -6.70 -17.39 2.67
N GLN D 327 -7.25 -18.05 3.65
CA GLN D 327 -6.67 -19.29 4.14
C GLN D 327 -7.41 -20.53 3.69
N LEU D 328 -8.71 -20.40 3.39
CA LEU D 328 -9.58 -21.57 3.22
C LEU D 328 -10.82 -21.24 2.43
N SER D 329 -11.41 -22.29 1.85
CA SER D 329 -12.55 -22.11 0.99
C SER D 329 -13.75 -22.90 1.48
N GLY D 330 -14.93 -22.36 1.24
CA GLY D 330 -16.17 -23.08 1.44
C GLY D 330 -17.05 -22.74 0.25
N SER D 331 -18.32 -23.13 0.28
CA SER D 331 -19.23 -22.90 -0.86
C SER D 331 -20.45 -22.05 -0.52
N ALA D 332 -20.85 -22.04 0.75
CA ALA D 332 -22.07 -21.34 1.18
C ALA D 332 -23.28 -21.78 0.38
N HIS D 333 -23.34 -23.09 0.14
CA HIS D 333 -24.35 -23.70 -0.68
C HIS D 333 -25.72 -23.47 -0.14
N CYS D 334 -26.58 -22.90 -0.95
CA CYS D 334 -27.90 -22.54 -0.49
C CYS D 334 -28.77 -22.44 -1.71
N THR D 335 -29.53 -23.47 -1.99
CA THR D 335 -30.13 -23.56 -3.31
C THR D 335 -31.63 -23.45 -3.25
N PHE D 336 -32.20 -22.70 -4.16
CA PHE D 336 -33.63 -22.52 -4.20
C PHE D 336 -34.08 -22.83 -5.60
N SER D 337 -35.33 -23.27 -5.75
CA SER D 337 -35.84 -23.62 -7.07
C SER D 337 -36.10 -22.35 -7.87
N THR D 338 -36.20 -22.47 -9.19
CA THR D 338 -36.62 -21.36 -10.04
C THR D 338 -37.89 -20.71 -9.48
N ALA D 339 -38.81 -21.57 -9.05
CA ALA D 339 -40.05 -21.12 -8.48
C ALA D 339 -39.82 -20.25 -7.25
N GLN D 340 -39.06 -20.76 -6.30
CA GLN D 340 -38.86 -19.99 -5.09
C GLN D 340 -38.20 -18.65 -5.38
N LYS D 341 -37.25 -18.65 -6.31
CA LYS D 341 -36.60 -17.41 -6.68
C LYS D 341 -37.59 -16.44 -7.26
N ALA D 342 -38.56 -16.97 -8.01
CA ALA D 342 -39.53 -16.13 -8.72
C ALA D 342 -40.39 -15.28 -7.78
N ILE D 343 -40.40 -15.63 -6.50
CA ILE D 343 -41.13 -14.88 -5.50
C ILE D 343 -40.78 -13.40 -5.54
N GLY D 344 -39.58 -13.07 -5.97
CA GLY D 344 -39.12 -11.68 -6.00
C GLY D 344 -39.08 -11.13 -7.40
N LYS D 345 -39.88 -11.66 -8.31
CA LYS D 345 -39.83 -11.19 -9.71
C LYS D 345 -40.29 -9.76 -9.91
N ASP D 346 -40.95 -9.17 -8.91
CA ASP D 346 -41.37 -7.78 -8.94
C ASP D 346 -40.60 -6.88 -8.00
N ASN D 347 -39.84 -7.49 -7.09
CA ASN D 347 -39.04 -6.77 -6.10
C ASN D 347 -37.84 -7.65 -5.70
N PHE D 348 -36.62 -7.24 -6.06
CA PHE D 348 -35.42 -8.03 -5.74
C PHE D 348 -35.27 -8.32 -4.24
N THR D 349 -35.69 -7.43 -3.36
CA THR D 349 -35.50 -7.67 -1.94
C THR D 349 -36.32 -8.87 -1.48
N ALA D 350 -37.23 -9.36 -2.32
CA ALA D 350 -37.97 -10.58 -1.98
C ALA D 350 -37.36 -11.87 -2.63
N ILE D 351 -36.31 -11.71 -3.45
CA ILE D 351 -35.62 -12.87 -4.00
C ILE D 351 -34.81 -13.60 -2.90
N PRO D 352 -35.10 -14.89 -2.67
CA PRO D 352 -34.30 -15.58 -1.64
C PRO D 352 -32.82 -15.66 -2.00
N GLU D 353 -31.96 -15.48 -1.01
CA GLU D 353 -30.52 -15.39 -1.25
C GLU D 353 -29.77 -16.72 -1.16
N GLY D 354 -29.01 -17.05 -2.21
CA GLY D 354 -28.13 -18.22 -2.23
C GLY D 354 -27.83 -18.80 -3.61
N THR D 355 -26.76 -19.59 -3.71
CA THR D 355 -26.36 -20.19 -5.00
C THR D 355 -25.78 -21.58 -4.78
N ASN D 356 -25.38 -22.25 -5.85
CA ASN D 356 -24.73 -23.59 -5.67
C ASN D 356 -23.25 -23.42 -5.44
N GLY D 357 -22.56 -24.51 -5.21
CA GLY D 357 -21.11 -24.41 -5.13
C GLY D 357 -20.39 -25.51 -4.42
N VAL D 358 -21.11 -26.38 -3.76
CA VAL D 358 -20.45 -27.41 -2.98
C VAL D 358 -19.74 -28.45 -3.86
N GLU D 359 -20.35 -28.75 -5.00
CA GLU D 359 -19.84 -29.82 -5.88
C GLU D 359 -18.64 -29.37 -6.67
N GLU D 360 -18.59 -28.07 -6.96
CA GLU D 360 -17.62 -27.49 -7.89
C GLU D 360 -16.41 -26.84 -7.21
N ARG D 361 -16.44 -26.76 -5.90
CA ARG D 361 -15.43 -25.99 -5.17
C ARG D 361 -13.98 -26.38 -5.50
N MET D 362 -13.69 -27.67 -5.46
CA MET D 362 -12.31 -28.15 -5.62
C MET D 362 -11.87 -28.08 -7.04
N SER D 363 -12.80 -28.36 -7.93
CA SER D 363 -12.51 -28.22 -9.34
C SER D 363 -12.23 -26.76 -9.70
N VAL D 364 -12.99 -25.84 -9.12
CA VAL D 364 -12.84 -24.43 -9.50
C VAL D 364 -11.47 -23.95 -9.09
N ILE D 365 -11.12 -24.21 -7.84
CA ILE D 365 -9.85 -23.76 -7.34
C ILE D 365 -8.73 -24.41 -8.13
N TRP D 366 -8.85 -25.70 -8.48
CA TRP D 366 -7.79 -26.35 -9.23
C TRP D 366 -7.63 -25.66 -10.56
N ASP D 367 -8.76 -25.48 -11.24
CA ASP D 367 -8.77 -24.86 -12.56
C ASP D 367 -8.19 -23.48 -12.49
N LYS D 368 -8.59 -22.70 -11.48
CA LYS D 368 -8.28 -21.29 -11.45
C LYS D 368 -7.01 -20.95 -10.78
N ALA D 369 -6.65 -21.69 -9.75
CA ALA D 369 -5.47 -21.35 -8.99
C ALA D 369 -4.27 -22.29 -9.20
N VAL D 370 -4.50 -23.54 -9.60
CA VAL D 370 -3.38 -24.47 -9.71
C VAL D 370 -2.92 -24.61 -11.13
N ALA D 371 -3.87 -24.89 -12.02
CA ALA D 371 -3.60 -25.02 -13.42
C ALA D 371 -3.14 -23.73 -14.03
N THR D 372 -3.34 -22.62 -13.35
CA THR D 372 -2.89 -21.30 -13.79
C THR D 372 -1.58 -20.92 -13.14
N GLY D 373 -0.99 -21.85 -12.38
CA GLY D 373 0.32 -21.65 -11.79
C GLY D 373 0.35 -20.70 -10.60
N LYS D 374 -0.81 -20.43 -10.00
CA LYS D 374 -0.81 -19.56 -8.85
C LYS D 374 -0.38 -20.29 -7.58
N MET D 375 -0.93 -21.47 -7.34
CA MET D 375 -0.58 -22.23 -6.14
C MET D 375 -0.21 -23.59 -6.57
N ASP D 376 0.54 -24.31 -5.76
CA ASP D 376 0.87 -25.68 -6.14
C ASP D 376 -0.15 -26.63 -5.44
N GLU D 377 0.01 -27.91 -5.72
CA GLU D 377 -0.88 -28.93 -5.24
C GLU D 377 -0.92 -29.03 -3.72
N ASN D 378 0.18 -28.67 -3.07
CA ASN D 378 0.25 -28.73 -1.63
C ASN D 378 -0.56 -27.60 -0.96
N GLN D 379 -0.41 -26.38 -1.47
CA GLN D 379 -1.28 -25.26 -1.01
C GLN D 379 -2.78 -25.49 -1.39
N PHE D 380 -3.03 -26.22 -2.47
CA PHE D 380 -4.40 -26.62 -2.88
C PHE D 380 -5.02 -27.49 -1.80
N VAL D 381 -4.25 -28.43 -1.27
CA VAL D 381 -4.74 -29.27 -0.22
C VAL D 381 -5.04 -28.41 1.01
N ALA D 382 -4.17 -27.44 1.29
CA ALA D 382 -4.33 -26.59 2.44
C ALA D 382 -5.62 -25.79 2.39
N VAL D 383 -5.92 -25.19 1.25
CA VAL D 383 -7.08 -24.30 1.14
C VAL D 383 -8.37 -25.07 0.91
N THR D 384 -8.25 -26.36 0.66
CA THR D 384 -9.40 -27.21 0.44
C THR D 384 -9.67 -28.04 1.64
N SER D 385 -8.67 -28.41 2.44
CA SER D 385 -8.96 -29.14 3.68
C SER D 385 -8.12 -28.84 4.88
N THR D 386 -6.81 -28.74 4.70
CA THR D 386 -5.91 -28.76 5.85
C THR D 386 -6.00 -27.54 6.70
N ASN D 387 -6.23 -26.38 6.12
CA ASN D 387 -6.42 -25.20 6.95
C ASN D 387 -7.74 -25.20 7.69
N ALA D 388 -8.79 -25.67 7.05
CA ALA D 388 -10.06 -25.79 7.72
C ALA D 388 -9.90 -26.62 9.03
N ALA D 389 -9.19 -27.74 8.93
CA ALA D 389 -9.04 -28.65 10.03
C ALA D 389 -8.35 -28.00 11.17
N LYS D 390 -7.32 -27.21 10.90
CA LYS D 390 -6.57 -26.55 11.97
C LYS D 390 -7.37 -25.48 12.61
N ILE D 391 -8.07 -24.69 11.81
CA ILE D 391 -8.90 -23.59 12.37
C ILE D 391 -10.00 -24.09 13.31
N PHE D 392 -10.69 -25.13 12.85
CA PHE D 392 -11.84 -25.65 13.55
C PHE D 392 -11.51 -26.80 14.49
N ASN D 393 -10.22 -27.08 14.66
CA ASN D 393 -9.72 -28.07 15.64
C ASN D 393 -10.07 -29.51 15.31
N LEU D 394 -9.85 -29.86 14.05
CA LEU D 394 -10.04 -31.20 13.54
C LEU D 394 -8.73 -31.82 13.04
N TYR D 395 -7.58 -31.21 13.34
CA TYR D 395 -6.34 -31.63 12.73
C TYR D 395 -5.55 -32.47 13.76
N PRO D 396 -4.91 -33.58 13.34
CA PRO D 396 -4.81 -34.10 11.97
C PRO D 396 -5.80 -35.18 11.63
N ARG D 397 -6.84 -35.34 12.43
CA ARG D 397 -7.84 -36.34 12.14
C ARG D 397 -8.37 -36.13 10.74
N LYS D 398 -8.63 -34.88 10.38
CA LYS D 398 -9.03 -34.55 9.01
C LYS D 398 -8.00 -33.64 8.35
N GLY D 399 -8.02 -33.59 7.03
CA GLY D 399 -7.12 -32.75 6.23
C GLY D 399 -5.69 -33.28 6.23
N ARG D 400 -5.53 -34.58 6.46
CA ARG D 400 -4.19 -35.17 6.40
C ARG D 400 -4.21 -36.68 6.28
N ILE D 401 -3.43 -37.14 5.31
CA ILE D 401 -3.18 -38.53 5.06
C ILE D 401 -1.96 -38.92 5.90
N SER D 402 -2.21 -39.42 7.11
CA SER D 402 -1.17 -40.04 7.92
C SER D 402 -1.81 -41.06 8.85
N VAL D 403 -0.97 -41.98 9.33
CA VAL D 403 -1.43 -43.10 10.11
C VAL D 403 -2.19 -42.61 11.29
N GLY D 404 -3.41 -43.11 11.52
CA GLY D 404 -4.21 -42.67 12.66
C GLY D 404 -5.31 -41.69 12.30
N SER D 405 -5.08 -40.94 11.22
CA SER D 405 -6.08 -40.02 10.74
C SER D 405 -7.26 -40.82 10.18
N ASP D 406 -8.42 -40.18 10.12
CA ASP D 406 -9.60 -40.78 9.46
C ASP D 406 -9.35 -41.07 8.01
N SER D 407 -9.95 -42.14 7.48
CA SER D 407 -9.66 -42.50 6.11
C SER D 407 -10.65 -41.84 5.13
N ASP D 408 -10.64 -40.51 5.09
CA ASP D 408 -11.40 -39.80 4.08
C ASP D 408 -10.40 -39.27 3.11
N LEU D 409 -10.47 -39.67 1.86
CA LEU D 409 -9.48 -39.17 0.92
C LEU D 409 -9.89 -39.42 -0.48
N VAL D 410 -9.13 -38.87 -1.42
CA VAL D 410 -9.58 -38.74 -2.85
C VAL D 410 -8.43 -39.04 -3.83
N ILE D 411 -8.68 -39.85 -4.82
CA ILE D 411 -7.77 -39.95 -5.97
C ILE D 411 -8.20 -38.90 -6.99
N TRP D 412 -7.29 -37.97 -7.24
CA TRP D 412 -7.58 -36.75 -8.00
C TRP D 412 -6.88 -36.79 -9.36
N ASP D 413 -7.59 -36.41 -10.43
CA ASP D 413 -7.02 -36.34 -11.82
C ASP D 413 -6.77 -34.94 -12.31
N PRO D 414 -5.51 -34.50 -12.25
CA PRO D 414 -5.24 -33.14 -12.67
C PRO D 414 -5.48 -32.88 -14.14
N ASP D 415 -5.59 -33.93 -14.95
CA ASP D 415 -5.70 -33.76 -16.39
C ASP D 415 -7.13 -33.93 -16.86
N ALA D 416 -8.05 -34.21 -15.94
CA ALA D 416 -9.45 -34.35 -16.29
C ALA D 416 -10.01 -32.98 -16.64
N VAL D 417 -11.05 -32.99 -17.45
CA VAL D 417 -11.69 -31.75 -17.89
C VAL D 417 -13.17 -32.01 -17.94
N LYS D 418 -13.94 -31.18 -17.29
CA LYS D 418 -15.39 -31.37 -17.25
C LYS D 418 -16.07 -30.07 -17.57
N ILE D 419 -17.26 -30.16 -18.15
CA ILE D 419 -18.08 -28.98 -18.35
C ILE D 419 -19.10 -29.08 -17.26
N VAL D 420 -19.45 -27.96 -16.63
CA VAL D 420 -20.43 -27.99 -15.54
C VAL D 420 -21.80 -27.71 -16.13
N SER D 421 -22.81 -28.46 -15.76
CA SER D 421 -24.18 -28.11 -16.17
C SER D 421 -25.09 -28.62 -15.12
N ALA D 422 -26.23 -27.97 -14.95
CA ALA D 422 -27.24 -28.42 -13.98
C ALA D 422 -27.84 -29.76 -14.39
N LYS D 423 -27.78 -30.03 -15.70
CA LYS D 423 -28.26 -31.25 -16.24
C LYS D 423 -27.56 -32.39 -15.60
N ASN D 424 -26.29 -32.22 -15.33
CA ASN D 424 -25.52 -33.29 -14.74
C ASN D 424 -25.21 -33.16 -13.26
N HIS D 425 -25.58 -32.08 -12.61
CA HIS D 425 -25.15 -31.90 -11.23
C HIS D 425 -26.11 -32.58 -10.27
N GLN D 426 -25.59 -32.93 -9.11
CA GLN D 426 -26.39 -33.56 -8.07
C GLN D 426 -27.46 -32.65 -7.50
N SER D 427 -27.23 -31.35 -7.55
CA SER D 427 -28.17 -30.41 -6.96
C SER D 427 -29.56 -30.46 -7.56
N ALA D 428 -30.55 -30.25 -6.71
CA ALA D 428 -31.95 -30.28 -7.13
C ALA D 428 -32.31 -29.05 -7.96
N ALA D 429 -31.50 -28.01 -7.88
CA ALA D 429 -31.83 -26.78 -8.55
C ALA D 429 -31.74 -26.90 -10.06
N GLU D 430 -32.48 -26.08 -10.77
CA GLU D 430 -32.45 -26.15 -12.23
C GLU D 430 -31.35 -25.29 -12.81
N TYR D 431 -30.76 -24.43 -11.99
CA TYR D 431 -29.73 -23.57 -12.50
C TYR D 431 -28.43 -23.83 -11.79
N ASN D 432 -27.32 -23.63 -12.52
CA ASN D 432 -25.99 -23.72 -11.97
C ASN D 432 -25.29 -22.48 -12.40
N ILE D 433 -24.81 -21.67 -11.45
CA ILE D 433 -24.17 -20.41 -11.81
C ILE D 433 -22.86 -20.58 -12.59
N PHE D 434 -22.27 -21.78 -12.57
CA PHE D 434 -21.09 -22.09 -13.39
C PHE D 434 -21.42 -22.83 -14.69
N GLU D 435 -22.65 -22.65 -15.16
CA GLU D 435 -23.15 -23.39 -16.31
C GLU D 435 -22.26 -23.18 -17.52
N GLY D 436 -21.91 -24.27 -18.17
CA GLY D 436 -21.15 -24.23 -19.41
C GLY D 436 -19.67 -24.01 -19.20
N MET D 437 -19.24 -23.80 -17.97
CA MET D 437 -17.82 -23.60 -17.74
C MET D 437 -17.01 -24.90 -17.80
N GLU D 438 -15.80 -24.79 -18.34
CA GLU D 438 -14.96 -25.94 -18.48
C GLU D 438 -13.97 -25.92 -17.31
N LEU D 439 -13.90 -26.96 -16.50
CA LEU D 439 -12.94 -26.96 -15.43
C LEU D 439 -11.90 -28.08 -15.48
N ARG D 440 -10.65 -27.73 -15.33
CA ARG D 440 -9.59 -28.71 -15.27
C ARG D 440 -9.42 -29.24 -13.87
N GLY D 441 -9.39 -30.55 -13.69
CA GLY D 441 -9.15 -31.15 -12.39
C GLY D 441 -10.45 -31.66 -11.85
N ALA D 442 -10.49 -32.95 -11.56
CA ALA D 442 -11.73 -33.54 -11.02
C ALA D 442 -11.35 -34.82 -10.30
N PRO D 443 -12.20 -35.27 -9.38
CA PRO D 443 -11.87 -36.48 -8.61
C PRO D 443 -12.22 -37.70 -9.42
N LEU D 444 -11.50 -38.80 -9.24
CA LEU D 444 -11.87 -40.12 -9.84
C LEU D 444 -12.55 -41.02 -8.84
N VAL D 445 -11.97 -41.05 -7.63
CA VAL D 445 -12.38 -41.97 -6.60
C VAL D 445 -12.39 -41.22 -5.30
N VAL D 446 -13.43 -41.43 -4.52
CA VAL D 446 -13.60 -40.78 -3.24
C VAL D 446 -13.87 -41.82 -2.20
N ILE D 447 -13.07 -41.76 -1.16
CA ILE D 447 -13.19 -42.65 -0.03
C ILE D 447 -13.57 -41.78 1.13
N CYS D 448 -14.61 -42.17 1.81
CA CYS D 448 -15.04 -41.49 2.98
C CYS D 448 -15.27 -42.56 4.01
N GLN D 449 -14.76 -42.35 5.22
CA GLN D 449 -15.04 -43.26 6.29
C GLN D 449 -14.42 -44.61 5.99
N GLY D 450 -13.43 -44.61 5.11
CA GLY D 450 -12.84 -45.85 4.71
C GLY D 450 -13.62 -46.61 3.65
N LYS D 451 -14.72 -46.05 3.18
CA LYS D 451 -15.55 -46.72 2.17
C LYS D 451 -15.53 -46.01 0.82
N ILE D 452 -15.54 -46.76 -0.27
CA ILE D 452 -15.53 -46.14 -1.60
C ILE D 452 -16.90 -45.57 -1.92
N MET D 453 -16.99 -44.26 -2.01
CA MET D 453 -18.28 -43.62 -2.22
C MET D 453 -18.42 -43.04 -3.61
N LEU D 454 -17.32 -42.95 -4.35
CA LEU D 454 -17.45 -42.61 -5.74
C LEU D 454 -16.42 -43.42 -6.51
N GLU D 455 -16.86 -44.16 -7.53
CA GLU D 455 -15.92 -44.73 -8.48
C GLU D 455 -16.64 -44.98 -9.78
N ASP D 456 -15.91 -44.75 -10.88
CA ASP D 456 -16.46 -44.88 -12.24
C ASP D 456 -17.67 -44.01 -12.53
N GLY D 457 -17.77 -42.87 -11.84
CA GLY D 457 -18.92 -41.98 -12.03
C GLY D 457 -20.20 -42.43 -11.32
N ASN D 458 -20.06 -43.39 -10.39
CA ASN D 458 -21.20 -43.86 -9.60
C ASN D 458 -20.98 -43.52 -8.16
N LEU D 459 -22.00 -42.92 -7.54
CA LEU D 459 -21.93 -42.67 -6.11
C LEU D 459 -22.47 -43.86 -5.36
N HIS D 460 -21.82 -44.22 -4.26
CA HIS D 460 -22.26 -45.32 -3.43
C HIS D 460 -22.38 -44.79 -2.01
N VAL D 461 -23.51 -44.16 -1.70
CA VAL D 461 -23.72 -43.51 -0.41
C VAL D 461 -24.85 -44.17 0.41
N THR D 462 -24.92 -43.78 1.67
CA THR D 462 -25.86 -44.25 2.61
C THR D 462 -26.27 -43.06 3.43
N GLN D 463 -27.56 -42.90 3.53
CA GLN D 463 -28.13 -41.82 4.26
C GLN D 463 -27.96 -41.97 5.78
N GLY D 464 -27.33 -40.97 6.39
CA GLY D 464 -27.22 -40.90 7.85
C GLY D 464 -25.94 -41.51 8.38
N ALA D 465 -25.17 -42.09 7.46
CA ALA D 465 -23.88 -42.64 7.77
C ALA D 465 -22.96 -41.59 8.38
N GLY D 466 -23.09 -40.34 7.97
CA GLY D 466 -22.29 -39.29 8.54
C GLY D 466 -22.36 -39.19 10.06
N ARG D 467 -21.22 -38.89 10.68
CA ARG D 467 -21.14 -38.61 12.11
C ARG D 467 -20.92 -37.13 12.34
N PHE D 468 -21.54 -36.62 13.40
CA PHE D 468 -21.21 -35.34 13.96
C PHE D 468 -19.83 -35.37 14.63
N ILE D 469 -18.94 -34.48 14.21
CA ILE D 469 -17.63 -34.42 14.78
C ILE D 469 -17.61 -33.29 15.78
N PRO D 470 -17.45 -33.60 17.09
CA PRO D 470 -17.41 -32.47 18.03
C PRO D 470 -16.10 -31.71 17.89
N CYS D 471 -16.19 -30.37 17.98
CA CYS D 471 -15.07 -29.49 17.74
C CYS D 471 -14.76 -28.76 19.05
N SER D 472 -13.63 -29.09 19.64
CA SER D 472 -13.26 -28.45 20.89
C SER D 472 -12.82 -27.00 20.62
N PRO D 473 -12.92 -26.14 21.64
CA PRO D 473 -12.42 -24.79 21.52
C PRO D 473 -10.92 -24.70 21.68
N PHE D 474 -10.40 -23.48 21.61
CA PHE D 474 -8.96 -23.21 21.83
C PHE D 474 -8.03 -24.00 20.90
N SER D 475 -8.29 -23.96 19.60
CA SER D 475 -7.39 -24.69 18.74
C SER D 475 -6.07 -23.96 18.81
N ASP D 476 -4.99 -24.69 18.87
CA ASP D 476 -3.71 -24.08 18.97
C ASP D 476 -3.47 -23.12 17.83
N TYR D 477 -3.85 -23.54 16.62
CA TYR D 477 -3.60 -22.73 15.43
C TYR D 477 -4.15 -21.33 15.61
N VAL D 478 -5.32 -21.21 16.21
CA VAL D 478 -5.95 -19.91 16.40
C VAL D 478 -5.54 -19.19 17.68
N TYR D 479 -5.44 -19.93 18.79
CA TYR D 479 -5.41 -19.33 20.15
C TYR D 479 -4.09 -19.19 20.86
N LYS D 480 -3.04 -19.82 20.38
CA LYS D 480 -1.73 -19.68 21.06
C LYS D 480 -1.26 -18.23 21.09
N ARG D 481 -1.47 -17.46 20.03
CA ARG D 481 -1.07 -16.05 20.02
C ARG D 481 -1.99 -15.20 20.85
N ILE D 482 -3.24 -15.55 20.89
CA ILE D 482 -4.17 -14.88 21.75
C ILE D 482 -3.78 -15.07 23.25
N LYS D 483 -3.48 -16.30 23.62
CA LYS D 483 -3.12 -16.58 25.00
C LYS D 483 -1.86 -15.83 25.38
N ALA D 484 -0.91 -15.77 24.47
CA ALA D 484 0.35 -15.03 24.74
C ALA D 484 0.09 -13.54 24.95
N ARG D 485 -0.89 -13.00 24.22
CA ARG D 485 -1.22 -11.58 24.34
C ARG D 485 -1.97 -11.26 25.62
N ARG D 486 -2.82 -12.15 26.10
CA ARG D 486 -3.51 -11.91 27.39
C ARG D 486 -2.47 -11.81 28.47
N LYS D 487 -1.66 -12.87 28.52
CA LYS D 487 -0.67 -13.15 29.54
C LYS D 487 0.47 -12.18 29.48
N MET D 488 0.57 -11.52 28.35
CA MET D 488 1.57 -10.51 28.15
C MET D 488 1.12 -9.20 28.72
N ALA D 489 -0.18 -9.04 28.91
CA ALA D 489 -0.68 -7.75 29.34
C ALA D 489 -0.41 -7.48 30.81
N ASP D 490 0.27 -6.36 31.08
CA ASP D 490 0.50 -5.89 32.42
C ASP D 490 0.16 -4.41 32.47
N LEU D 491 -1.14 -4.13 32.57
CA LEU D 491 -1.62 -2.77 32.63
C LEU D 491 -1.84 -2.34 34.08
N HIS D 492 -1.06 -1.36 34.52
CA HIS D 492 -1.13 -0.86 35.89
C HIS D 492 -0.96 0.66 35.85
N ALA D 493 -1.39 1.36 36.91
CA ALA D 493 -1.37 2.83 36.93
C ALA D 493 0.03 3.44 37.13
N VAL D 494 0.23 4.64 36.57
CA VAL D 494 1.50 5.33 36.73
C VAL D 494 1.59 5.86 38.15
N PRO D 495 2.59 5.38 38.96
CA PRO D 495 2.53 5.90 40.33
C PRO D 495 2.79 7.36 40.29
N ARG D 496 1.97 8.14 40.97
CA ARG D 496 2.06 9.61 40.85
C ARG D 496 1.72 10.26 42.17
C1 EDO E . 28.00 -16.52 -20.60
O1 EDO E . 27.85 -17.97 -20.78
C2 EDO E . 28.46 -15.81 -21.91
O2 EDO E . 29.52 -14.85 -21.68
NA NA F . -25.65 -40.27 11.23
#